data_8IQE
#
_entry.id   8IQE
#
_cell.length_a   232.876
_cell.length_b   232.876
_cell.length_c   102.270
_cell.angle_alpha   90.000
_cell.angle_beta   90.000
_cell.angle_gamma   120.000
#
_symmetry.space_group_name_H-M   'P 63'
#
loop_
_entity.id
_entity.type
_entity.pdbx_description
1 polymer 'K2-VCL6 TSP'
2 non-polymer GLYCEROL
3 water water
#
_entity_poly.entity_id   1
_entity_poly.type   'polypeptide(L)'
_entity_poly.pdbx_seq_one_letter_code
;MALVDLVRAGGYSVEYPQFSSMAKLKAFPHSEDGQLVRLLSWHEGVGLGGGLFKVSTSSTATGNDGTVVVASNGVRLLRV
VNGPIWADMFGALPNSDIDSMPAVAAAYAYAASVNTDLYIGVATYKFKGSTPINVDPSRAGIIGYQGKVRIDCSEFTGSI
VFSINSSYSYTPAAYYNNLSPALQGLYVFGAKTSGVDGLLVGRETVGSDKSYNGQTEVRECTFDKFDRNIRMGHNSWRFV
FYKVNSLNALSPNGILYVPAGLDDSGEILSFYHCQFFDGAGSNIRLSCSSYTMVFNTCSFLNITFFVDSASSATVTCNGC
NFENPGSASTRRYVDISAGHTNVFNIIGGSIVTNSNPGQTQALLYVSTDNLLNLVGVTAPYGGHYQQEQELGYHAFIGGA
GTVTTSGVMLQLRNGAGTCPLHSSLSTFSNWNFGYGNLNAWTVDKGTGTSSVVEYLANAGPKGTEGAMRVAPVSVGTNVS
QVQAVTNPGMFSMSCMVNIATTPGNAGQVSIGFLDAAGNSLPGGVSANLGTTTGWQVIGKNTLRGKVPIGAKQVRVNIQT
VAGADVKYAYLLCNVVKPLEHHHHHH
;
_entity_poly.pdbx_strand_id   A,B,C,D
#
loop_
_chem_comp.id
_chem_comp.type
_chem_comp.name
_chem_comp.formula
GOL non-polymer GLYCEROL 'C3 H8 O3'
#
# COMPACT_ATOMS: atom_id res chain seq x y z
N TYR A 12 6.30 16.31 -71.48
CA TYR A 12 5.02 16.80 -70.99
C TYR A 12 4.19 15.66 -70.41
N SER A 13 4.85 14.55 -70.10
CA SER A 13 4.19 13.37 -69.57
C SER A 13 4.60 13.13 -68.11
N VAL A 14 3.71 12.50 -67.36
CA VAL A 14 3.92 12.24 -65.93
C VAL A 14 3.45 10.82 -65.60
N GLU A 15 4.05 10.24 -64.58
CA GLU A 15 3.68 8.88 -64.16
C GLU A 15 2.38 8.86 -63.37
N TYR A 16 2.13 9.88 -62.55
CA TYR A 16 0.89 10.01 -61.80
C TYR A 16 0.19 11.30 -62.18
N PRO A 17 -1.15 11.34 -62.10
CA PRO A 17 -1.83 12.63 -62.24
C PRO A 17 -1.35 13.59 -61.15
N GLN A 18 -1.08 14.83 -61.57
CA GLN A 18 -0.44 15.81 -60.70
C GLN A 18 -1.39 16.99 -60.46
N PHE A 19 -1.40 17.47 -59.22
CA PHE A 19 -2.18 18.64 -58.83
C PHE A 19 -1.26 19.62 -58.12
N SER A 20 -1.33 20.89 -58.51
CA SER A 20 -0.37 21.88 -58.05
C SER A 20 -0.68 22.42 -56.66
N SER A 21 -1.87 22.16 -56.13
CA SER A 21 -2.23 22.69 -54.81
C SER A 21 -3.31 21.83 -54.20
N MET A 22 -3.46 21.95 -52.88
CA MET A 22 -4.54 21.25 -52.18
C MET A 22 -5.90 21.67 -52.72
N ALA A 23 -6.06 22.96 -53.04
CA ALA A 23 -7.32 23.44 -53.58
C ALA A 23 -7.64 22.76 -54.91
N LYS A 24 -6.65 22.63 -55.78
CA LYS A 24 -6.87 21.93 -57.05
C LYS A 24 -7.17 20.46 -56.82
N LEU A 25 -6.47 19.83 -55.87
CA LEU A 25 -6.71 18.43 -55.57
C LEU A 25 -8.14 18.20 -55.09
N LYS A 26 -8.64 19.10 -54.26
CA LYS A 26 -9.99 18.95 -53.71
C LYS A 26 -11.05 19.23 -54.77
N ALA A 27 -10.77 20.12 -55.71
CA ALA A 27 -11.77 20.51 -56.70
C ALA A 27 -11.99 19.42 -57.76
N PHE A 28 -10.98 18.60 -58.03
CA PHE A 28 -11.11 17.58 -59.06
C PHE A 28 -12.11 16.51 -58.65
N PRO A 29 -12.93 16.01 -59.59
CA PRO A 29 -13.90 14.94 -59.26
C PRO A 29 -13.29 13.54 -59.29
N HIS A 30 -12.52 13.22 -58.25
CA HIS A 30 -11.90 11.90 -58.14
C HIS A 30 -12.96 10.82 -57.99
N SER A 31 -12.85 9.75 -58.77
CA SER A 31 -13.85 8.69 -58.74
C SER A 31 -13.29 7.28 -58.75
N GLU A 32 -12.02 7.08 -59.10
CA GLU A 32 -11.48 5.73 -59.25
C GLU A 32 -10.82 5.30 -57.95
N ASP A 33 -11.45 4.35 -57.25
CA ASP A 33 -10.92 3.86 -56.00
C ASP A 33 -9.54 3.23 -56.21
N GLY A 34 -8.61 3.57 -55.33
CA GLY A 34 -7.26 3.05 -55.40
C GLY A 34 -6.30 3.81 -56.28
N GLN A 35 -6.77 4.78 -57.06
CA GLN A 35 -5.88 5.53 -57.94
C GLN A 35 -4.89 6.35 -57.14
N LEU A 36 -3.64 6.35 -57.59
CA LEU A 36 -2.57 7.13 -56.98
C LEU A 36 -2.42 8.45 -57.72
N VAL A 37 -2.51 9.56 -56.98
CA VAL A 37 -2.33 10.89 -57.53
C VAL A 37 -1.23 11.59 -56.75
N ARG A 38 -0.59 12.56 -57.40
CA ARG A 38 0.50 13.31 -56.80
C ARG A 38 0.09 14.75 -56.53
N LEU A 39 0.28 15.18 -55.29
CA LEU A 39 0.14 16.58 -54.91
C LEU A 39 1.52 17.22 -54.92
N LEU A 40 1.71 18.23 -55.78
CA LEU A 40 3.02 18.87 -55.87
C LEU A 40 3.34 19.67 -54.61
N SER A 41 2.36 20.39 -54.08
CA SER A 41 2.55 21.23 -52.90
C SER A 41 1.19 21.51 -52.28
N TRP A 42 1.17 21.73 -50.98
CA TRP A 42 -0.08 22.13 -50.33
C TRP A 42 -0.54 23.49 -50.84
N HIS A 43 0.35 24.48 -50.79
CA HIS A 43 0.11 25.77 -51.41
C HIS A 43 0.83 25.83 -52.75
N GLU A 44 0.13 26.35 -53.76
CA GLU A 44 0.67 26.36 -55.13
C GLU A 44 2.00 27.09 -55.21
N GLY A 45 3.00 26.44 -55.80
CA GLY A 45 4.29 27.04 -56.05
C GLY A 45 5.26 26.97 -54.90
N VAL A 46 4.80 26.63 -53.69
CA VAL A 46 5.66 26.67 -52.52
C VAL A 46 6.63 25.50 -52.53
N GLY A 47 6.22 24.36 -53.10
CA GLY A 47 7.06 23.19 -53.10
C GLY A 47 7.21 22.52 -51.75
N LEU A 48 6.19 22.64 -50.89
CA LEU A 48 6.19 21.99 -49.58
C LEU A 48 4.85 21.31 -49.34
N GLY A 49 4.90 20.22 -48.59
CA GLY A 49 3.70 19.52 -48.17
C GLY A 49 3.09 18.58 -49.18
N GLY A 50 3.71 18.41 -50.34
CA GLY A 50 3.19 17.52 -51.35
C GLY A 50 3.42 16.06 -51.02
N GLY A 51 2.97 15.20 -51.94
CA GLY A 51 3.13 13.78 -51.75
C GLY A 51 2.15 13.00 -52.61
N LEU A 52 2.18 11.68 -52.43
CA LEU A 52 1.28 10.78 -53.13
C LEU A 52 0.03 10.55 -52.32
N PHE A 53 -1.12 10.49 -53.01
CA PHE A 53 -2.41 10.25 -52.38
C PHE A 53 -3.12 9.10 -53.09
N LYS A 54 -3.83 8.28 -52.33
CA LYS A 54 -4.63 7.18 -52.86
C LYS A 54 -6.10 7.51 -52.72
N VAL A 55 -6.83 7.44 -53.84
CA VAL A 55 -8.27 7.70 -53.83
C VAL A 55 -8.99 6.55 -53.13
N SER A 56 -9.90 6.88 -52.21
CA SER A 56 -10.68 5.89 -51.48
C SER A 56 -12.15 6.27 -51.48
N THR A 57 -12.99 5.41 -52.06
CA THR A 57 -14.44 5.56 -51.98
C THR A 57 -15.03 4.90 -50.75
N SER A 58 -14.29 4.00 -50.11
CA SER A 58 -14.77 3.26 -48.94
C SER A 58 -14.43 3.92 -47.61
N SER A 59 -13.49 4.86 -47.59
CA SER A 59 -12.98 5.39 -46.34
C SER A 59 -14.05 6.19 -45.60
N THR A 60 -14.12 5.98 -44.29
CA THR A 60 -15.00 6.75 -43.41
C THR A 60 -14.21 7.66 -42.48
N ALA A 61 -12.93 7.87 -42.75
CA ALA A 61 -12.10 8.70 -41.89
C ALA A 61 -12.50 10.16 -41.98
N THR A 62 -12.36 10.87 -40.86
CA THR A 62 -12.67 12.29 -40.82
C THR A 62 -11.62 13.07 -41.60
N GLY A 63 -12.07 13.96 -42.48
CA GLY A 63 -11.13 14.77 -43.24
C GLY A 63 -10.39 15.76 -42.37
N ASN A 64 -9.11 15.97 -42.68
CA ASN A 64 -8.29 16.93 -41.95
C ASN A 64 -7.47 17.85 -42.85
N ASP A 65 -7.67 17.79 -44.17
CA ASP A 65 -6.94 18.64 -45.11
C ASP A 65 -5.43 18.42 -45.06
N GLY A 66 -5.01 17.24 -44.63
CA GLY A 66 -3.59 16.94 -44.56
C GLY A 66 -3.28 15.51 -44.96
N THR A 67 -3.63 14.56 -44.09
CA THR A 67 -3.49 13.14 -44.39
C THR A 67 -4.77 12.50 -44.91
N VAL A 68 -5.92 13.03 -44.53
CA VAL A 68 -7.21 12.57 -45.04
C VAL A 68 -7.86 13.78 -45.70
N VAL A 69 -7.97 13.74 -47.03
CA VAL A 69 -8.53 14.84 -47.81
C VAL A 69 -9.89 14.41 -48.33
N VAL A 70 -10.89 15.27 -48.13
CA VAL A 70 -12.24 15.07 -48.67
C VAL A 70 -12.40 16.00 -49.86
N ALA A 71 -12.53 15.43 -51.04
CA ALA A 71 -12.72 16.24 -52.24
C ALA A 71 -14.11 16.88 -52.21
N SER A 72 -14.33 17.82 -53.15
CA SER A 72 -15.60 18.52 -53.20
C SER A 72 -16.77 17.58 -53.44
N ASN A 73 -16.54 16.46 -54.13
CA ASN A 73 -17.60 15.49 -54.37
C ASN A 73 -17.75 14.49 -53.23
N GLY A 74 -17.00 14.65 -52.14
CA GLY A 74 -17.08 13.76 -50.99
C GLY A 74 -16.13 12.58 -51.02
N VAL A 75 -15.42 12.35 -52.13
CA VAL A 75 -14.48 11.24 -52.21
C VAL A 75 -13.24 11.55 -51.39
N ARG A 76 -12.76 10.57 -50.64
CA ARG A 76 -11.60 10.72 -49.78
C ARG A 76 -10.31 10.42 -50.53
N LEU A 77 -9.26 11.16 -50.17
CA LEU A 77 -7.90 10.92 -50.66
C LEU A 77 -6.98 10.75 -49.48
N LEU A 78 -6.28 9.62 -49.42
CA LEU A 78 -5.46 9.25 -48.27
C LEU A 78 -3.98 9.40 -48.61
N ARG A 79 -3.26 10.19 -47.82
CA ARG A 79 -1.85 10.45 -48.06
C ARG A 79 -1.01 9.21 -47.78
N VAL A 80 -0.10 8.88 -48.70
CA VAL A 80 0.90 7.85 -48.47
C VAL A 80 2.08 8.50 -47.76
N VAL A 81 2.16 8.30 -46.45
CA VAL A 81 3.17 8.94 -45.60
C VAL A 81 4.10 7.86 -45.04
N ASN A 82 5.40 8.02 -45.27
CA ASN A 82 6.42 7.16 -44.66
C ASN A 82 7.33 8.00 -43.78
N GLY A 83 7.11 7.91 -42.47
CA GLY A 83 7.92 8.63 -41.51
C GLY A 83 7.06 9.56 -40.68
N PRO A 84 7.66 10.58 -40.10
CA PRO A 84 6.90 11.48 -39.23
C PRO A 84 5.99 12.38 -40.04
N ILE A 85 5.02 12.95 -39.34
CA ILE A 85 4.11 13.93 -39.93
C ILE A 85 4.81 15.28 -39.95
N TRP A 86 4.63 16.03 -41.03
CA TRP A 86 5.17 17.38 -41.13
C TRP A 86 4.02 18.37 -41.17
N ALA A 87 4.23 19.52 -40.53
CA ALA A 87 3.18 20.53 -40.44
C ALA A 87 2.83 21.10 -41.81
N ASP A 88 3.77 21.12 -42.74
CA ASP A 88 3.47 21.64 -44.08
C ASP A 88 2.52 20.71 -44.84
N MET A 89 2.38 19.46 -44.41
CA MET A 89 1.37 18.58 -44.99
C MET A 89 -0.04 19.07 -44.70
N PHE A 90 -0.21 19.91 -43.68
CA PHE A 90 -1.50 20.46 -43.31
C PHE A 90 -1.64 21.93 -43.67
N GLY A 91 -0.73 22.45 -44.49
CA GLY A 91 -0.80 23.81 -44.97
C GLY A 91 0.04 24.83 -44.22
N ALA A 92 0.89 24.41 -43.30
CA ALA A 92 1.77 25.35 -42.62
C ALA A 92 2.77 25.94 -43.60
N LEU A 93 3.00 27.25 -43.50
CA LEU A 93 3.87 28.01 -44.38
C LEU A 93 5.03 28.63 -43.61
N PRO A 94 6.27 28.44 -44.06
CA PRO A 94 7.41 29.05 -43.37
C PRO A 94 7.43 30.56 -43.51
N ASN A 95 7.82 31.24 -42.43
CA ASN A 95 8.09 32.69 -42.44
C ASN A 95 6.90 33.48 -42.99
N SER A 96 5.72 33.21 -42.45
CA SER A 96 4.51 33.89 -42.91
C SER A 96 3.92 34.67 -41.76
N ASP A 97 3.24 35.77 -42.11
CA ASP A 97 2.52 36.56 -41.11
C ASP A 97 1.18 35.95 -40.74
N ILE A 98 0.73 34.93 -41.46
CA ILE A 98 -0.54 34.29 -41.16
C ILE A 98 -0.35 33.36 -39.96
N ASP A 99 -1.38 33.28 -39.13
CA ASP A 99 -1.36 32.40 -37.96
C ASP A 99 -1.15 30.95 -38.39
N SER A 100 -0.08 30.34 -37.86
CA SER A 100 0.25 28.95 -38.15
C SER A 100 -0.26 27.98 -37.10
N MET A 101 -0.78 28.46 -35.98
CA MET A 101 -1.23 27.56 -34.92
C MET A 101 -2.35 26.63 -35.36
N PRO A 102 -3.37 27.07 -36.12
CA PRO A 102 -4.38 26.09 -36.59
C PRO A 102 -3.78 24.92 -37.35
N ALA A 103 -2.85 25.19 -38.27
CA ALA A 103 -2.26 24.11 -39.06
C ALA A 103 -1.42 23.18 -38.19
N VAL A 104 -0.63 23.73 -37.28
CA VAL A 104 0.19 22.90 -36.40
C VAL A 104 -0.70 22.10 -35.45
N ALA A 105 -1.75 22.73 -34.91
CA ALA A 105 -2.66 22.01 -34.03
C ALA A 105 -3.36 20.86 -34.74
N ALA A 106 -3.83 21.10 -35.97
CA ALA A 106 -4.47 20.02 -36.72
C ALA A 106 -3.47 18.93 -37.07
N ALA A 107 -2.27 19.30 -37.52
CA ALA A 107 -1.24 18.32 -37.81
C ALA A 107 -0.89 17.50 -36.58
N TYR A 108 -0.74 18.15 -35.43
CA TYR A 108 -0.40 17.40 -34.22
C TYR A 108 -1.54 16.48 -33.81
N ALA A 109 -2.79 16.95 -33.93
CA ALA A 109 -3.93 16.11 -33.58
C ALA A 109 -3.93 14.81 -34.37
N TYR A 110 -3.67 14.89 -35.68
CA TYR A 110 -3.57 13.66 -36.46
C TYR A 110 -2.36 12.84 -36.03
N ALA A 111 -1.21 13.49 -35.88
CA ALA A 111 0.02 12.80 -35.50
C ALA A 111 -0.18 11.99 -34.22
N ALA A 112 -0.80 12.60 -33.22
CA ALA A 112 -1.04 11.90 -31.96
C ALA A 112 -1.99 10.72 -32.16
N SER A 113 -2.98 10.88 -33.04
CA SER A 113 -3.93 9.81 -33.32
C SER A 113 -3.24 8.57 -33.89
N VAL A 114 -2.09 8.72 -34.55
CA VAL A 114 -1.37 7.60 -35.13
C VAL A 114 -0.04 7.35 -34.41
N ASN A 115 0.12 7.88 -33.19
CA ASN A 115 1.31 7.64 -32.37
C ASN A 115 2.61 7.98 -33.11
N THR A 116 2.57 9.08 -33.86
CA THR A 116 3.71 9.50 -34.67
C THR A 116 4.07 10.94 -34.36
N ASP A 117 5.36 11.23 -34.30
CA ASP A 117 5.81 12.58 -33.99
C ASP A 117 5.49 13.55 -35.13
N LEU A 118 5.31 14.82 -34.77
CA LEU A 118 5.10 15.90 -35.72
C LEU A 118 6.39 16.68 -35.90
N TYR A 119 6.86 16.79 -37.14
CA TYR A 119 8.02 17.59 -37.47
C TYR A 119 7.58 18.92 -38.06
N ILE A 120 8.37 19.96 -37.81
CA ILE A 120 8.12 21.30 -38.33
C ILE A 120 9.39 21.77 -39.03
N GLY A 121 9.25 22.25 -40.26
CA GLY A 121 10.40 22.67 -41.03
C GLY A 121 11.03 23.94 -40.49
N VAL A 122 12.32 24.11 -40.82
CA VAL A 122 13.11 25.24 -40.34
C VAL A 122 12.50 26.54 -40.82
N ALA A 123 12.02 27.35 -39.86
CA ALA A 123 11.45 28.67 -40.14
C ALA A 123 10.95 29.35 -38.88
N THR A 124 10.40 30.55 -39.04
CA THR A 124 9.68 31.23 -37.97
C THR A 124 8.18 31.14 -38.25
N TYR A 125 7.42 30.81 -37.22
CA TYR A 125 5.97 30.69 -37.32
C TYR A 125 5.31 31.60 -36.29
N LYS A 126 4.16 32.14 -36.67
CA LYS A 126 3.38 32.99 -35.77
C LYS A 126 2.24 32.18 -35.17
N PHE A 127 2.12 32.23 -33.85
CA PHE A 127 1.02 31.61 -33.12
C PHE A 127 0.13 32.72 -32.60
N LYS A 128 -1.12 32.74 -33.08
CA LYS A 128 -2.09 33.75 -32.69
C LYS A 128 -3.29 33.06 -32.03
N GLY A 129 -4.33 33.83 -31.78
CA GLY A 129 -5.48 33.24 -31.14
C GLY A 129 -5.24 33.01 -29.64
N SER A 130 -6.08 32.15 -29.06
CA SER A 130 -5.99 31.86 -27.64
C SER A 130 -6.17 30.38 -27.32
N THR A 131 -6.01 29.49 -28.32
CA THR A 131 -6.25 28.07 -28.12
C THR A 131 -4.93 27.35 -27.90
N PRO A 132 -4.69 26.78 -26.73
CA PRO A 132 -3.43 26.07 -26.50
C PRO A 132 -3.34 24.78 -27.31
N ILE A 133 -2.11 24.33 -27.51
CA ILE A 133 -1.85 23.00 -28.04
C ILE A 133 -1.46 22.13 -26.85
N ASN A 134 -2.21 21.05 -26.64
CA ASN A 134 -1.95 20.12 -25.54
C ASN A 134 -1.21 18.91 -26.11
N VAL A 135 0.06 18.79 -25.74
CA VAL A 135 0.89 17.68 -26.22
C VAL A 135 0.64 16.46 -25.34
N ASP A 136 0.35 15.33 -25.97
CA ASP A 136 0.19 14.06 -25.26
C ASP A 136 1.49 13.28 -25.39
N PRO A 137 2.33 13.24 -24.36
CA PRO A 137 3.65 12.60 -24.50
C PRO A 137 3.59 11.09 -24.71
N SER A 138 2.44 10.47 -24.43
CA SER A 138 2.27 9.05 -24.70
C SER A 138 1.94 8.76 -26.15
N ARG A 139 1.68 9.79 -26.96
CA ARG A 139 1.25 9.60 -28.34
C ARG A 139 2.16 10.29 -29.34
N ALA A 140 2.48 11.56 -29.15
CA ALA A 140 3.26 12.27 -30.15
C ALA A 140 3.92 13.50 -29.55
N GLY A 141 5.09 13.84 -30.10
CA GLY A 141 5.77 15.08 -29.79
C GLY A 141 5.85 16.01 -30.99
N ILE A 142 6.25 17.24 -30.71
CA ILE A 142 6.46 18.26 -31.74
C ILE A 142 7.96 18.52 -31.83
N ILE A 143 8.53 18.31 -33.02
CA ILE A 143 9.97 18.31 -33.21
C ILE A 143 10.33 19.40 -34.21
N GLY A 144 11.13 20.36 -33.77
CA GLY A 144 11.69 21.35 -34.67
C GLY A 144 12.83 20.75 -35.47
N TYR A 145 12.78 20.89 -36.80
CA TYR A 145 13.77 20.24 -37.64
C TYR A 145 15.11 20.95 -37.52
N GLN A 146 16.12 20.18 -37.10
CA GLN A 146 17.48 20.67 -36.88
C GLN A 146 17.56 21.66 -35.73
N GLY A 147 16.52 21.68 -34.89
CA GLY A 147 16.49 22.58 -33.75
C GLY A 147 16.30 24.04 -34.10
N LYS A 148 16.03 24.37 -35.36
CA LYS A 148 15.93 25.78 -35.73
C LYS A 148 14.51 26.20 -36.08
N VAL A 149 13.53 25.88 -35.24
CA VAL A 149 12.17 26.36 -35.41
C VAL A 149 11.91 27.46 -34.38
N ARG A 150 11.39 28.58 -34.84
CA ARG A 150 11.07 29.71 -33.97
C ARG A 150 9.57 29.93 -34.01
N ILE A 151 8.96 30.03 -32.82
CA ILE A 151 7.52 30.21 -32.71
C ILE A 151 7.26 31.55 -32.03
N ASP A 152 6.78 32.51 -32.82
CA ASP A 152 6.50 33.86 -32.35
C ASP A 152 5.07 33.88 -31.79
N CYS A 153 4.95 33.96 -30.47
CA CYS A 153 3.65 33.99 -29.80
C CYS A 153 3.32 35.38 -29.27
N SER A 154 3.93 36.42 -29.85
CA SER A 154 3.69 37.78 -29.38
C SER A 154 2.22 38.17 -29.41
N GLU A 155 1.45 37.61 -30.34
CA GLU A 155 0.03 37.94 -30.47
C GLU A 155 -0.88 36.89 -29.85
N PHE A 156 -0.32 35.85 -29.24
CA PHE A 156 -1.11 34.83 -28.56
C PHE A 156 -1.66 35.38 -27.25
N THR A 157 -2.95 35.16 -27.00
CA THR A 157 -3.62 35.69 -25.81
C THR A 157 -4.16 34.61 -24.88
N GLY A 158 -3.88 33.34 -25.15
CA GLY A 158 -4.39 32.28 -24.29
C GLY A 158 -3.62 32.16 -22.98
N SER A 159 -4.17 31.31 -22.10
CA SER A 159 -3.56 31.11 -20.78
C SER A 159 -2.19 30.47 -20.90
N ILE A 160 -2.06 29.48 -21.80
CA ILE A 160 -0.80 28.77 -22.01
C ILE A 160 -0.66 28.48 -23.51
N VAL A 161 0.58 28.52 -23.98
CA VAL A 161 0.85 28.12 -25.36
C VAL A 161 0.85 26.60 -25.49
N PHE A 162 1.66 25.93 -24.68
CA PHE A 162 1.81 24.48 -24.72
C PHE A 162 1.52 23.90 -23.35
N SER A 163 0.82 22.78 -23.34
CA SER A 163 0.74 21.92 -22.16
C SER A 163 1.20 20.52 -22.56
N ILE A 164 1.80 19.81 -21.61
CA ILE A 164 2.26 18.44 -21.82
C ILE A 164 1.63 17.58 -20.73
N ASN A 165 0.76 16.65 -21.12
CA ASN A 165 0.08 15.79 -20.15
C ASN A 165 -0.40 14.56 -20.89
N SER A 166 -0.19 13.40 -20.29
CA SER A 166 -0.59 12.14 -20.89
C SER A 166 -2.10 11.91 -20.73
N SER A 167 -2.66 11.20 -21.70
CA SER A 167 -4.06 10.82 -21.69
C SER A 167 -4.31 9.48 -21.00
N TYR A 168 -3.25 8.84 -20.49
CA TYR A 168 -3.36 7.52 -19.86
C TYR A 168 -2.98 7.61 -18.39
N SER A 169 -3.54 6.69 -17.62
CA SER A 169 -3.21 6.57 -16.20
C SER A 169 -2.03 5.65 -15.95
N TYR A 170 -1.81 4.66 -16.82
CA TYR A 170 -0.66 3.77 -16.69
C TYR A 170 -0.13 3.38 -18.07
N THR A 171 -0.66 2.32 -18.65
CA THR A 171 -0.17 1.95 -19.97
C THR A 171 -1.07 2.52 -21.06
N PRO A 172 -0.53 2.76 -22.27
CA PRO A 172 0.85 2.52 -22.70
C PRO A 172 1.83 3.64 -22.37
N ALA A 173 1.41 4.60 -21.53
CA ALA A 173 2.30 5.71 -21.18
C ALA A 173 3.60 5.20 -20.55
N ALA A 174 3.51 4.14 -19.74
CA ALA A 174 4.70 3.53 -19.16
C ALA A 174 5.61 2.90 -20.20
N TYR A 175 5.12 2.70 -21.43
CA TYR A 175 5.95 2.19 -22.52
C TYR A 175 6.38 3.27 -23.50
N TYR A 176 5.62 4.35 -23.63
CA TYR A 176 5.73 5.25 -24.78
C TYR A 176 6.33 6.61 -24.47
N ASN A 177 6.14 7.15 -23.26
CA ASN A 177 6.55 8.52 -22.97
C ASN A 177 8.01 8.76 -23.32
N ASN A 178 8.87 7.77 -23.04
CA ASN A 178 10.31 7.92 -23.20
C ASN A 178 10.80 7.72 -24.62
N LEU A 179 9.95 7.23 -25.53
CA LEU A 179 10.43 6.83 -26.84
C LEU A 179 10.81 8.04 -27.70
N SER A 180 10.12 9.16 -27.53
CA SER A 180 10.45 10.37 -28.27
C SER A 180 10.19 11.57 -27.38
N PRO A 181 10.83 12.71 -27.66
CA PRO A 181 10.55 13.91 -26.87
C PRO A 181 9.14 14.42 -27.10
N ALA A 182 8.60 15.11 -26.08
CA ALA A 182 7.33 15.80 -26.23
C ALA A 182 7.49 17.09 -27.01
N LEU A 183 8.58 17.83 -26.75
CA LEU A 183 8.89 19.07 -27.45
C LEU A 183 10.38 19.11 -27.70
N GLN A 184 10.80 19.44 -28.93
CA GLN A 184 12.22 19.52 -29.23
C GLN A 184 12.47 20.58 -30.30
N GLY A 185 13.54 21.34 -30.11
CA GLY A 185 14.02 22.24 -31.14
C GLY A 185 13.17 23.46 -31.39
N LEU A 186 12.49 23.98 -30.38
CA LEU A 186 11.54 25.08 -30.55
C LEU A 186 12.01 26.26 -29.71
N TYR A 187 12.20 27.40 -30.36
CA TYR A 187 12.42 28.68 -29.67
C TYR A 187 11.07 29.37 -29.61
N VAL A 188 10.46 29.38 -28.43
CA VAL A 188 9.11 29.89 -28.23
C VAL A 188 9.22 31.18 -27.42
N PHE A 189 8.71 32.27 -27.98
CA PHE A 189 8.79 33.55 -27.28
C PHE A 189 7.46 34.28 -27.39
N GLY A 190 7.19 35.11 -26.38
CA GLY A 190 6.00 35.93 -26.34
C GLY A 190 6.34 37.40 -26.27
N ALA A 191 5.43 38.22 -25.74
CA ALA A 191 5.67 39.64 -25.60
C ALA A 191 5.37 40.12 -24.19
N LYS A 192 5.62 39.27 -23.19
CA LYS A 192 5.41 39.61 -21.78
C LYS A 192 3.97 40.05 -21.50
N THR A 193 3.02 39.47 -22.23
CA THR A 193 1.62 39.75 -21.97
C THR A 193 1.19 39.08 -20.66
N SER A 194 0.53 39.86 -19.80
CA SER A 194 0.08 39.32 -18.53
C SER A 194 -0.95 38.22 -18.77
N GLY A 195 -0.81 37.12 -18.03
CA GLY A 195 -1.74 36.01 -18.15
C GLY A 195 -1.42 35.01 -19.23
N VAL A 196 -0.30 35.18 -19.95
CA VAL A 196 0.09 34.26 -21.01
C VAL A 196 1.35 33.54 -20.55
N ASP A 197 1.22 32.26 -20.23
CA ASP A 197 2.35 31.43 -19.83
C ASP A 197 2.87 30.65 -21.03
N GLY A 198 4.15 30.29 -20.97
CA GLY A 198 4.76 29.53 -22.05
C GLY A 198 4.38 28.07 -22.05
N LEU A 199 4.93 27.32 -21.11
CA LEU A 199 4.78 25.87 -21.05
C LEU A 199 4.18 25.46 -19.72
N LEU A 200 3.14 24.63 -19.77
CA LEU A 200 2.56 24.04 -18.58
C LEU A 200 2.98 22.57 -18.53
N VAL A 201 3.69 22.19 -17.48
CA VAL A 201 4.15 20.82 -17.29
C VAL A 201 3.12 20.11 -16.42
N GLY A 202 2.32 19.25 -17.04
CA GLY A 202 1.19 18.65 -16.36
C GLY A 202 -0.12 19.31 -16.72
N ARG A 203 -1.07 19.38 -15.79
CA ARG A 203 -2.39 19.92 -16.08
C ARG A 203 -2.80 20.95 -15.03
N GLU A 204 -3.73 21.81 -15.43
CA GLU A 204 -4.19 22.89 -14.55
C GLU A 204 -5.02 22.36 -13.38
N THR A 205 -5.83 21.33 -13.62
CA THR A 205 -6.74 20.81 -12.61
C THR A 205 -6.51 19.32 -12.44
N VAL A 206 -6.90 18.81 -11.27
CA VAL A 206 -6.75 17.41 -10.97
C VAL A 206 -7.68 16.60 -11.86
N GLY A 207 -7.15 15.55 -12.48
CA GLY A 207 -7.97 14.72 -13.34
C GLY A 207 -8.79 13.72 -12.57
N SER A 208 -9.79 13.16 -13.26
CA SER A 208 -10.56 12.06 -12.70
C SER A 208 -9.64 10.92 -12.28
N ASP A 209 -8.58 10.70 -13.05
CA ASP A 209 -7.56 9.70 -12.77
C ASP A 209 -6.20 10.36 -12.88
N LYS A 210 -5.16 9.64 -12.45
CA LYS A 210 -3.81 10.15 -12.59
C LYS A 210 -3.41 10.21 -14.07
N SER A 211 -2.47 11.10 -14.36
CA SER A 211 -1.87 11.19 -15.69
C SER A 211 -0.42 10.70 -15.59
N TYR A 212 -0.09 9.67 -16.37
CA TYR A 212 1.21 9.02 -16.29
C TYR A 212 2.19 9.77 -17.19
N ASN A 213 2.92 10.72 -16.60
CA ASN A 213 3.80 11.60 -17.35
C ASN A 213 5.28 11.27 -17.21
N GLY A 214 5.64 10.30 -16.37
CA GLY A 214 7.03 9.93 -16.19
C GLY A 214 7.77 9.68 -17.49
N GLN A 215 9.01 10.18 -17.57
CA GLN A 215 9.96 10.02 -18.67
C GLN A 215 9.68 10.92 -19.86
N THR A 216 8.91 11.99 -19.68
CA THR A 216 8.63 12.89 -20.79
C THR A 216 9.76 13.93 -20.86
N GLU A 217 10.14 14.29 -22.08
CA GLU A 217 11.31 15.14 -22.29
C GLU A 217 10.95 16.39 -23.05
N VAL A 218 11.50 17.51 -22.59
CA VAL A 218 11.55 18.76 -23.34
C VAL A 218 13.02 19.01 -23.63
N ARG A 219 13.36 19.17 -24.91
CA ARG A 219 14.77 19.15 -25.29
C ARG A 219 15.06 20.25 -26.29
N GLU A 220 16.18 20.94 -26.07
CA GLU A 220 16.68 21.95 -27.00
C GLU A 220 15.60 22.98 -27.35
N CYS A 221 14.94 23.48 -26.31
CA CYS A 221 13.89 24.47 -26.46
C CYS A 221 14.21 25.69 -25.61
N THR A 222 13.67 26.84 -26.02
CA THR A 222 13.76 28.07 -25.25
C THR A 222 12.38 28.63 -25.06
N PHE A 223 12.06 29.04 -23.83
CA PHE A 223 10.83 29.75 -23.53
C PHE A 223 11.20 31.13 -23.02
N ASP A 224 10.68 32.16 -23.67
CA ASP A 224 11.19 33.52 -23.52
C ASP A 224 10.04 34.51 -23.53
N LYS A 225 10.10 35.49 -22.63
CA LYS A 225 9.18 36.62 -22.61
C LYS A 225 7.71 36.19 -22.46
N PHE A 226 7.46 35.24 -21.57
CA PHE A 226 6.10 34.90 -21.17
C PHE A 226 5.89 35.39 -19.74
N ASP A 227 4.65 35.25 -19.26
CA ASP A 227 4.36 35.61 -17.87
C ASP A 227 5.14 34.67 -16.96
N ARG A 228 4.73 33.40 -16.93
CA ARG A 228 5.56 32.32 -16.40
C ARG A 228 6.00 31.48 -17.60
N ASN A 229 7.32 31.41 -17.81
CA ASN A 229 7.82 30.66 -18.96
C ASN A 229 7.50 29.18 -18.82
N ILE A 230 7.87 28.58 -17.69
CA ILE A 230 7.62 27.17 -17.42
C ILE A 230 6.95 27.07 -16.06
N ARG A 231 5.78 26.41 -16.01
CA ARG A 231 5.03 26.24 -14.78
C ARG A 231 4.68 24.78 -14.58
N MET A 232 4.95 24.26 -13.39
CA MET A 232 4.54 22.90 -13.03
C MET A 232 3.06 22.88 -12.68
N GLY A 233 2.34 21.89 -13.21
CA GLY A 233 0.99 21.61 -12.82
C GLY A 233 0.87 20.28 -12.11
N HIS A 234 -0.35 19.75 -12.09
CA HIS A 234 -0.59 18.43 -11.52
C HIS A 234 -0.01 17.35 -12.41
N ASN A 235 0.49 16.28 -11.76
CA ASN A 235 1.12 15.15 -12.45
C ASN A 235 2.46 15.53 -13.07
N SER A 236 3.17 16.46 -12.45
CA SER A 236 4.49 16.90 -12.93
C SER A 236 5.55 16.05 -12.25
N TRP A 237 5.70 14.81 -12.74
CA TRP A 237 6.70 13.89 -12.20
C TRP A 237 7.58 13.30 -13.30
N ARG A 238 8.87 13.20 -13.00
CA ARG A 238 9.88 12.57 -13.86
C ARG A 238 9.87 13.15 -15.28
N PHE A 239 9.72 14.47 -15.35
CA PHE A 239 9.98 15.21 -16.58
C PHE A 239 11.46 15.50 -16.63
N VAL A 240 12.05 15.44 -17.83
CA VAL A 240 13.46 15.79 -18.00
C VAL A 240 13.55 16.91 -19.02
N PHE A 241 14.30 17.95 -18.66
CA PHE A 241 14.55 19.09 -19.54
C PHE A 241 16.03 19.08 -19.89
N TYR A 242 16.33 18.92 -21.17
CA TYR A 242 17.71 18.87 -21.66
C TYR A 242 17.92 20.05 -22.59
N LYS A 243 18.91 20.89 -22.25
CA LYS A 243 19.23 22.09 -23.02
C LYS A 243 17.98 22.95 -23.23
N VAL A 244 17.26 23.21 -22.15
CA VAL A 244 16.09 24.07 -22.17
C VAL A 244 16.45 25.37 -21.47
N ASN A 245 16.11 26.50 -22.11
CA ASN A 245 16.40 27.82 -21.60
C ASN A 245 15.12 28.56 -21.27
N SER A 246 15.12 29.26 -20.14
CA SER A 246 14.01 30.12 -19.74
C SER A 246 14.58 31.49 -19.42
N LEU A 247 14.02 32.53 -20.03
CA LEU A 247 14.61 33.85 -19.90
C LEU A 247 13.55 34.94 -20.00
N ASN A 248 13.85 36.07 -19.33
CA ASN A 248 13.11 37.32 -19.47
C ASN A 248 11.60 37.13 -19.30
N ALA A 249 11.23 36.55 -18.16
CA ALA A 249 9.83 36.35 -17.86
C ALA A 249 9.27 37.55 -17.10
N LEU A 250 7.96 37.72 -17.17
CA LEU A 250 7.31 38.85 -16.52
C LEU A 250 7.12 38.61 -15.02
N SER A 251 6.58 37.44 -14.65
CA SER A 251 6.24 37.18 -13.27
C SER A 251 7.49 37.14 -12.39
N PRO A 252 7.37 37.53 -11.12
CA PRO A 252 8.50 37.37 -10.19
C PRO A 252 8.92 35.92 -9.99
N ASN A 253 8.04 34.96 -10.30
CA ASN A 253 8.38 33.54 -10.32
C ASN A 253 8.46 33.01 -11.74
N GLY A 254 8.72 33.88 -12.72
CA GLY A 254 8.46 33.55 -14.10
C GLY A 254 9.44 32.57 -14.74
N ILE A 255 10.69 32.53 -14.26
CA ILE A 255 11.68 31.66 -14.90
C ILE A 255 11.27 30.20 -14.78
N LEU A 256 10.90 29.77 -13.58
CA LEU A 256 10.44 28.41 -13.34
C LEU A 256 9.63 28.41 -12.07
N TYR A 257 8.36 28.03 -12.15
CA TYR A 257 7.44 28.14 -11.03
C TYR A 257 6.85 26.78 -10.71
N VAL A 258 7.05 26.33 -9.47
CA VAL A 258 6.41 25.14 -8.95
C VAL A 258 5.47 25.55 -7.83
N PRO A 259 4.19 25.76 -8.10
CA PRO A 259 3.28 26.21 -7.04
C PRO A 259 2.99 25.10 -6.05
N ALA A 260 2.56 25.51 -4.85
CA ALA A 260 2.17 24.56 -3.82
C ALA A 260 0.84 23.90 -4.19
N GLY A 261 0.60 22.74 -3.59
CA GLY A 261 -0.69 22.09 -3.73
C GLY A 261 -0.82 21.12 -4.88
N LEU A 262 0.27 20.82 -5.58
CA LEU A 262 0.18 19.96 -6.77
C LEU A 262 -0.04 18.50 -6.37
N ASP A 263 -0.91 17.83 -7.12
CA ASP A 263 -1.21 16.43 -6.89
C ASP A 263 -0.35 15.54 -7.78
N ASP A 264 0.11 14.42 -7.22
CA ASP A 264 0.84 13.40 -7.98
C ASP A 264 2.04 14.00 -8.70
N SER A 265 2.82 14.79 -7.96
CA SER A 265 3.92 15.54 -8.53
C SER A 265 5.14 15.46 -7.60
N GLY A 266 6.31 15.71 -8.18
CA GLY A 266 7.52 15.95 -7.41
C GLY A 266 8.61 14.92 -7.59
N GLU A 267 8.39 13.83 -8.30
CA GLU A 267 9.40 12.78 -8.40
C GLU A 267 10.43 13.16 -9.46
N ILE A 268 11.62 13.54 -9.00
CA ILE A 268 12.81 13.76 -9.83
C ILE A 268 12.48 14.55 -11.09
N LEU A 269 12.24 15.84 -10.92
CA LEU A 269 12.16 16.75 -12.06
C LEU A 269 13.59 17.14 -12.41
N SER A 270 14.04 16.77 -13.60
CA SER A 270 15.46 16.83 -13.94
C SER A 270 15.74 17.86 -15.02
N PHE A 271 16.85 18.57 -14.84
CA PHE A 271 17.29 19.59 -15.78
C PHE A 271 18.77 19.35 -16.10
N TYR A 272 19.09 19.24 -17.38
CA TYR A 272 20.46 19.03 -17.84
C TYR A 272 20.84 20.16 -18.79
N HIS A 273 21.96 20.82 -18.49
CA HIS A 273 22.50 21.89 -19.34
C HIS A 273 21.43 22.94 -19.67
N CYS A 274 20.70 23.35 -18.65
CA CYS A 274 19.66 24.37 -18.79
C CYS A 274 20.20 25.73 -18.35
N GLN A 275 19.70 26.78 -18.99
CA GLN A 275 20.11 28.15 -18.68
C GLN A 275 18.89 28.95 -18.22
N PHE A 276 18.97 29.48 -17.00
CA PHE A 276 17.94 30.30 -16.40
C PHE A 276 18.50 31.69 -16.20
N PHE A 277 17.91 32.68 -16.87
CA PHE A 277 18.51 34.00 -16.93
C PHE A 277 17.42 35.06 -16.96
N ASP A 278 17.72 36.21 -16.36
CA ASP A 278 16.85 37.38 -16.44
C ASP A 278 17.58 38.63 -15.97
N GLY A 279 17.29 39.08 -14.75
CA GLY A 279 17.82 40.31 -14.22
C GLY A 279 16.79 41.40 -14.00
N ALA A 280 15.58 41.25 -14.57
CA ALA A 280 14.54 42.26 -14.48
C ALA A 280 13.40 41.85 -13.54
N GLY A 281 13.71 41.07 -12.51
CA GLY A 281 12.74 40.75 -11.46
C GLY A 281 12.19 39.33 -11.47
N SER A 282 12.31 38.59 -12.57
CA SER A 282 11.79 37.22 -12.59
C SER A 282 12.79 36.25 -11.96
N ASN A 283 12.26 35.19 -11.33
CA ASN A 283 13.07 34.26 -10.57
C ASN A 283 12.51 32.84 -10.68
N ILE A 284 13.16 31.92 -9.98
CA ILE A 284 12.69 30.55 -9.79
C ILE A 284 12.11 30.43 -8.39
N ARG A 285 10.93 29.83 -8.27
CA ARG A 285 10.34 29.59 -6.95
C ARG A 285 9.77 28.18 -6.89
N LEU A 286 10.25 27.41 -5.92
CA LEU A 286 9.71 26.09 -5.60
C LEU A 286 8.86 26.23 -4.34
N SER A 287 7.55 26.06 -4.49
CA SER A 287 6.64 26.18 -3.37
C SER A 287 5.94 24.87 -3.00
N CYS A 288 6.06 23.83 -3.83
CA CYS A 288 5.36 22.59 -3.59
C CYS A 288 6.12 21.72 -2.58
N SER A 289 5.35 21.09 -1.69
CA SER A 289 5.93 20.19 -0.70
C SER A 289 6.21 18.82 -1.34
N SER A 290 7.14 18.10 -0.72
CA SER A 290 7.53 16.76 -1.18
C SER A 290 7.89 16.77 -2.66
N TYR A 291 8.74 17.73 -3.03
CA TYR A 291 9.13 17.95 -4.42
C TYR A 291 10.65 17.81 -4.52
N THR A 292 11.11 16.99 -5.47
CA THR A 292 12.53 16.69 -5.63
C THR A 292 12.95 17.09 -7.03
N MET A 293 13.94 17.99 -7.12
CA MET A 293 14.44 18.49 -8.39
C MET A 293 15.94 18.32 -8.46
N VAL A 294 16.45 17.99 -9.65
CA VAL A 294 17.87 17.81 -9.89
C VAL A 294 18.28 18.69 -11.06
N PHE A 295 19.30 19.53 -10.85
CA PHE A 295 19.84 20.41 -11.87
C PHE A 295 21.29 20.00 -12.12
N ASN A 296 21.60 19.65 -13.37
CA ASN A 296 22.93 19.18 -13.72
C ASN A 296 23.53 20.10 -14.78
N THR A 297 24.67 20.71 -14.44
CA THR A 297 25.39 21.61 -15.34
C THR A 297 24.47 22.72 -15.87
N CYS A 298 23.64 23.26 -14.99
CA CYS A 298 22.75 24.36 -15.33
C CYS A 298 23.37 25.69 -14.89
N SER A 299 22.84 26.77 -15.44
CA SER A 299 23.30 28.11 -15.11
C SER A 299 22.15 28.93 -14.55
N PHE A 300 22.38 29.54 -13.40
CA PHE A 300 21.43 30.43 -12.75
C PHE A 300 22.04 31.83 -12.77
N LEU A 301 21.56 32.68 -13.67
CA LEU A 301 22.19 33.98 -13.94
C LEU A 301 21.21 35.10 -13.66
N ASN A 302 21.60 36.01 -12.77
CA ASN A 302 20.83 37.22 -12.44
C ASN A 302 19.41 36.87 -11.99
N ILE A 303 19.29 35.78 -11.21
CA ILE A 303 18.02 35.33 -10.67
C ILE A 303 18.26 34.77 -9.28
N THR A 304 17.18 34.69 -8.51
CA THR A 304 17.19 34.04 -7.20
C THR A 304 16.44 32.72 -7.30
N PHE A 305 16.98 31.69 -6.65
CA PHE A 305 16.31 30.40 -6.51
C PHE A 305 15.61 30.39 -5.16
N PHE A 306 14.29 30.55 -5.18
CA PHE A 306 13.50 30.57 -3.96
C PHE A 306 12.95 29.17 -3.66
N VAL A 307 13.03 28.78 -2.40
CA VAL A 307 12.41 27.56 -1.91
C VAL A 307 11.64 27.93 -0.65
N ASP A 308 10.32 27.93 -0.72
CA ASP A 308 9.47 28.22 0.43
C ASP A 308 8.44 27.11 0.68
N SER A 309 8.73 25.90 0.19
CA SER A 309 7.82 24.77 0.40
C SER A 309 7.59 24.53 1.88
N ALA A 310 6.37 24.11 2.22
CA ALA A 310 6.05 23.81 3.60
C ALA A 310 6.96 22.72 4.17
N SER A 311 7.24 21.68 3.39
CA SER A 311 8.08 20.60 3.89
C SER A 311 8.59 19.73 2.76
N SER A 312 9.78 19.18 2.97
CA SER A 312 10.32 18.05 2.20
C SER A 312 10.64 18.42 0.75
N ALA A 313 11.12 19.64 0.52
CA ALA A 313 11.72 19.96 -0.76
C ALA A 313 13.18 19.51 -0.75
N THR A 314 13.63 18.94 -1.85
CA THR A 314 15.04 18.56 -2.02
C THR A 314 15.49 19.03 -3.40
N VAL A 315 16.40 19.98 -3.42
CA VAL A 315 17.01 20.47 -4.67
C VAL A 315 18.47 20.08 -4.65
N THR A 316 18.92 19.42 -5.72
CA THR A 316 20.31 19.02 -5.88
C THR A 316 20.86 19.66 -7.15
N CYS A 317 21.91 20.46 -7.00
CA CYS A 317 22.58 21.10 -8.11
C CYS A 317 23.98 20.50 -8.25
N ASN A 318 24.21 19.82 -9.37
CA ASN A 318 25.51 19.20 -9.65
C ASN A 318 26.19 19.99 -10.76
N GLY A 319 27.36 20.54 -10.46
CA GLY A 319 28.14 21.23 -11.48
C GLY A 319 27.50 22.48 -12.05
N CYS A 320 26.65 23.15 -11.28
CA CYS A 320 25.98 24.34 -11.77
C CYS A 320 26.79 25.58 -11.41
N ASN A 321 26.56 26.66 -12.17
CA ASN A 321 27.20 27.94 -11.91
C ASN A 321 26.13 28.96 -11.56
N PHE A 322 26.33 29.65 -10.44
CA PHE A 322 25.48 30.76 -9.99
C PHE A 322 26.29 32.04 -10.19
N GLU A 323 25.73 32.97 -10.95
CA GLU A 323 26.51 34.16 -11.28
C GLU A 323 25.58 35.36 -11.43
N ASN A 324 26.18 36.55 -11.33
CA ASN A 324 25.52 37.84 -11.47
C ASN A 324 26.10 38.64 -12.62
N PRO A 325 26.16 38.10 -13.83
CA PRO A 325 26.90 38.80 -14.91
C PRO A 325 26.19 40.10 -15.28
N GLY A 326 26.98 41.17 -15.38
CA GLY A 326 26.45 42.46 -15.79
C GLY A 326 25.61 43.20 -14.77
N SER A 327 25.08 42.50 -13.76
CA SER A 327 24.12 43.08 -12.84
C SER A 327 24.78 43.72 -11.62
N ALA A 328 24.13 44.76 -11.09
CA ALA A 328 24.51 45.39 -9.84
C ALA A 328 23.54 45.05 -8.73
N SER A 329 22.63 44.11 -8.97
CA SER A 329 21.65 43.73 -7.98
C SER A 329 22.31 43.02 -6.80
N THR A 330 21.72 43.21 -5.62
CA THR A 330 22.15 42.54 -4.40
C THR A 330 21.31 41.30 -4.11
N ARG A 331 20.50 40.86 -5.09
CA ARG A 331 19.60 39.74 -4.89
C ARG A 331 20.36 38.49 -4.45
N ARG A 332 19.68 37.66 -3.67
CA ARG A 332 20.26 36.40 -3.23
C ARG A 332 20.35 35.43 -4.39
N TYR A 333 21.33 34.52 -4.31
CA TYR A 333 21.39 33.42 -5.28
C TYR A 333 20.43 32.31 -4.88
N VAL A 334 20.45 31.90 -3.62
CA VAL A 334 19.58 30.83 -3.11
C VAL A 334 18.95 31.32 -1.81
N ASP A 335 17.62 31.22 -1.73
CA ASP A 335 16.87 31.69 -0.56
C ASP A 335 15.86 30.62 -0.15
N ILE A 336 16.26 29.76 0.78
CA ILE A 336 15.36 28.78 1.38
C ILE A 336 14.71 29.49 2.56
N SER A 337 13.51 30.04 2.33
CA SER A 337 12.93 31.05 3.21
C SER A 337 11.88 30.53 4.19
N ALA A 338 11.36 29.33 4.01
CA ALA A 338 10.23 28.90 4.83
C ALA A 338 10.21 27.37 4.93
N GLY A 339 9.23 26.87 5.68
CA GLY A 339 9.01 25.45 5.85
C GLY A 339 10.05 24.78 6.73
N HIS A 340 9.99 23.45 6.73
CA HIS A 340 10.92 22.61 7.47
C HIS A 340 11.30 21.41 6.61
N THR A 341 12.45 20.82 6.94
CA THR A 341 12.94 19.63 6.24
C THR A 341 13.13 19.89 4.75
N ASN A 342 13.54 21.10 4.38
CA ASN A 342 13.91 21.42 3.01
C ASN A 342 15.43 21.35 2.89
N VAL A 343 15.90 20.72 1.81
CA VAL A 343 17.32 20.49 1.60
C VAL A 343 17.71 21.06 0.23
N PHE A 344 18.78 21.86 0.22
CA PHE A 344 19.36 22.40 -1.01
C PHE A 344 20.82 21.97 -1.07
N ASN A 345 21.19 21.27 -2.13
CA ASN A 345 22.54 20.76 -2.31
C ASN A 345 23.23 21.51 -3.44
N ILE A 346 24.41 22.07 -3.15
CA ILE A 346 25.28 22.66 -4.16
C ILE A 346 26.52 21.77 -4.21
N ILE A 347 26.61 20.96 -5.27
CA ILE A 347 27.67 19.97 -5.41
C ILE A 347 28.50 20.36 -6.63
N GLY A 348 29.76 20.74 -6.39
CA GLY A 348 30.61 21.17 -7.47
C GLY A 348 30.13 22.46 -8.10
N GLY A 349 30.52 22.65 -9.36
CA GLY A 349 30.18 23.88 -10.05
C GLY A 349 30.92 25.07 -9.47
N SER A 350 30.32 26.25 -9.63
CA SER A 350 30.99 27.49 -9.24
C SER A 350 29.97 28.50 -8.77
N ILE A 351 30.39 29.35 -7.83
CA ILE A 351 29.62 30.50 -7.38
C ILE A 351 30.49 31.73 -7.66
N VAL A 352 30.04 32.57 -8.59
CA VAL A 352 30.80 33.73 -9.03
C VAL A 352 30.07 34.97 -8.55
N THR A 353 30.81 35.88 -7.91
CA THR A 353 30.25 37.10 -7.35
C THR A 353 30.99 38.28 -7.95
N ASN A 354 30.44 38.84 -9.02
CA ASN A 354 30.99 40.03 -9.63
C ASN A 354 30.68 41.25 -8.79
N SER A 355 31.61 42.22 -8.81
CA SER A 355 31.50 43.39 -7.96
C SER A 355 30.26 44.20 -8.28
N ASN A 356 29.64 44.74 -7.23
CA ASN A 356 28.48 45.62 -7.33
C ASN A 356 28.74 46.79 -6.36
N PRO A 357 27.83 47.77 -6.22
CA PRO A 357 28.06 48.81 -5.20
C PRO A 357 28.42 48.28 -3.83
N GLY A 358 27.61 47.37 -3.30
CA GLY A 358 27.93 46.66 -2.06
C GLY A 358 26.96 45.52 -1.83
N GLN A 359 27.49 44.33 -1.53
CA GLN A 359 26.65 43.17 -1.26
C GLN A 359 26.15 43.26 0.18
N THR A 360 25.04 43.97 0.36
CA THR A 360 24.53 44.29 1.70
C THR A 360 23.76 43.13 2.33
N GLN A 361 23.58 42.00 1.65
CA GLN A 361 22.88 40.87 2.21
C GLN A 361 23.55 39.58 1.78
N ALA A 362 23.30 38.51 2.54
CA ALA A 362 23.89 37.22 2.24
C ALA A 362 23.31 36.67 0.94
N LEU A 363 24.19 36.17 0.08
CA LEU A 363 23.76 35.61 -1.20
C LEU A 363 23.15 34.22 -1.05
N LEU A 364 23.43 33.54 0.06
CA LEU A 364 22.83 32.25 0.38
C LEU A 364 22.14 32.39 1.73
N TYR A 365 20.89 31.93 1.80
CA TYR A 365 20.10 32.03 3.02
C TYR A 365 19.35 30.72 3.22
N VAL A 366 19.44 30.16 4.43
CA VAL A 366 18.71 28.95 4.78
C VAL A 366 17.99 29.18 6.11
N SER A 367 16.66 29.11 6.08
CA SER A 367 15.84 29.41 7.24
C SER A 367 15.82 28.23 8.22
N THR A 368 15.23 28.48 9.39
CA THR A 368 15.18 27.51 10.47
C THR A 368 14.60 26.17 10.01
N ASP A 369 15.21 25.09 10.50
CA ASP A 369 14.83 23.70 10.27
C ASP A 369 15.12 23.22 8.85
N ASN A 370 15.86 24.00 8.06
CA ASN A 370 16.22 23.62 6.71
C ASN A 370 17.73 23.46 6.61
N LEU A 371 18.19 22.90 5.50
CA LEU A 371 19.58 22.50 5.38
C LEU A 371 20.13 22.92 4.02
N LEU A 372 21.32 23.54 4.04
CA LEU A 372 22.06 23.89 2.84
C LEU A 372 23.40 23.18 2.87
N ASN A 373 23.63 22.29 1.92
CA ASN A 373 24.85 21.50 1.85
C ASN A 373 25.75 22.02 0.73
N LEU A 374 27.00 22.32 1.07
CA LEU A 374 28.02 22.74 0.11
C LEU A 374 29.03 21.61 -0.01
N VAL A 375 29.24 21.13 -1.24
CA VAL A 375 30.10 19.98 -1.50
C VAL A 375 31.03 20.31 -2.66
N GLY A 376 32.33 20.18 -2.42
CA GLY A 376 33.32 20.30 -3.49
C GLY A 376 33.25 21.60 -4.26
N VAL A 377 32.98 22.71 -3.58
CA VAL A 377 32.84 24.01 -4.22
C VAL A 377 33.75 25.00 -3.52
N THR A 378 34.15 26.04 -4.25
CA THR A 378 35.01 27.09 -3.73
C THR A 378 34.15 28.27 -3.29
N ALA A 379 34.27 28.65 -2.03
CA ALA A 379 33.55 29.82 -1.54
C ALA A 379 34.21 31.09 -2.07
N PRO A 380 33.46 31.96 -2.74
CA PRO A 380 34.05 33.19 -3.29
C PRO A 380 34.16 34.28 -2.24
N TYR A 381 35.02 35.26 -2.54
CA TYR A 381 35.10 36.47 -1.73
C TYR A 381 35.33 37.67 -2.62
N GLY A 382 34.74 38.80 -2.22
CA GLY A 382 34.97 40.05 -2.91
C GLY A 382 35.02 41.20 -1.91
N GLY A 383 35.74 42.26 -2.29
CA GLY A 383 35.86 43.42 -1.44
C GLY A 383 34.57 44.17 -1.22
N HIS A 384 33.59 43.99 -2.12
CA HIS A 384 32.28 44.60 -1.98
C HIS A 384 31.38 43.87 -0.99
N TYR A 385 31.85 42.77 -0.41
CA TYR A 385 31.03 41.99 0.52
C TYR A 385 30.72 42.82 1.76
N GLN A 386 29.43 43.09 1.99
CA GLN A 386 28.98 43.87 3.13
C GLN A 386 27.80 43.19 3.81
N GLN A 387 27.88 41.88 3.98
CA GLN A 387 26.77 41.11 4.53
C GLN A 387 26.48 41.45 5.98
N GLU A 388 27.39 42.14 6.68
CA GLU A 388 27.16 42.52 8.06
C GLU A 388 25.97 43.45 8.21
N GLN A 389 25.60 44.17 7.15
CA GLN A 389 24.40 45.02 7.20
C GLN A 389 23.16 44.19 7.50
N GLU A 390 23.05 42.99 6.94
CA GLU A 390 21.91 42.13 7.25
C GLU A 390 22.13 41.36 8.55
N LEU A 391 23.23 40.60 8.62
CA LEU A 391 23.43 39.67 9.72
C LEU A 391 23.92 40.33 11.00
N GLY A 392 24.58 41.48 10.91
CA GLY A 392 25.28 42.05 12.03
C GLY A 392 26.74 41.67 12.10
N TYR A 393 27.16 40.69 11.31
CA TYR A 393 28.55 40.23 11.27
C TYR A 393 28.88 39.83 9.84
N HIS A 394 30.18 39.68 9.58
CA HIS A 394 30.68 39.45 8.22
C HIS A 394 30.74 37.95 7.96
N ALA A 395 29.72 37.43 7.28
CA ALA A 395 29.65 36.02 6.93
C ALA A 395 28.92 35.86 5.60
N PHE A 396 29.17 34.74 4.93
CA PHE A 396 28.64 34.54 3.57
C PHE A 396 27.18 34.11 3.57
N ILE A 397 26.76 33.28 4.52
CA ILE A 397 25.42 32.69 4.52
C ILE A 397 24.63 33.23 5.70
N GLY A 398 23.35 33.50 5.47
CA GLY A 398 22.44 33.94 6.49
C GLY A 398 21.38 32.89 6.80
N GLY A 399 20.58 33.19 7.82
CA GLY A 399 19.47 32.33 8.19
C GLY A 399 19.81 31.43 9.36
N ALA A 400 18.77 31.00 10.07
CA ALA A 400 18.90 30.17 11.25
C ALA A 400 18.83 28.67 10.94
N GLY A 401 18.95 28.28 9.68
CA GLY A 401 19.00 26.88 9.31
C GLY A 401 20.36 26.28 9.59
N THR A 402 20.63 25.15 8.95
CA THR A 402 21.87 24.43 9.12
C THR A 402 22.63 24.42 7.80
N VAL A 403 23.95 24.56 7.89
CA VAL A 403 24.85 24.44 6.75
C VAL A 403 25.85 23.34 7.06
N THR A 404 26.12 22.48 6.08
CA THR A 404 27.20 21.52 6.17
C THR A 404 28.18 21.77 5.03
N THR A 405 29.42 21.36 5.27
CA THR A 405 30.53 21.66 4.39
C THR A 405 31.34 20.39 4.18
N SER A 406 31.52 19.99 2.92
CA SER A 406 32.34 18.85 2.58
C SER A 406 33.19 19.20 1.37
N GLY A 407 34.51 19.24 1.55
CA GLY A 407 35.40 19.57 0.46
C GLY A 407 35.32 20.99 -0.04
N VAL A 408 34.85 21.92 0.79
CA VAL A 408 34.78 23.33 0.41
C VAL A 408 36.14 23.99 0.56
N MET A 409 36.46 24.89 -0.37
CA MET A 409 37.70 25.66 -0.36
C MET A 409 37.40 27.15 -0.18
N LEU A 410 38.30 27.84 0.52
CA LEU A 410 38.24 29.29 0.69
C LEU A 410 39.31 29.96 -0.17
N GLN A 411 39.05 31.21 -0.53
CA GLN A 411 40.00 32.00 -1.32
C GLN A 411 40.96 32.71 -0.37
N LEU A 412 41.92 31.93 0.15
CA LEU A 412 42.92 32.43 1.08
C LEU A 412 43.89 33.36 0.37
N ARG A 413 43.90 33.28 -0.96
CA ARG A 413 44.80 33.96 -1.85
C ARG A 413 44.21 35.26 -2.38
N ASN A 414 42.98 35.57 -1.95
CA ASN A 414 42.25 36.78 -2.34
C ASN A 414 42.75 38.01 -1.57
N GLY A 415 43.18 39.03 -2.30
CA GLY A 415 43.68 40.23 -1.65
C GLY A 415 42.64 40.97 -0.83
N ALA A 416 41.37 40.91 -1.26
CA ALA A 416 40.31 41.57 -0.50
C ALA A 416 40.05 40.89 0.84
N GLY A 417 40.31 39.58 0.94
CA GLY A 417 40.15 38.88 2.19
C GLY A 417 39.37 37.58 2.02
N THR A 418 38.87 37.08 3.14
CA THR A 418 38.10 35.84 3.23
C THR A 418 37.14 35.99 4.40
N CYS A 419 36.00 35.31 4.32
CA CYS A 419 35.03 35.36 5.39
C CYS A 419 34.53 33.97 5.77
N PRO A 420 34.07 33.80 7.00
CA PRO A 420 33.41 32.54 7.37
C PRO A 420 32.07 32.39 6.67
N LEU A 421 31.63 31.14 6.55
CA LEU A 421 30.41 30.84 5.79
C LEU A 421 29.15 31.02 6.61
N HIS A 422 29.03 30.33 7.75
CA HIS A 422 27.76 30.32 8.46
C HIS A 422 27.97 30.18 9.96
N SER A 423 26.97 30.64 10.72
CA SER A 423 27.00 30.54 12.17
C SER A 423 26.96 29.09 12.64
N SER A 424 26.24 28.24 11.92
CA SER A 424 26.11 26.84 12.32
C SER A 424 27.44 26.07 12.21
N LEU A 425 28.45 26.66 11.58
CA LEU A 425 29.77 26.06 11.47
C LEU A 425 30.76 26.63 12.48
N SER A 426 30.27 27.36 13.48
CA SER A 426 31.12 28.03 14.45
C SER A 426 32.06 27.05 15.14
N THR A 427 33.35 27.36 15.13
CA THR A 427 34.34 26.54 15.81
C THR A 427 34.21 26.65 17.33
N PHE A 428 33.85 27.82 17.84
CA PHE A 428 33.93 28.12 19.26
C PHE A 428 32.54 28.27 19.86
N SER A 429 32.40 27.81 21.10
CA SER A 429 31.14 27.92 21.84
C SER A 429 30.94 29.35 22.33
N ASN A 430 29.67 29.72 22.47
CA ASN A 430 29.29 31.07 22.91
C ASN A 430 29.92 32.13 22.01
N TRP A 431 30.00 31.81 20.72
CA TRP A 431 30.65 32.69 19.75
C TRP A 431 29.97 34.05 19.65
N ASN A 432 28.65 34.11 19.84
CA ASN A 432 27.90 35.34 19.74
C ASN A 432 27.48 35.88 21.09
N PHE A 433 27.97 35.26 22.17
CA PHE A 433 27.59 35.63 23.54
C PHE A 433 26.10 35.42 23.77
N GLY A 434 25.53 34.46 23.03
CA GLY A 434 24.14 34.06 23.20
C GLY A 434 23.87 33.26 24.44
N TYR A 435 24.91 32.89 25.18
CA TYR A 435 24.72 32.26 26.48
C TYR A 435 24.06 33.21 27.48
N GLY A 436 24.13 34.51 27.23
CA GLY A 436 23.75 35.49 28.22
C GLY A 436 24.81 35.76 29.26
N ASN A 437 26.03 35.28 29.05
CA ASN A 437 27.13 35.43 29.98
C ASN A 437 28.44 35.28 29.20
N LEU A 438 29.55 35.13 29.92
CA LEU A 438 30.86 34.97 29.31
C LEU A 438 31.39 33.55 29.47
N ASN A 439 30.52 32.58 29.71
CA ASN A 439 30.96 31.20 29.89
C ASN A 439 31.55 30.66 28.60
N ALA A 440 32.40 29.64 28.74
CA ALA A 440 33.19 28.96 27.72
C ALA A 440 34.44 29.77 27.37
N TRP A 441 34.50 31.04 27.75
CA TRP A 441 35.66 31.90 27.52
C TRP A 441 36.51 32.00 28.77
N THR A 442 37.82 31.87 28.60
CA THR A 442 38.77 32.00 29.71
C THR A 442 39.26 33.45 29.75
N VAL A 443 38.96 34.14 30.84
CA VAL A 443 39.33 35.54 31.01
C VAL A 443 40.56 35.59 31.92
N ASP A 444 41.68 36.02 31.36
CA ASP A 444 42.93 36.17 32.11
C ASP A 444 43.25 37.66 32.16
N LYS A 445 42.93 38.28 33.31
CA LYS A 445 43.23 39.70 33.49
C LYS A 445 44.66 39.91 33.96
N GLY A 446 45.40 38.84 34.17
CA GLY A 446 46.76 38.97 34.62
C GLY A 446 46.84 39.71 35.94
N THR A 447 47.76 40.67 35.97
CA THR A 447 48.14 41.24 37.24
C THR A 447 47.08 42.26 37.65
N GLY A 448 46.32 42.79 36.67
CA GLY A 448 45.26 43.78 36.74
C GLY A 448 43.95 43.34 37.33
N THR A 449 43.90 43.30 38.65
CA THR A 449 42.73 42.79 39.33
C THR A 449 41.55 43.74 39.10
N SER A 450 41.81 45.02 38.88
CA SER A 450 40.78 46.03 38.67
C SER A 450 40.26 46.06 37.23
N SER A 451 40.82 45.25 36.33
CA SER A 451 40.35 45.22 34.94
C SER A 451 38.89 44.78 34.87
N VAL A 452 38.13 45.41 33.99
CA VAL A 452 36.71 45.13 33.82
C VAL A 452 36.51 44.25 32.59
N VAL A 453 35.93 43.07 32.80
CA VAL A 453 35.52 42.17 31.72
C VAL A 453 34.08 41.77 32.01
N GLU A 454 33.16 42.17 31.15
CA GLU A 454 31.74 42.01 31.43
C GLU A 454 30.97 41.66 30.17
N TYR A 455 29.89 40.89 30.37
CA TYR A 455 28.89 40.67 29.33
C TYR A 455 27.88 41.82 29.40
N LEU A 456 27.52 42.36 28.24
CA LEU A 456 26.55 43.44 28.15
C LEU A 456 25.44 43.00 27.19
N ALA A 457 24.21 42.99 27.70
CA ALA A 457 23.07 42.59 26.88
C ALA A 457 22.66 43.73 25.96
N ASN A 458 22.26 43.37 24.73
CA ASN A 458 21.77 44.33 23.74
C ASN A 458 22.81 45.39 23.40
N ALA A 459 24.10 45.03 23.51
CA ALA A 459 25.18 45.96 23.26
C ALA A 459 25.95 45.66 21.99
N GLY A 460 25.53 44.68 21.20
CA GLY A 460 26.20 44.35 19.96
C GLY A 460 25.92 45.34 18.85
N PRO A 461 26.38 45.01 17.64
CA PRO A 461 26.17 45.93 16.50
C PRO A 461 24.71 46.27 16.25
N LYS A 462 23.80 45.32 16.45
CA LYS A 462 22.39 45.53 16.16
C LYS A 462 21.61 46.09 17.35
N GLY A 463 22.20 46.10 18.55
CA GLY A 463 21.48 46.52 19.73
C GLY A 463 20.56 45.48 20.30
N THR A 464 20.53 44.27 19.73
CA THR A 464 19.65 43.21 20.19
C THR A 464 20.40 41.96 20.63
N GLU A 465 21.73 41.98 20.61
CA GLU A 465 22.54 40.81 20.90
C GLU A 465 23.55 41.14 22.00
N GLY A 466 24.11 40.08 22.59
CA GLY A 466 25.09 40.27 23.64
C GLY A 466 26.45 40.70 23.11
N ALA A 467 27.25 41.28 24.01
CA ALA A 467 28.60 41.69 23.69
C ALA A 467 29.46 41.58 24.95
N MET A 468 30.76 41.46 24.74
CA MET A 468 31.73 41.43 25.83
C MET A 468 32.55 42.71 25.81
N ARG A 469 32.54 43.43 26.92
CA ARG A 469 33.31 44.66 27.08
C ARG A 469 34.55 44.37 27.89
N VAL A 470 35.72 44.78 27.38
CA VAL A 470 36.98 44.61 28.07
C VAL A 470 37.60 45.99 28.27
N ALA A 471 37.85 46.36 29.52
CA ALA A 471 38.47 47.64 29.86
C ALA A 471 39.59 47.39 30.85
N PRO A 472 40.78 47.00 30.38
CA PRO A 472 41.87 46.68 31.30
C PRO A 472 42.51 47.92 31.89
N VAL A 473 43.03 47.76 33.10
CA VAL A 473 43.77 48.81 33.80
C VAL A 473 45.12 48.25 34.19
N SER A 474 46.17 49.07 34.01
CA SER A 474 47.54 48.76 34.36
C SER A 474 48.15 47.72 33.42
N VAL A 475 47.55 46.53 33.33
CA VAL A 475 48.02 45.50 32.40
C VAL A 475 46.85 45.00 31.56
N GLY A 476 47.20 44.42 30.41
CA GLY A 476 46.21 43.95 29.47
C GLY A 476 45.51 42.68 29.91
N THR A 477 44.31 42.49 29.36
CA THR A 477 43.50 41.29 29.60
C THR A 477 43.46 40.44 28.33
N ASN A 478 43.53 39.11 28.51
CA ASN A 478 43.46 38.16 27.41
C ASN A 478 42.26 37.24 27.62
N VAL A 479 41.36 37.19 26.64
CA VAL A 479 40.23 36.27 26.63
C VAL A 479 40.49 35.25 25.53
N SER A 480 40.38 33.96 25.87
CA SER A 480 40.77 32.91 24.95
C SER A 480 39.82 31.73 25.03
N GLN A 481 39.83 30.90 23.98
CA GLN A 481 39.11 29.64 23.94
C GLN A 481 39.87 28.69 23.01
N VAL A 482 39.95 27.41 23.40
CA VAL A 482 40.62 26.39 22.61
C VAL A 482 39.63 25.28 22.28
N GLN A 483 39.70 24.79 21.04
CA GLN A 483 38.85 23.71 20.56
C GLN A 483 39.66 22.78 19.68
N ALA A 484 39.12 21.58 19.44
CA ALA A 484 39.80 20.57 18.64
C ALA A 484 39.78 20.93 17.15
N VAL A 485 40.87 20.56 16.47
CA VAL A 485 41.00 20.76 15.03
C VAL A 485 41.98 19.73 14.50
N THR A 486 41.92 19.46 13.20
CA THR A 486 42.87 18.56 12.56
C THR A 486 43.25 19.09 11.20
N ASN A 487 44.47 18.78 10.79
CA ASN A 487 44.97 19.01 9.46
C ASN A 487 44.58 17.83 8.56
N PRO A 488 44.30 18.05 7.27
CA PRO A 488 44.33 19.33 6.55
C PRO A 488 43.04 20.12 6.75
N GLY A 489 43.12 21.42 6.54
CA GLY A 489 41.95 22.26 6.73
C GLY A 489 42.27 23.69 6.34
N MET A 490 41.20 24.46 6.17
CA MET A 490 41.29 25.88 5.86
C MET A 490 40.32 26.61 6.78
N PHE A 491 40.69 27.84 7.16
CA PHE A 491 39.90 28.56 8.15
C PHE A 491 39.83 30.03 7.80
N SER A 492 38.74 30.65 8.25
CA SER A 492 38.57 32.10 8.18
C SER A 492 37.74 32.51 9.38
N MET A 493 38.11 33.63 10.00
CA MET A 493 37.37 34.15 11.14
C MET A 493 37.09 35.63 10.92
N SER A 494 35.90 36.06 11.35
CA SER A 494 35.54 37.47 11.37
C SER A 494 35.09 37.85 12.78
N CYS A 495 35.31 39.12 13.13
CA CYS A 495 34.95 39.64 14.44
C CYS A 495 34.27 40.99 14.28
N MET A 496 33.36 41.29 15.20
CA MET A 496 32.78 42.63 15.32
C MET A 496 33.35 43.26 16.58
N VAL A 497 34.05 44.39 16.41
CA VAL A 497 34.72 45.07 17.51
C VAL A 497 34.35 46.55 17.45
N ASN A 498 34.06 47.12 18.62
CA ASN A 498 33.78 48.55 18.76
C ASN A 498 34.75 49.14 19.79
N ILE A 499 35.73 49.90 19.32
CA ILE A 499 36.70 50.54 20.20
C ILE A 499 36.09 51.84 20.71
N ALA A 500 35.80 51.90 22.01
CA ALA A 500 35.33 53.14 22.60
C ALA A 500 36.48 54.13 22.79
N THR A 501 37.50 53.73 23.54
CA THR A 501 38.69 54.54 23.76
C THR A 501 39.91 53.63 23.81
N THR A 502 41.05 54.14 23.32
CA THR A 502 42.27 53.36 23.43
C THR A 502 43.51 54.23 23.39
N PRO A 503 44.56 53.92 24.19
CA PRO A 503 45.87 54.59 24.08
C PRO A 503 46.75 53.93 23.03
N GLY A 504 46.43 54.16 21.76
CA GLY A 504 47.13 53.53 20.67
C GLY A 504 46.42 52.29 20.18
N ASN A 505 47.16 51.30 19.68
CA ASN A 505 46.55 50.04 19.26
C ASN A 505 45.81 49.40 20.43
N ALA A 506 44.51 49.14 20.22
CA ALA A 506 43.67 48.64 21.32
C ALA A 506 43.99 47.21 21.70
N GLY A 507 44.71 46.48 20.85
CA GLY A 507 45.03 45.10 21.11
C GLY A 507 45.06 44.34 19.80
N GLN A 508 44.93 43.01 19.92
CA GLN A 508 44.88 42.19 18.72
C GLN A 508 44.05 40.94 18.98
N VAL A 509 43.46 40.41 17.92
CA VAL A 509 42.79 39.12 17.94
C VAL A 509 43.65 38.15 17.15
N SER A 510 43.95 37.00 17.74
CA SER A 510 44.86 36.04 17.16
C SER A 510 44.28 34.64 17.20
N ILE A 511 44.71 33.82 16.25
CA ILE A 511 44.40 32.39 16.22
C ILE A 511 45.71 31.62 16.22
N GLY A 512 45.83 30.67 17.14
CA GLY A 512 47.00 29.84 17.22
C GLY A 512 46.60 28.38 17.18
N PHE A 513 47.56 27.55 16.78
CA PHE A 513 47.37 26.12 16.67
C PHE A 513 48.38 25.42 17.56
N LEU A 514 47.93 24.33 18.19
CA LEU A 514 48.77 23.57 19.11
C LEU A 514 48.76 22.11 18.68
N ASP A 515 49.87 21.43 18.95
CA ASP A 515 49.95 19.99 18.71
C ASP A 515 49.21 19.26 19.82
N ALA A 516 49.33 17.93 19.86
CA ALA A 516 48.60 17.15 20.85
C ALA A 516 49.06 17.47 22.27
N ALA A 517 50.32 17.86 22.44
CA ALA A 517 50.85 18.17 23.77
C ALA A 517 50.61 19.62 24.19
N GLY A 518 50.00 20.44 23.33
CA GLY A 518 49.74 21.82 23.67
C GLY A 518 50.82 22.80 23.26
N ASN A 519 51.83 22.36 22.52
CA ASN A 519 52.88 23.25 22.04
C ASN A 519 52.42 24.02 20.81
N SER A 520 52.77 25.30 20.75
CA SER A 520 52.42 26.12 19.60
C SER A 520 53.13 25.65 18.34
N LEU A 521 52.44 25.78 17.22
CA LEU A 521 52.92 25.38 15.91
C LEU A 521 52.99 26.61 15.00
N PRO A 522 53.75 26.53 13.90
CA PRO A 522 53.69 27.62 12.92
C PRO A 522 52.31 27.74 12.31
N GLY A 523 52.09 28.84 11.60
CA GLY A 523 50.82 29.10 10.97
C GLY A 523 49.88 29.97 11.76
N GLY A 524 50.32 30.52 12.89
CA GLY A 524 49.46 31.40 13.65
C GLY A 524 49.23 32.71 12.94
N VAL A 525 48.06 33.30 13.19
CA VAL A 525 47.66 34.54 12.53
C VAL A 525 47.12 35.50 13.58
N SER A 526 47.25 36.80 13.30
CA SER A 526 46.82 37.82 14.24
C SER A 526 46.34 39.04 13.46
N ALA A 527 45.40 39.76 14.08
CA ALA A 527 44.84 40.98 13.51
C ALA A 527 44.85 42.08 14.56
N ASN A 528 45.49 43.20 14.25
CA ASN A 528 45.51 44.34 15.16
C ASN A 528 44.18 45.09 15.10
N LEU A 529 43.73 45.55 16.27
CA LEU A 529 42.43 46.22 16.37
C LEU A 529 42.49 47.67 15.93
N GLY A 530 43.65 48.31 16.01
CA GLY A 530 43.79 49.70 15.60
C GLY A 530 43.20 50.68 16.60
N THR A 531 42.92 51.89 16.09
CA THR A 531 42.44 53.00 16.90
C THR A 531 41.11 53.57 16.43
N THR A 532 40.59 53.14 15.28
CA THR A 532 39.36 53.71 14.75
C THR A 532 38.17 53.26 15.60
N THR A 533 37.33 54.23 15.98
CA THR A 533 36.18 53.97 16.83
C THR A 533 34.98 53.54 15.99
N GLY A 534 34.03 52.88 16.65
CA GLY A 534 32.83 52.41 16.01
C GLY A 534 32.91 50.94 15.64
N TRP A 535 31.72 50.34 15.46
CA TRP A 535 31.64 48.94 15.08
C TRP A 535 32.31 48.70 13.74
N GLN A 536 33.21 47.71 13.70
CA GLN A 536 33.97 47.42 12.49
C GLN A 536 34.23 45.91 12.41
N VAL A 537 34.59 45.46 11.22
CA VAL A 537 34.86 44.06 10.93
C VAL A 537 36.36 43.83 11.02
N ILE A 538 36.77 42.76 11.73
CA ILE A 538 38.16 42.40 11.89
C ILE A 538 38.37 40.98 11.40
N GLY A 539 39.45 40.74 10.67
CA GLY A 539 39.86 39.41 10.28
C GLY A 539 39.79 39.09 8.81
N LYS A 540 39.36 40.03 7.96
CA LYS A 540 39.12 39.74 6.55
C LYS A 540 40.35 39.12 5.87
N ASN A 541 41.46 39.85 5.87
CA ASN A 541 42.68 39.40 5.22
C ASN A 541 43.75 38.98 6.22
N THR A 542 43.38 38.78 7.49
CA THR A 542 44.34 38.47 8.54
C THR A 542 44.06 37.11 9.19
N LEU A 543 42.84 36.91 9.71
CA LEU A 543 42.51 35.68 10.45
C LEU A 543 42.04 34.61 9.47
N ARG A 544 42.98 34.15 8.64
CA ARG A 544 42.70 33.11 7.67
C ARG A 544 43.98 32.33 7.39
N GLY A 545 43.81 31.10 6.93
CA GLY A 545 44.96 30.32 6.53
C GLY A 545 44.62 28.83 6.49
N LYS A 546 45.67 28.03 6.45
CA LYS A 546 45.57 26.57 6.46
C LYS A 546 45.92 26.03 7.84
N VAL A 547 45.30 24.90 8.18
CA VAL A 547 45.60 24.22 9.44
C VAL A 547 46.98 23.60 9.32
N PRO A 548 47.92 23.94 10.19
CA PRO A 548 49.27 23.39 10.08
C PRO A 548 49.30 21.90 10.36
N ILE A 549 50.28 21.23 9.74
CA ILE A 549 50.45 19.80 9.98
C ILE A 549 50.81 19.55 11.43
N GLY A 550 50.16 18.56 12.03
CA GLY A 550 50.33 18.26 13.43
C GLY A 550 49.33 18.93 14.35
N ALA A 551 48.53 19.86 13.83
CA ALA A 551 47.60 20.60 14.69
C ALA A 551 46.51 19.69 15.22
N LYS A 552 46.33 19.72 16.55
CA LYS A 552 45.26 19.01 17.22
C LYS A 552 44.30 19.94 17.94
N GLN A 553 44.66 21.22 18.09
CA GLN A 553 43.84 22.18 18.81
C GLN A 553 43.97 23.53 18.12
N VAL A 554 42.89 24.30 18.18
CA VAL A 554 42.87 25.67 17.66
C VAL A 554 42.43 26.60 18.78
N ARG A 555 43.18 27.68 18.98
CA ARG A 555 42.95 28.59 20.10
C ARG A 555 42.83 30.02 19.59
N VAL A 556 41.74 30.68 19.95
CA VAL A 556 41.55 32.11 19.67
C VAL A 556 41.88 32.87 20.95
N ASN A 557 42.56 34.01 20.80
CA ASN A 557 42.87 34.86 21.93
C ASN A 557 42.57 36.31 21.57
N ILE A 558 41.79 36.98 22.42
CA ILE A 558 41.51 38.40 22.29
C ILE A 558 42.30 39.16 23.34
N GLN A 559 43.21 40.02 22.90
CA GLN A 559 44.06 40.81 23.78
C GLN A 559 43.66 42.27 23.69
N THR A 560 43.37 42.88 24.83
CA THR A 560 43.05 44.30 24.92
C THR A 560 44.08 44.98 25.80
N VAL A 561 44.68 46.06 25.30
CA VAL A 561 45.74 46.74 26.04
C VAL A 561 45.16 47.50 27.22
N ALA A 562 46.04 47.81 28.18
CA ALA A 562 45.65 48.60 29.34
C ALA A 562 45.26 50.01 28.91
N GLY A 563 44.17 50.51 29.49
CA GLY A 563 43.67 51.83 29.17
C GLY A 563 42.70 51.87 28.01
N ALA A 564 42.44 50.74 27.37
CA ALA A 564 41.53 50.66 26.24
C ALA A 564 40.18 50.11 26.70
N ASP A 565 39.11 50.63 26.10
CA ASP A 565 37.75 50.17 26.36
C ASP A 565 37.17 49.67 25.04
N VAL A 566 37.03 48.35 24.90
CA VAL A 566 36.64 47.74 23.65
C VAL A 566 35.50 46.76 23.88
N LYS A 567 34.55 46.73 22.96
CA LYS A 567 33.45 45.77 22.95
C LYS A 567 33.65 44.78 21.82
N TYR A 568 33.41 43.50 22.09
CA TYR A 568 33.57 42.44 21.11
C TYR A 568 32.25 41.69 20.92
N ALA A 569 32.02 41.24 19.69
CA ALA A 569 30.82 40.49 19.38
C ALA A 569 31.05 39.64 18.14
N TYR A 570 30.22 38.60 17.99
CA TYR A 570 30.18 37.74 16.80
C TYR A 570 31.58 37.22 16.44
N LEU A 571 32.14 36.44 17.36
CA LEU A 571 33.46 35.83 17.14
C LEU A 571 33.28 34.53 16.38
N LEU A 572 33.16 34.65 15.06
CA LEU A 572 32.76 33.54 14.19
C LEU A 572 33.97 33.01 13.43
N CYS A 573 34.40 31.80 13.77
CA CYS A 573 35.45 31.09 13.06
C CYS A 573 34.85 29.82 12.43
N ASN A 574 35.23 29.55 11.18
CA ASN A 574 34.82 28.35 10.46
C ASN A 574 36.04 27.60 9.98
N VAL A 575 36.07 26.29 10.19
CA VAL A 575 37.11 25.42 9.65
C VAL A 575 36.47 24.47 8.64
N VAL A 576 36.78 24.68 7.36
CA VAL A 576 36.29 23.84 6.28
C VAL A 576 37.38 22.82 5.95
N LYS A 577 36.99 21.56 5.78
CA LYS A 577 37.99 20.53 5.53
C LYS A 577 37.85 20.07 4.09
N PRO A 578 38.79 20.40 3.20
CA PRO A 578 38.72 19.89 1.83
C PRO A 578 38.85 18.38 1.83
N LEU A 579 37.81 17.72 1.32
CA LEU A 579 37.64 16.27 1.48
C LEU A 579 37.72 15.89 2.95
N TYR B 16 7.19 3.24 -66.74
CA TYR B 16 7.75 2.16 -65.93
C TYR B 16 6.73 1.06 -65.68
N PRO B 17 7.06 -0.18 -66.08
CA PRO B 17 6.17 -1.31 -65.77
C PRO B 17 5.99 -1.47 -64.27
N GLN B 18 4.76 -1.76 -63.86
CA GLN B 18 4.37 -1.75 -62.47
C GLN B 18 4.17 -3.18 -61.95
N PHE B 19 4.62 -3.41 -60.72
CA PHE B 19 4.47 -4.69 -60.05
C PHE B 19 3.91 -4.45 -58.66
N SER B 20 2.80 -5.11 -58.34
CA SER B 20 2.05 -4.79 -57.13
C SER B 20 2.62 -5.47 -55.87
N SER B 21 3.52 -6.43 -56.02
CA SER B 21 4.08 -7.11 -54.86
C SER B 21 5.50 -7.57 -55.17
N MET B 22 6.31 -7.70 -54.12
CA MET B 22 7.64 -8.28 -54.29
C MET B 22 7.55 -9.69 -54.84
N ALA B 23 6.54 -10.46 -54.41
CA ALA B 23 6.34 -11.80 -54.94
C ALA B 23 6.09 -11.77 -56.45
N LYS B 24 5.26 -10.82 -56.92
CA LYS B 24 5.04 -10.70 -58.35
C LYS B 24 6.30 -10.25 -59.07
N LEU B 25 7.07 -9.34 -58.45
CA LEU B 25 8.33 -8.91 -59.04
C LEU B 25 9.28 -10.09 -59.22
N LYS B 26 9.34 -10.99 -58.24
CA LYS B 26 10.28 -12.10 -58.30
C LYS B 26 9.83 -13.19 -59.26
N ALA B 27 8.51 -13.32 -59.47
CA ALA B 27 7.99 -14.40 -60.31
C ALA B 27 8.05 -14.06 -61.79
N PHE B 28 8.17 -12.79 -62.15
CA PHE B 28 8.16 -12.39 -63.55
C PHE B 28 9.50 -12.69 -64.21
N PRO B 29 9.50 -13.20 -65.44
CA PRO B 29 10.77 -13.50 -66.16
C PRO B 29 11.41 -12.26 -66.78
N HIS B 30 12.07 -11.47 -65.93
CA HIS B 30 12.76 -10.28 -66.39
C HIS B 30 13.86 -10.66 -67.37
N SER B 31 13.92 -9.94 -68.50
CA SER B 31 14.87 -10.28 -69.56
C SER B 31 15.59 -9.08 -70.17
N GLU B 32 15.12 -7.85 -69.95
CA GLU B 32 15.66 -6.67 -70.62
C GLU B 32 16.63 -5.96 -69.68
N ASP B 33 17.91 -5.96 -70.04
CA ASP B 33 18.94 -5.35 -69.21
C ASP B 33 18.75 -3.84 -69.12
N GLY B 34 18.97 -3.30 -67.92
CA GLY B 34 18.84 -1.88 -67.68
C GLY B 34 17.43 -1.35 -67.62
N GLN B 35 16.42 -2.21 -67.78
CA GLN B 35 15.04 -1.76 -67.74
C GLN B 35 14.66 -1.32 -66.33
N LEU B 36 13.97 -0.18 -66.25
CA LEU B 36 13.49 0.35 -64.98
C LEU B 36 12.05 -0.07 -64.77
N VAL B 37 11.78 -0.71 -63.64
CA VAL B 37 10.45 -1.16 -63.27
C VAL B 37 10.12 -0.60 -61.90
N ARG B 38 8.83 -0.42 -61.64
CA ARG B 38 8.36 0.16 -60.39
C ARG B 38 7.69 -0.92 -59.55
N LEU B 39 8.25 -1.17 -58.38
CA LEU B 39 7.59 -1.99 -57.37
C LEU B 39 6.63 -1.10 -56.60
N LEU B 40 5.34 -1.44 -56.63
CA LEU B 40 4.35 -0.59 -55.96
C LEU B 40 4.43 -0.75 -54.45
N SER B 41 4.65 -1.97 -53.98
CA SER B 41 4.74 -2.26 -52.55
C SER B 41 5.38 -3.62 -52.37
N TRP B 42 6.10 -3.78 -51.26
CA TRP B 42 6.67 -5.10 -50.95
C TRP B 42 5.57 -6.13 -50.77
N HIS B 43 4.60 -5.84 -49.92
CA HIS B 43 3.43 -6.70 -49.75
C HIS B 43 2.23 -6.12 -50.49
N GLU B 44 1.39 -7.01 -50.99
CA GLU B 44 0.29 -6.62 -51.86
C GLU B 44 -0.66 -5.66 -51.16
N GLY B 45 -0.94 -4.53 -51.82
CA GLY B 45 -1.92 -3.57 -51.35
C GLY B 45 -1.44 -2.64 -50.25
N VAL B 46 -0.35 -2.98 -49.56
CA VAL B 46 0.08 -2.19 -48.40
C VAL B 46 0.55 -0.81 -48.83
N GLY B 47 1.05 -0.66 -50.05
CA GLY B 47 1.59 0.60 -50.49
C GLY B 47 2.84 1.03 -49.75
N LEU B 48 3.64 0.07 -49.28
CA LEU B 48 4.82 0.36 -48.48
C LEU B 48 6.00 -0.44 -48.99
N GLY B 49 7.19 0.16 -48.93
CA GLY B 49 8.41 -0.53 -49.27
C GLY B 49 8.72 -0.63 -50.75
N GLY B 50 7.88 -0.05 -51.61
CA GLY B 50 8.11 -0.08 -53.04
C GLY B 50 9.16 0.92 -53.48
N GLY B 51 9.26 1.07 -54.79
CA GLY B 51 10.23 1.98 -55.37
C GLY B 51 10.65 1.48 -56.75
N LEU B 52 11.58 2.21 -57.33
CA LEU B 52 12.10 1.89 -58.66
C LEU B 52 13.22 0.86 -58.55
N PHE B 53 13.26 -0.05 -59.51
CA PHE B 53 14.29 -1.09 -59.60
C PHE B 53 14.83 -1.14 -61.02
N LYS B 54 16.13 -1.40 -61.14
CA LYS B 54 16.77 -1.54 -62.44
C LYS B 54 17.13 -2.99 -62.67
N VAL B 55 16.68 -3.54 -63.80
CA VAL B 55 17.00 -4.93 -64.14
C VAL B 55 18.45 -5.01 -64.59
N SER B 56 19.19 -5.96 -64.03
CA SER B 56 20.55 -6.26 -64.46
C SER B 56 20.63 -7.75 -64.78
N THR B 57 20.76 -8.08 -66.06
CA THR B 57 20.97 -9.46 -66.48
C THR B 57 22.39 -9.93 -66.23
N SER B 58 23.31 -9.02 -65.90
CA SER B 58 24.72 -9.35 -65.73
C SER B 58 25.13 -9.47 -64.26
N SER B 59 24.43 -8.81 -63.35
CA SER B 59 24.86 -8.79 -61.95
C SER B 59 24.76 -10.17 -61.33
N THR B 60 25.69 -10.44 -60.41
CA THR B 60 25.70 -11.66 -59.62
C THR B 60 25.59 -11.39 -58.13
N ALA B 61 25.20 -10.17 -57.74
CA ALA B 61 25.16 -9.79 -56.34
C ALA B 61 24.22 -10.69 -55.56
N THR B 62 24.52 -10.86 -54.27
CA THR B 62 23.69 -11.69 -53.41
C THR B 62 22.36 -10.99 -53.12
N GLY B 63 21.29 -11.77 -53.12
CA GLY B 63 19.96 -11.20 -52.91
C GLY B 63 19.69 -10.97 -51.42
N ASN B 64 19.23 -9.76 -51.11
CA ASN B 64 18.80 -9.43 -49.75
C ASN B 64 17.30 -9.14 -49.67
N ASP B 65 16.57 -9.26 -50.77
CA ASP B 65 15.14 -9.01 -50.84
C ASP B 65 14.78 -7.56 -50.51
N GLY B 66 15.73 -6.64 -50.63
CA GLY B 66 15.48 -5.25 -50.32
C GLY B 66 16.11 -4.30 -51.32
N THR B 67 17.43 -4.28 -51.38
CA THR B 67 18.16 -3.51 -52.37
C THR B 67 18.62 -4.34 -53.56
N VAL B 68 18.81 -5.65 -53.36
CA VAL B 68 19.13 -6.59 -54.42
C VAL B 68 18.09 -7.69 -54.38
N VAL B 69 17.29 -7.78 -55.45
CA VAL B 69 16.25 -8.79 -55.56
C VAL B 69 16.63 -9.76 -56.67
N VAL B 70 16.59 -11.05 -56.37
CA VAL B 70 16.86 -12.10 -57.34
C VAL B 70 15.53 -12.71 -57.77
N ALA B 71 15.19 -12.53 -59.05
CA ALA B 71 13.98 -13.13 -59.56
C ALA B 71 14.14 -14.65 -59.68
N SER B 72 13.02 -15.32 -59.93
CA SER B 72 13.05 -16.78 -60.02
C SER B 72 13.93 -17.26 -61.16
N ASN B 73 14.10 -16.46 -62.20
CA ASN B 73 14.99 -16.81 -63.30
C ASN B 73 16.45 -16.45 -63.03
N GLY B 74 16.76 -15.95 -61.83
CA GLY B 74 18.11 -15.57 -61.49
C GLY B 74 18.50 -14.16 -61.84
N VAL B 75 17.69 -13.47 -62.65
CA VAL B 75 18.00 -12.08 -63.02
C VAL B 75 17.89 -11.20 -61.78
N ARG B 76 18.81 -10.26 -61.65
CA ARG B 76 18.88 -9.37 -60.49
C ARG B 76 18.15 -8.07 -60.76
N LEU B 77 17.49 -7.55 -59.73
CA LEU B 77 16.86 -6.24 -59.76
C LEU B 77 17.45 -5.39 -58.64
N LEU B 78 17.92 -4.19 -58.99
CA LEU B 78 18.66 -3.35 -58.07
C LEU B 78 17.86 -2.09 -57.76
N ARG B 79 17.64 -1.84 -56.47
CA ARG B 79 16.89 -0.67 -56.03
C ARG B 79 17.62 0.60 -56.44
N VAL B 80 16.89 1.54 -57.05
CA VAL B 80 17.53 2.67 -57.72
C VAL B 80 17.89 3.76 -56.72
N VAL B 81 16.91 4.23 -55.94
CA VAL B 81 17.14 5.33 -55.02
C VAL B 81 18.00 4.86 -53.85
N ASN B 82 18.88 5.76 -53.37
CA ASN B 82 19.80 5.45 -52.28
C ASN B 82 19.53 6.33 -51.06
N GLY B 83 18.27 6.66 -50.80
CA GLY B 83 17.92 7.51 -49.69
C GLY B 83 17.99 6.79 -48.35
N PRO B 84 17.04 7.08 -47.47
CA PRO B 84 17.00 6.39 -46.18
C PRO B 84 16.64 4.91 -46.36
N ILE B 85 17.21 4.09 -45.49
CA ILE B 85 16.92 2.66 -45.48
C ILE B 85 15.79 2.39 -44.50
N TRP B 86 14.65 1.93 -45.02
CA TRP B 86 13.49 1.58 -44.21
C TRP B 86 13.37 0.06 -44.14
N ALA B 87 12.93 -0.43 -42.99
CA ALA B 87 12.76 -1.87 -42.81
C ALA B 87 11.70 -2.44 -43.76
N ASP B 88 10.69 -1.64 -44.10
CA ASP B 88 9.64 -2.10 -45.00
C ASP B 88 10.15 -2.35 -46.41
N MET B 89 11.30 -1.77 -46.78
CA MET B 89 11.90 -2.05 -48.08
C MET B 89 12.37 -3.49 -48.18
N PHE B 90 12.52 -4.18 -47.05
CA PHE B 90 12.97 -5.57 -47.03
C PHE B 90 11.87 -6.54 -46.64
N GLY B 91 10.63 -6.07 -46.48
CA GLY B 91 9.50 -6.94 -46.23
C GLY B 91 8.86 -6.79 -44.87
N ALA B 92 9.30 -5.85 -44.04
CA ALA B 92 8.66 -5.63 -42.76
C ALA B 92 7.24 -5.12 -42.98
N LEU B 93 6.27 -5.78 -42.35
CA LEU B 93 4.87 -5.48 -42.59
C LEU B 93 4.24 -4.84 -41.37
N PRO B 94 3.84 -3.58 -41.43
CA PRO B 94 3.25 -2.93 -40.26
C PRO B 94 1.90 -3.54 -39.90
N ASN B 95 1.73 -3.79 -38.59
CA ASN B 95 0.42 -4.13 -38.01
C ASN B 95 -0.17 -5.39 -38.65
N SER B 96 0.65 -6.43 -38.73
CA SER B 96 0.23 -7.73 -39.24
C SER B 96 0.69 -8.81 -38.27
N ASP B 97 0.34 -10.06 -38.56
CA ASP B 97 0.76 -11.20 -37.77
C ASP B 97 1.98 -11.91 -38.35
N ILE B 98 2.50 -11.43 -39.48
CA ILE B 98 3.68 -12.08 -40.06
C ILE B 98 4.92 -11.73 -39.22
N ASP B 99 5.93 -12.58 -39.35
CA ASP B 99 7.20 -12.36 -38.66
C ASP B 99 8.01 -11.33 -39.46
N SER B 100 8.17 -10.14 -38.89
CA SER B 100 8.92 -9.07 -39.52
C SER B 100 10.40 -9.08 -39.17
N MET B 101 10.83 -9.96 -38.26
CA MET B 101 12.23 -9.99 -37.87
C MET B 101 13.19 -10.33 -39.01
N PRO B 102 12.91 -11.31 -39.89
CA PRO B 102 13.84 -11.53 -41.02
C PRO B 102 14.07 -10.29 -41.86
N ALA B 103 13.03 -9.48 -42.09
CA ALA B 103 13.18 -8.27 -42.87
C ALA B 103 14.02 -7.24 -42.13
N VAL B 104 13.77 -7.05 -40.83
CA VAL B 104 14.55 -6.11 -40.04
C VAL B 104 16.02 -6.54 -40.01
N ALA B 105 16.25 -7.84 -39.84
CA ALA B 105 17.63 -8.35 -39.77
C ALA B 105 18.36 -8.11 -41.08
N ALA B 106 17.74 -8.46 -42.21
CA ALA B 106 18.36 -8.22 -43.51
C ALA B 106 18.52 -6.74 -43.79
N ALA B 107 17.53 -5.94 -43.40
CA ALA B 107 17.62 -4.49 -43.61
C ALA B 107 18.76 -3.89 -42.81
N TYR B 108 18.98 -4.36 -41.58
CA TYR B 108 20.08 -3.83 -40.79
C TYR B 108 21.42 -4.22 -41.40
N ALA B 109 21.55 -5.48 -41.82
CA ALA B 109 22.80 -5.94 -42.43
C ALA B 109 23.18 -5.06 -43.61
N TYR B 110 22.22 -4.73 -44.47
CA TYR B 110 22.50 -3.83 -45.57
C TYR B 110 22.88 -2.45 -45.08
N ALA B 111 22.10 -1.91 -44.13
CA ALA B 111 22.33 -0.56 -43.64
C ALA B 111 23.72 -0.43 -43.03
N ALA B 112 24.15 -1.43 -42.26
CA ALA B 112 25.50 -1.42 -41.72
C ALA B 112 26.54 -1.49 -42.83
N SER B 113 26.22 -2.19 -43.91
CA SER B 113 27.16 -2.30 -45.03
C SER B 113 27.42 -0.96 -45.69
N VAL B 114 26.46 -0.03 -45.60
CA VAL B 114 26.60 1.29 -46.21
C VAL B 114 26.83 2.38 -45.16
N ASN B 115 27.14 1.99 -43.92
CA ASN B 115 27.41 2.94 -42.84
C ASN B 115 26.26 3.93 -42.66
N THR B 116 25.03 3.41 -42.71
CA THR B 116 23.83 4.21 -42.57
C THR B 116 22.88 3.53 -41.61
N ASP B 117 22.20 4.31 -40.78
CA ASP B 117 21.26 3.75 -39.82
C ASP B 117 20.07 3.11 -40.53
N LEU B 118 19.41 2.20 -39.82
CA LEU B 118 18.18 1.58 -40.28
C LEU B 118 17.00 2.30 -39.61
N TYR B 119 16.09 2.82 -40.43
CA TYR B 119 14.87 3.45 -39.93
C TYR B 119 13.74 2.43 -39.86
N ILE B 120 12.93 2.53 -38.82
CA ILE B 120 11.72 1.73 -38.66
C ILE B 120 10.54 2.66 -38.45
N GLY B 121 9.52 2.52 -39.29
CA GLY B 121 8.35 3.37 -39.19
C GLY B 121 7.45 3.01 -38.03
N VAL B 122 6.65 3.99 -37.62
CA VAL B 122 5.76 3.80 -36.48
C VAL B 122 4.71 2.74 -36.82
N ALA B 123 4.70 1.66 -36.05
CA ALA B 123 3.72 0.58 -36.18
C ALA B 123 4.00 -0.49 -35.13
N THR B 124 3.19 -1.54 -35.13
CA THR B 124 3.48 -2.73 -34.33
C THR B 124 4.05 -3.80 -35.24
N TYR B 125 5.23 -4.32 -34.88
CA TYR B 125 5.88 -5.38 -35.62
C TYR B 125 5.99 -6.61 -34.74
N LYS B 126 5.87 -7.79 -35.36
CA LYS B 126 6.01 -9.05 -34.65
C LYS B 126 7.36 -9.67 -34.99
N PHE B 127 8.09 -10.05 -33.94
CA PHE B 127 9.37 -10.74 -34.06
C PHE B 127 9.15 -12.18 -33.60
N LYS B 128 9.35 -13.13 -34.50
CA LYS B 128 9.22 -14.55 -34.17
C LYS B 128 10.56 -15.25 -34.45
N GLY B 129 10.53 -16.58 -34.46
CA GLY B 129 11.75 -17.32 -34.66
C GLY B 129 12.62 -17.29 -33.42
N SER B 130 13.90 -17.62 -33.63
CA SER B 130 14.86 -17.68 -32.52
C SER B 130 16.20 -17.06 -32.89
N THR B 131 16.27 -16.26 -33.95
CA THR B 131 17.53 -15.70 -34.41
C THR B 131 17.69 -14.28 -33.89
N PRO B 132 18.69 -14.01 -33.07
CA PRO B 132 18.89 -12.64 -32.56
C PRO B 132 19.40 -11.71 -33.65
N ILE B 133 19.24 -10.41 -33.39
CA ILE B 133 19.79 -9.36 -34.23
C ILE B 133 20.92 -8.70 -33.45
N ASN B 134 22.13 -8.74 -34.02
CA ASN B 134 23.28 -8.06 -33.45
C ASN B 134 23.43 -6.70 -34.10
N VAL B 135 23.55 -5.66 -33.27
CA VAL B 135 23.73 -4.30 -33.74
C VAL B 135 25.20 -3.93 -33.57
N ASP B 136 25.81 -3.38 -34.63
CA ASP B 136 27.18 -2.91 -34.58
C ASP B 136 27.15 -1.38 -34.62
N PRO B 137 27.27 -0.69 -33.48
CA PRO B 137 27.15 0.78 -33.49
C PRO B 137 28.28 1.48 -34.23
N SER B 138 29.38 0.80 -34.53
CA SER B 138 30.40 1.42 -35.37
C SER B 138 29.90 1.61 -36.80
N ARG B 139 28.97 0.78 -37.24
CA ARG B 139 28.38 0.89 -38.57
C ARG B 139 27.02 1.57 -38.57
N ALA B 140 26.08 1.09 -37.76
CA ALA B 140 24.72 1.58 -37.86
C ALA B 140 23.93 1.23 -36.61
N GLY B 141 22.89 2.02 -36.33
CA GLY B 141 21.92 1.72 -35.31
C GLY B 141 20.55 1.52 -35.93
N ILE B 142 19.62 1.08 -35.07
CA ILE B 142 18.22 0.91 -35.46
C ILE B 142 17.43 2.04 -34.80
N ILE B 143 16.85 2.90 -35.64
CA ILE B 143 16.25 4.15 -35.19
C ILE B 143 14.79 4.17 -35.59
N GLY B 144 13.90 4.29 -34.60
CA GLY B 144 12.51 4.56 -34.89
C GLY B 144 12.37 5.97 -35.47
N TYR B 145 11.62 6.08 -36.56
CA TYR B 145 11.51 7.36 -37.28
C TYR B 145 10.06 7.56 -37.74
N GLN B 146 9.27 8.23 -36.91
CA GLN B 146 9.64 8.59 -35.54
C GLN B 146 8.38 8.63 -34.69
N GLY B 147 8.41 7.96 -33.55
CA GLY B 147 7.27 7.94 -32.67
C GLY B 147 7.30 6.68 -31.81
N LYS B 148 6.10 6.15 -31.54
CA LYS B 148 5.94 5.02 -30.63
C LYS B 148 6.00 3.73 -31.43
N VAL B 149 7.23 3.27 -31.68
CA VAL B 149 7.45 2.03 -32.41
C VAL B 149 7.33 0.86 -31.43
N ARG B 150 6.63 -0.19 -31.86
CA ARG B 150 6.25 -1.30 -31.00
C ARG B 150 6.76 -2.60 -31.61
N ILE B 151 7.63 -3.29 -30.89
CA ILE B 151 8.24 -4.54 -31.34
C ILE B 151 7.68 -5.65 -30.46
N ASP B 152 6.75 -6.43 -31.01
CA ASP B 152 6.09 -7.51 -30.26
C ASP B 152 6.92 -8.78 -30.42
N CYS B 153 7.64 -9.16 -29.36
CA CYS B 153 8.45 -10.37 -29.35
C CYS B 153 7.83 -11.48 -28.51
N SER B 154 6.50 -11.47 -28.34
CA SER B 154 5.85 -12.48 -27.50
C SER B 154 6.00 -13.89 -28.05
N GLU B 155 6.29 -14.04 -29.34
CA GLU B 155 6.46 -15.35 -29.96
C GLU B 155 7.91 -15.64 -30.31
N PHE B 156 8.83 -14.77 -29.91
CA PHE B 156 10.26 -15.02 -30.10
C PHE B 156 10.73 -16.05 -29.07
N THR B 157 11.44 -17.07 -29.54
CA THR B 157 11.88 -18.17 -28.68
C THR B 157 13.39 -18.23 -28.51
N GLY B 158 14.13 -17.24 -29.03
CA GLY B 158 15.57 -17.25 -28.92
C GLY B 158 16.07 -16.79 -27.56
N SER B 159 17.38 -16.95 -27.37
CA SER B 159 17.99 -16.58 -26.09
C SER B 159 17.86 -15.09 -25.81
N ILE B 160 18.22 -14.26 -26.80
CA ILE B 160 18.13 -12.81 -26.67
C ILE B 160 17.57 -12.24 -27.97
N VAL B 161 16.87 -11.12 -27.86
CA VAL B 161 16.31 -10.48 -29.04
C VAL B 161 17.35 -9.60 -29.72
N PHE B 162 17.94 -8.68 -28.98
CA PHE B 162 18.95 -7.76 -29.49
C PHE B 162 20.26 -7.97 -28.74
N SER B 163 21.36 -7.90 -29.48
CA SER B 163 22.69 -7.81 -28.89
C SER B 163 23.42 -6.63 -29.50
N ILE B 164 24.37 -6.09 -28.75
CA ILE B 164 25.13 -4.91 -29.19
C ILE B 164 26.61 -5.24 -29.05
N ASN B 165 27.31 -5.35 -30.18
CA ASN B 165 28.74 -5.66 -30.21
C ASN B 165 29.34 -5.00 -31.43
N SER B 166 30.54 -4.47 -31.28
CA SER B 166 31.29 -3.93 -32.41
C SER B 166 32.39 -4.89 -32.82
N LEU B 179 28.44 8.27 -34.74
CA LEU B 179 28.25 7.97 -33.33
C LEU B 179 26.77 7.92 -32.98
N SER B 180 25.97 7.40 -33.90
CA SER B 180 24.55 7.25 -33.66
C SER B 180 24.30 6.25 -32.53
N PRO B 181 23.17 6.38 -31.82
CA PRO B 181 22.82 5.35 -30.85
C PRO B 181 22.60 4.01 -31.53
N ALA B 182 22.86 2.93 -30.78
CA ALA B 182 22.63 1.59 -31.32
C ALA B 182 21.15 1.29 -31.44
N LEU B 183 20.36 1.74 -30.48
CA LEU B 183 18.91 1.58 -30.50
C LEU B 183 18.28 2.88 -30.04
N GLN B 184 17.14 3.25 -30.66
CA GLN B 184 16.47 4.48 -30.28
C GLN B 184 15.02 4.44 -30.73
N GLY B 185 14.11 4.74 -29.80
CA GLY B 185 12.71 4.91 -30.13
C GLY B 185 11.89 3.64 -30.22
N LEU B 186 12.26 2.59 -29.48
CA LEU B 186 11.67 1.28 -29.64
C LEU B 186 11.09 0.77 -28.32
N TYR B 187 9.82 0.38 -28.36
CA TYR B 187 9.21 -0.37 -27.26
C TYR B 187 9.30 -1.85 -27.63
N VAL B 188 10.14 -2.58 -26.90
CA VAL B 188 10.42 -3.99 -27.18
C VAL B 188 9.89 -4.81 -25.99
N PHE B 189 8.93 -5.68 -26.26
CA PHE B 189 8.30 -6.44 -25.19
C PHE B 189 8.16 -7.90 -25.59
N GLY B 190 8.12 -8.77 -24.58
CA GLY B 190 7.90 -10.19 -24.76
C GLY B 190 6.67 -10.67 -24.03
N ALA B 191 6.62 -11.97 -23.73
CA ALA B 191 5.49 -12.55 -23.00
C ALA B 191 5.95 -13.26 -21.73
N LYS B 192 7.07 -12.80 -21.17
CA LYS B 192 7.66 -13.39 -19.96
C LYS B 192 7.92 -14.88 -20.14
N THR B 193 8.46 -15.23 -21.31
CA THR B 193 8.83 -16.62 -21.58
C THR B 193 10.21 -16.90 -20.98
N SER B 194 10.30 -17.99 -20.23
CA SER B 194 11.57 -18.33 -19.60
C SER B 194 12.63 -18.64 -20.65
N GLY B 195 13.82 -18.08 -20.46
CA GLY B 195 14.91 -18.28 -21.40
C GLY B 195 14.96 -17.30 -22.55
N VAL B 196 14.02 -16.37 -22.63
CA VAL B 196 13.96 -15.37 -23.71
C VAL B 196 14.27 -14.02 -23.09
N ASP B 197 15.45 -13.50 -23.36
CA ASP B 197 15.90 -12.20 -22.85
C ASP B 197 15.69 -11.12 -23.89
N GLY B 198 15.65 -9.88 -23.43
CA GLY B 198 15.46 -8.75 -24.30
C GLY B 198 16.74 -8.24 -24.93
N LEU B 199 17.51 -7.47 -24.17
CA LEU B 199 18.72 -6.82 -24.67
C LEU B 199 19.94 -7.37 -23.95
N LEU B 200 20.93 -7.81 -24.73
CA LEU B 200 22.22 -8.21 -24.21
C LEU B 200 23.26 -7.17 -24.65
N VAL B 201 23.88 -6.52 -23.68
CA VAL B 201 24.90 -5.50 -23.94
C VAL B 201 26.24 -6.21 -23.90
N GLY B 202 26.79 -6.51 -25.07
CA GLY B 202 28.00 -7.28 -25.20
C GLY B 202 27.74 -8.69 -25.70
N ARG B 203 28.72 -9.56 -25.46
CA ARG B 203 28.68 -10.92 -25.95
C ARG B 203 28.60 -11.90 -24.78
N GLU B 204 28.10 -13.11 -25.07
CA GLU B 204 27.96 -14.14 -24.05
C GLU B 204 29.30 -14.76 -23.67
N THR B 205 30.31 -14.66 -24.55
CA THR B 205 31.62 -15.25 -24.31
C THR B 205 32.69 -14.21 -24.63
N VAL B 206 33.78 -14.25 -23.86
CA VAL B 206 34.88 -13.32 -24.08
C VAL B 206 35.54 -13.59 -25.43
N ASN B 213 37.58 -0.01 -28.11
CA ASN B 213 37.51 1.09 -27.15
C ASN B 213 36.67 2.25 -27.69
N GLY B 214 35.36 2.03 -27.79
CA GLY B 214 34.45 3.03 -28.28
C GLY B 214 33.36 3.35 -27.26
N GLN B 215 32.63 4.43 -27.53
CA GLN B 215 31.49 4.84 -26.72
C GLN B 215 30.23 4.62 -27.54
N THR B 216 29.21 4.05 -26.89
CA THR B 216 27.95 3.75 -27.54
C THR B 216 26.80 3.99 -26.58
N GLU B 217 25.60 4.11 -27.15
CA GLU B 217 24.47 4.62 -26.40
C GLU B 217 23.20 3.91 -26.82
N VAL B 218 22.33 3.65 -25.83
CA VAL B 218 20.96 3.21 -26.06
C VAL B 218 20.05 4.28 -25.49
N ARG B 219 19.20 4.85 -26.34
CA ARG B 219 18.33 5.96 -25.94
C ARG B 219 16.88 5.64 -26.24
N GLU B 220 16.00 6.16 -25.39
CA GLU B 220 14.57 6.26 -25.69
C GLU B 220 13.99 4.90 -26.08
N CYS B 221 14.29 3.88 -25.27
CA CYS B 221 13.78 2.54 -25.50
C CYS B 221 13.15 1.99 -24.23
N THR B 222 12.17 1.12 -24.40
CA THR B 222 11.51 0.43 -23.30
C THR B 222 11.64 -1.07 -23.50
N PHE B 223 12.07 -1.77 -22.45
CA PHE B 223 12.16 -3.22 -22.47
C PHE B 223 11.24 -3.77 -21.38
N ASP B 224 10.44 -4.77 -21.73
CA ASP B 224 9.28 -5.13 -20.93
C ASP B 224 8.94 -6.59 -21.16
N LYS B 225 8.61 -7.29 -20.09
CA LYS B 225 8.01 -8.64 -20.15
C LYS B 225 8.93 -9.65 -20.82
N PHE B 226 10.23 -9.54 -20.58
CA PHE B 226 11.16 -10.60 -20.93
C PHE B 226 11.56 -11.35 -19.66
N ASP B 227 12.33 -12.42 -19.82
CA ASP B 227 12.92 -13.08 -18.66
C ASP B 227 13.89 -12.13 -17.96
N ARG B 228 14.96 -11.76 -18.65
CA ARG B 228 15.84 -10.68 -18.25
C ARG B 228 15.75 -9.59 -19.31
N ASN B 229 15.21 -8.43 -18.92
CA ASN B 229 15.01 -7.35 -19.89
C ASN B 229 16.33 -6.84 -20.45
N ILE B 230 17.26 -6.49 -19.55
CA ILE B 230 18.56 -5.97 -19.93
C ILE B 230 19.62 -6.76 -19.17
N ARG B 231 20.59 -7.30 -19.90
CA ARG B 231 21.67 -8.09 -19.31
C ARG B 231 23.00 -7.62 -19.86
N MET B 232 23.97 -7.43 -18.98
CA MET B 232 25.32 -7.06 -19.38
C MET B 232 26.14 -8.31 -19.72
N GLY B 233 26.96 -8.20 -20.75
CA GLY B 233 27.86 -9.27 -21.12
C GLY B 233 29.29 -8.78 -21.22
N HIS B 234 30.17 -9.59 -21.79
CA HIS B 234 31.55 -9.16 -22.00
C HIS B 234 31.60 -8.14 -23.12
N ASN B 235 32.18 -6.97 -22.85
CA ASN B 235 32.38 -5.96 -23.87
C ASN B 235 33.26 -4.85 -23.30
N SER B 236 34.09 -4.26 -24.16
CA SER B 236 35.02 -3.21 -23.77
C SER B 236 34.52 -1.82 -24.11
N TRP B 237 33.35 -1.69 -24.74
CA TRP B 237 32.83 -0.40 -25.12
C TRP B 237 32.13 0.27 -23.94
N ARG B 238 32.27 1.58 -23.84
CA ARG B 238 31.57 2.36 -22.83
C ARG B 238 30.13 2.56 -23.27
N PHE B 239 29.19 2.17 -22.41
CA PHE B 239 27.77 2.21 -22.71
C PHE B 239 27.08 3.27 -21.87
N VAL B 240 26.19 4.03 -22.50
CA VAL B 240 25.38 5.05 -21.82
C VAL B 240 23.93 4.81 -22.18
N PHE B 241 23.06 4.82 -21.17
CA PHE B 241 21.62 4.68 -21.35
C PHE B 241 20.94 6.00 -21.02
N TYR B 242 20.03 6.44 -21.89
CA TYR B 242 19.28 7.68 -21.68
C TYR B 242 17.81 7.41 -21.94
N LYS B 243 16.97 7.76 -20.98
CA LYS B 243 15.51 7.61 -21.07
C LYS B 243 15.12 6.18 -21.46
N VAL B 244 15.70 5.21 -20.76
CA VAL B 244 15.39 3.80 -20.96
C VAL B 244 14.50 3.33 -19.82
N ASN B 245 13.41 2.65 -20.16
CA ASN B 245 12.54 2.01 -19.19
C ASN B 245 12.77 0.50 -19.19
N SER B 246 12.72 -0.09 -18.01
CA SER B 246 12.74 -1.55 -17.86
C SER B 246 11.74 -1.92 -16.78
N LEU B 247 10.82 -2.83 -17.09
CA LEU B 247 9.73 -3.14 -16.17
C LEU B 247 9.20 -4.54 -16.44
N ASN B 248 8.63 -5.12 -15.37
CA ASN B 248 7.76 -6.30 -15.45
C ASN B 248 8.46 -7.48 -16.12
N ALA B 249 9.63 -7.85 -15.61
CA ALA B 249 10.35 -9.00 -16.12
C ALA B 249 10.01 -10.24 -15.29
N LEU B 250 10.43 -11.40 -15.81
CA LEU B 250 10.14 -12.68 -15.17
C LEU B 250 11.21 -13.09 -14.17
N SER B 251 12.48 -12.98 -14.54
CA SER B 251 13.55 -13.43 -13.68
C SER B 251 13.64 -12.54 -12.43
N PRO B 252 14.05 -13.12 -11.30
CA PRO B 252 14.29 -12.27 -10.10
C PRO B 252 15.31 -11.17 -10.34
N ASN B 253 16.20 -11.32 -11.32
CA ASN B 253 17.14 -10.27 -11.71
C ASN B 253 16.77 -9.64 -13.04
N GLY B 254 15.47 -9.64 -13.37
CA GLY B 254 15.05 -9.36 -14.73
C GLY B 254 15.02 -7.90 -15.12
N ILE B 255 14.96 -6.99 -14.16
CA ILE B 255 14.96 -5.57 -14.50
C ILE B 255 16.29 -5.16 -15.12
N LEU B 256 17.39 -5.58 -14.49
CA LEU B 256 18.74 -5.29 -14.97
C LEU B 256 19.71 -6.22 -14.28
N TYR B 257 20.53 -6.94 -15.05
CA TYR B 257 21.39 -7.97 -14.49
C TYR B 257 22.81 -7.80 -15.00
N VAL B 258 23.75 -7.61 -14.08
CA VAL B 258 25.18 -7.58 -14.40
C VAL B 258 25.82 -8.82 -13.78
N PRO B 259 25.97 -9.90 -14.53
CA PRO B 259 26.47 -11.15 -13.94
C PRO B 259 27.95 -11.08 -13.61
N ALA B 260 28.38 -12.01 -12.78
CA ALA B 260 29.79 -12.11 -12.42
C ALA B 260 30.60 -12.63 -13.60
N GLY B 261 31.89 -12.28 -13.62
CA GLY B 261 32.79 -12.77 -14.63
C GLY B 261 32.97 -11.88 -15.84
N LEU B 262 32.69 -10.58 -15.72
CA LEU B 262 32.78 -9.67 -16.85
C LEU B 262 33.97 -8.73 -16.71
N ILE B 268 32.95 1.92 -16.93
CA ILE B 268 31.81 2.61 -16.32
C ILE B 268 30.54 2.41 -17.15
N LEU B 269 29.50 1.95 -16.48
CA LEU B 269 28.17 1.81 -17.08
C LEU B 269 27.29 2.91 -16.52
N SER B 270 26.78 3.77 -17.40
CA SER B 270 26.09 4.99 -17.00
C SER B 270 24.64 4.96 -17.45
N PHE B 271 23.75 5.44 -16.58
CA PHE B 271 22.32 5.54 -16.85
C PHE B 271 21.86 6.96 -16.52
N TYR B 272 21.16 7.59 -17.47
CA TYR B 272 20.65 8.94 -17.29
C TYR B 272 19.13 8.93 -17.46
N HIS B 273 18.43 9.38 -16.42
CA HIS B 273 16.97 9.51 -16.43
C HIS B 273 16.30 8.23 -16.92
N CYS B 274 16.75 7.10 -16.38
CA CYS B 274 16.16 5.81 -16.68
C CYS B 274 15.18 5.42 -15.56
N GLN B 275 14.24 4.56 -15.90
CA GLN B 275 13.21 4.16 -14.95
C GLN B 275 13.16 2.64 -14.88
N PHE B 276 13.38 2.11 -13.68
CA PHE B 276 13.38 0.67 -13.42
C PHE B 276 12.29 0.41 -12.39
N PHE B 277 11.21 -0.25 -12.80
CA PHE B 277 9.99 -0.18 -12.01
C PHE B 277 9.09 -1.38 -12.27
N ASP B 278 8.11 -1.54 -11.38
CA ASP B 278 7.00 -2.50 -11.52
C ASP B 278 7.47 -3.87 -11.95
N GLY B 279 8.46 -4.41 -11.23
CA GLY B 279 9.03 -5.69 -11.58
C GLY B 279 8.11 -6.86 -11.35
N ALA B 280 7.15 -6.73 -10.43
CA ALA B 280 6.24 -7.83 -10.06
C ALA B 280 7.04 -9.08 -9.68
N GLY B 281 8.17 -8.88 -9.00
CA GLY B 281 9.07 -9.95 -8.62
C GLY B 281 10.45 -9.86 -9.24
N SER B 282 10.62 -9.10 -10.32
CA SER B 282 11.91 -8.91 -10.93
C SER B 282 12.62 -7.71 -10.31
N ASN B 283 13.95 -7.75 -10.30
CA ASN B 283 14.75 -6.76 -9.59
C ASN B 283 16.02 -6.46 -10.38
N ILE B 284 16.84 -5.58 -9.81
CA ILE B 284 18.18 -5.30 -10.31
C ILE B 284 19.17 -6.07 -9.45
N ARG B 285 20.14 -6.72 -10.09
CA ARG B 285 21.21 -7.40 -9.37
C ARG B 285 22.54 -7.13 -10.05
N LEU B 286 23.49 -6.57 -9.29
CA LEU B 286 24.87 -6.42 -9.72
C LEU B 286 25.70 -7.48 -9.02
N SER B 287 26.24 -8.43 -9.78
CA SER B 287 27.02 -9.52 -9.22
C SER B 287 28.47 -9.53 -9.69
N CYS B 288 28.89 -8.55 -10.50
CA CYS B 288 30.22 -8.55 -11.09
C CYS B 288 31.17 -7.76 -10.21
N SER B 289 32.35 -8.34 -9.96
CA SER B 289 33.37 -7.68 -9.17
C SER B 289 34.08 -6.61 -10.00
N SER B 290 34.63 -5.62 -9.31
CA SER B 290 35.39 -4.53 -9.93
C SER B 290 34.60 -3.87 -11.05
N TYR B 291 33.34 -3.56 -10.76
CA TYR B 291 32.40 -3.03 -11.73
C TYR B 291 31.77 -1.76 -11.17
N THR B 292 31.70 -0.71 -12.00
CA THR B 292 31.21 0.59 -11.57
C THR B 292 29.95 0.95 -12.36
N MET B 293 28.90 1.36 -11.64
CA MET B 293 27.63 1.76 -12.24
C MET B 293 27.26 3.14 -11.72
N VAL B 294 26.80 4.00 -12.62
CA VAL B 294 26.41 5.36 -12.27
C VAL B 294 24.99 5.62 -12.80
N PHE B 295 24.09 6.00 -11.90
CA PHE B 295 22.71 6.36 -12.24
C PHE B 295 22.48 7.82 -11.89
N ASN B 296 22.00 8.60 -12.87
CA ASN B 296 21.66 10.00 -12.65
C ASN B 296 20.19 10.23 -12.96
N THR B 297 19.47 10.81 -11.99
CA THR B 297 18.05 11.12 -12.10
C THR B 297 17.23 9.91 -12.54
N CYS B 298 17.62 8.73 -12.06
CA CYS B 298 16.86 7.52 -12.29
C CYS B 298 15.86 7.30 -11.15
N SER B 299 14.93 6.38 -11.38
CA SER B 299 13.97 5.99 -10.34
C SER B 299 13.91 4.47 -10.26
N PHE B 300 13.82 3.97 -9.04
CA PHE B 300 13.70 2.54 -8.75
C PHE B 300 12.43 2.35 -7.96
N LEU B 301 11.38 1.83 -8.61
CA LEU B 301 10.04 1.79 -8.06
C LEU B 301 9.55 0.36 -7.95
N ASN B 302 9.17 -0.05 -6.74
CA ASN B 302 8.63 -1.38 -6.47
C ASN B 302 9.59 -2.48 -6.94
N ILE B 303 10.89 -2.24 -6.78
CA ILE B 303 11.92 -3.21 -7.10
C ILE B 303 13.02 -3.10 -6.04
N THR B 304 13.83 -4.15 -5.96
CA THR B 304 15.00 -4.17 -5.09
C THR B 304 16.26 -4.04 -5.94
N PHE B 305 17.24 -3.31 -5.43
CA PHE B 305 18.56 -3.20 -6.03
C PHE B 305 19.50 -4.06 -5.21
N PHE B 306 19.85 -5.24 -5.74
CA PHE B 306 20.78 -6.14 -5.08
C PHE B 306 22.20 -5.89 -5.56
N VAL B 307 23.15 -5.98 -4.64
CA VAL B 307 24.58 -5.98 -4.96
C VAL B 307 25.22 -7.10 -4.14
N ASP B 308 25.56 -8.20 -4.81
CA ASP B 308 26.23 -9.33 -4.16
C ASP B 308 27.57 -9.63 -4.80
N SER B 309 28.22 -8.60 -5.35
CA SER B 309 29.51 -8.79 -5.99
C SER B 309 30.54 -9.29 -4.99
N ALA B 310 31.45 -10.14 -5.47
CA ALA B 310 32.46 -10.72 -4.59
C ALA B 310 33.37 -9.64 -4.02
N SER B 311 33.70 -8.63 -4.81
CA SER B 311 34.61 -7.59 -4.34
C SER B 311 34.55 -6.36 -5.24
N SER B 312 34.59 -5.18 -4.62
CA SER B 312 34.96 -3.93 -5.29
C SER B 312 33.95 -3.50 -6.35
N ALA B 313 32.67 -3.71 -6.08
CA ALA B 313 31.62 -3.14 -6.92
C ALA B 313 31.26 -1.76 -6.40
N THR B 314 31.03 -0.83 -7.33
CA THR B 314 30.65 0.54 -6.97
C THR B 314 29.38 0.92 -7.70
N VAL B 315 28.40 1.42 -6.95
CA VAL B 315 27.17 1.96 -7.51
C VAL B 315 26.99 3.36 -6.94
N THR B 316 26.81 4.34 -7.82
CA THR B 316 26.59 5.72 -7.43
C THR B 316 25.27 6.20 -8.02
N CYS B 317 24.33 6.56 -7.16
CA CYS B 317 23.04 7.10 -7.57
C CYS B 317 22.99 8.57 -7.16
N ASN B 318 22.95 9.46 -8.15
CA ASN B 318 22.89 10.89 -7.92
C ASN B 318 21.53 11.40 -8.38
N GLY B 319 20.79 12.02 -7.47
CA GLY B 319 19.50 12.58 -7.81
C GLY B 319 18.47 11.55 -8.21
N CYS B 320 18.51 10.37 -7.59
CA CYS B 320 17.59 9.28 -7.89
C CYS B 320 16.50 9.18 -6.82
N ASN B 321 15.43 8.47 -7.15
CA ASN B 321 14.35 8.22 -6.21
C ASN B 321 14.17 6.72 -6.01
N PHE B 322 14.02 6.32 -4.75
CA PHE B 322 13.67 4.95 -4.38
C PHE B 322 12.32 5.02 -3.69
N GLU B 323 11.33 4.30 -4.21
CA GLU B 323 9.99 4.43 -3.67
C GLU B 323 9.21 3.13 -3.90
N ASN B 324 8.12 2.99 -3.14
CA ASN B 324 7.17 1.88 -3.20
C ASN B 324 5.79 2.34 -3.65
N PRO B 325 5.66 3.03 -4.78
CA PRO B 325 4.38 3.69 -5.08
C PRO B 325 3.23 2.70 -5.23
N GLY B 326 2.19 2.90 -4.44
CA GLY B 326 0.99 2.08 -4.50
C GLY B 326 1.16 0.64 -4.07
N SER B 327 2.24 0.30 -3.39
CA SER B 327 2.59 -1.08 -3.10
C SER B 327 2.43 -1.38 -1.62
N ALA B 328 2.02 -2.62 -1.33
CA ALA B 328 1.98 -3.12 0.04
C ALA B 328 3.23 -3.91 0.42
N SER B 329 4.13 -4.13 -0.53
CA SER B 329 5.26 -5.02 -0.32
C SER B 329 6.26 -4.41 0.67
N THR B 330 6.84 -5.28 1.49
CA THR B 330 7.90 -4.90 2.43
C THR B 330 9.29 -5.13 1.86
N ARG B 331 9.41 -5.31 0.54
CA ARG B 331 10.69 -5.57 -0.09
C ARG B 331 11.70 -4.47 0.24
N ARG B 332 12.97 -4.84 0.27
CA ARG B 332 14.03 -3.87 0.48
C ARG B 332 14.19 -2.97 -0.75
N TYR B 333 14.69 -1.76 -0.51
CA TYR B 333 15.07 -0.89 -1.63
C TYR B 333 16.47 -1.24 -2.13
N VAL B 334 17.43 -1.29 -1.23
CA VAL B 334 18.83 -1.57 -1.55
C VAL B 334 19.32 -2.68 -0.64
N ASP B 335 19.93 -3.71 -1.22
CA ASP B 335 20.40 -4.86 -0.44
C ASP B 335 21.80 -5.23 -0.93
N ILE B 336 22.81 -4.72 -0.24
CA ILE B 336 24.20 -5.13 -0.46
C ILE B 336 24.45 -6.33 0.46
N SER B 337 24.43 -7.53 -0.13
CA SER B 337 24.23 -8.75 0.65
C SER B 337 25.48 -9.63 0.80
N ALA B 338 26.55 -9.36 0.06
CA ALA B 338 27.71 -10.25 0.10
C ALA B 338 28.94 -9.49 -0.35
N GLY B 339 30.07 -10.18 -0.33
CA GLY B 339 31.32 -9.62 -0.79
C GLY B 339 31.95 -8.67 0.20
N HIS B 340 32.98 -7.99 -0.30
CA HIS B 340 33.72 -7.01 0.50
C HIS B 340 34.16 -5.87 -0.40
N THR B 341 34.31 -4.69 0.19
CA THR B 341 34.73 -3.48 -0.50
C THR B 341 33.74 -3.05 -1.59
N ASN B 342 32.49 -3.51 -1.50
CA ASN B 342 31.44 -2.97 -2.34
C ASN B 342 30.93 -1.66 -1.76
N VAL B 343 30.68 -0.69 -2.64
CA VAL B 343 30.29 0.66 -2.23
C VAL B 343 29.02 1.06 -2.97
N PHE B 344 28.05 1.59 -2.22
CA PHE B 344 26.81 2.10 -2.78
C PHE B 344 26.63 3.52 -2.28
N ASN B 345 26.62 4.48 -3.20
CA ASN B 345 26.47 5.89 -2.86
C ASN B 345 25.10 6.39 -3.28
N ILE B 346 24.42 7.08 -2.36
CA ILE B 346 23.18 7.78 -2.66
C ILE B 346 23.41 9.26 -2.39
N ILE B 347 23.34 10.05 -3.46
CA ILE B 347 23.61 11.48 -3.40
C ILE B 347 22.36 12.22 -3.88
N GLY B 348 21.83 13.09 -3.02
CA GLY B 348 20.65 13.85 -3.36
C GLY B 348 19.47 12.97 -3.73
N GLY B 349 18.54 13.50 -4.51
CA GLY B 349 17.37 12.72 -4.84
C GLY B 349 16.46 12.54 -3.63
N SER B 350 15.79 11.40 -3.57
CA SER B 350 14.81 11.18 -2.52
C SER B 350 14.66 9.69 -2.24
N ILE B 351 14.29 9.38 -1.00
CA ILE B 351 13.87 8.05 -0.59
C ILE B 351 12.50 8.20 0.05
N VAL B 352 11.48 7.58 -0.54
CA VAL B 352 10.10 7.77 -0.15
C VAL B 352 9.52 6.42 0.26
N THR B 353 8.85 6.39 1.42
CA THR B 353 8.34 5.16 2.01
C THR B 353 6.85 5.35 2.28
N ASN B 354 6.02 5.06 1.29
CA ASN B 354 4.58 5.13 1.48
C ASN B 354 4.13 4.06 2.47
N SER B 355 3.17 4.43 3.32
CA SER B 355 2.71 3.54 4.39
C SER B 355 2.19 2.23 3.81
N ASN B 356 2.44 1.14 4.53
CA ASN B 356 2.06 -0.20 4.07
C ASN B 356 1.56 -1.00 5.27
N PRO B 357 1.26 -2.30 5.14
CA PRO B 357 0.82 -3.06 6.33
C PRO B 357 1.80 -3.07 7.49
N GLY B 358 3.06 -2.69 7.28
CA GLY B 358 4.03 -2.70 8.35
C GLY B 358 5.41 -3.10 7.86
N GLN B 359 6.36 -2.17 7.96
CA GLN B 359 7.72 -2.38 7.43
C GLN B 359 8.54 -3.11 8.48
N THR B 360 8.45 -4.44 8.47
CA THR B 360 9.07 -5.27 9.50
C THR B 360 10.50 -5.68 9.16
N GLN B 361 11.10 -5.10 8.13
CA GLN B 361 12.50 -5.33 7.81
C GLN B 361 13.10 -4.04 7.27
N ALA B 362 14.42 -3.93 7.38
CA ALA B 362 15.10 -2.72 6.96
C ALA B 362 15.04 -2.58 5.45
N LEU B 363 14.76 -1.35 4.99
CA LEU B 363 14.67 -1.08 3.56
C LEU B 363 16.04 -0.91 2.91
N LEU B 364 17.06 -0.60 3.70
CA LEU B 364 18.44 -0.56 3.25
C LEU B 364 19.26 -1.53 4.08
N TYR B 365 20.14 -2.28 3.43
CA TYR B 365 20.93 -3.31 4.09
C TYR B 365 22.33 -3.32 3.49
N VAL B 366 23.35 -3.26 4.34
CA VAL B 366 24.74 -3.27 3.90
C VAL B 366 25.48 -4.34 4.72
N SER B 367 25.97 -5.37 4.03
CA SER B 367 26.57 -6.52 4.69
C SER B 367 28.00 -6.23 5.11
N THR B 368 28.60 -7.20 5.81
CA THR B 368 29.93 -7.04 6.38
C THR B 368 30.95 -6.65 5.32
N ASP B 369 31.85 -5.73 5.70
CA ASP B 369 32.96 -5.25 4.87
C ASP B 369 32.49 -4.45 3.66
N ASN B 370 31.24 -4.01 3.64
CA ASN B 370 30.71 -3.19 2.55
C ASN B 370 30.28 -1.85 3.11
N LEU B 371 30.05 -0.89 2.21
CA LEU B 371 29.83 0.50 2.62
C LEU B 371 28.64 1.09 1.88
N LEU B 372 27.83 1.85 2.61
CA LEU B 372 26.71 2.60 2.07
C LEU B 372 26.87 4.06 2.47
N ASN B 373 27.08 4.93 1.48
CA ASN B 373 27.28 6.36 1.72
CA ASN B 373 27.28 6.35 1.73
C ASN B 373 26.03 7.13 1.32
N LEU B 374 25.54 7.97 2.23
CA LEU B 374 24.39 8.83 1.99
C LEU B 374 24.84 10.27 2.06
N VAL B 375 24.54 11.04 1.02
CA VAL B 375 24.97 12.43 0.92
C VAL B 375 23.80 13.30 0.48
N GLY B 376 23.54 14.36 1.24
CA GLY B 376 22.57 15.37 0.85
C GLY B 376 21.18 14.84 0.59
N VAL B 377 20.78 13.77 1.27
CA VAL B 377 19.47 13.16 1.07
C VAL B 377 18.75 13.11 2.42
N THR B 378 17.43 13.26 2.37
CA THR B 378 16.61 13.19 3.56
C THR B 378 16.22 11.74 3.85
N ALA B 379 16.51 11.29 5.06
CA ALA B 379 16.04 9.97 5.49
C ALA B 379 14.57 10.06 5.88
N PRO B 380 13.70 9.28 5.28
CA PRO B 380 12.27 9.38 5.60
C PRO B 380 11.94 8.66 6.90
N TYR B 381 10.76 8.97 7.43
CA TYR B 381 10.21 8.23 8.54
C TYR B 381 8.72 8.04 8.35
N GLY B 382 8.22 6.90 8.82
CA GLY B 382 6.80 6.61 8.79
C GLY B 382 6.40 5.79 9.99
N GLY B 383 5.16 5.97 10.43
CA GLY B 383 4.68 5.23 11.59
C GLY B 383 4.68 3.73 11.39
N HIS B 384 4.60 3.28 10.13
CA HIS B 384 4.60 1.86 9.81
C HIS B 384 5.98 1.22 9.94
N TYR B 385 7.01 1.98 10.31
CA TYR B 385 8.35 1.43 10.46
C TYR B 385 8.38 0.44 11.63
N GLN B 386 8.76 -0.81 11.35
CA GLN B 386 8.84 -1.86 12.36
C GLN B 386 10.10 -2.69 12.18
N GLN B 387 11.21 -2.02 11.83
CA GLN B 387 12.42 -2.76 11.49
C GLN B 387 12.99 -3.54 12.66
N GLU B 388 12.61 -3.19 13.89
CA GLU B 388 13.07 -3.94 15.06
C GLU B 388 12.66 -5.40 15.00
N GLN B 389 11.63 -5.75 14.23
CA GLN B 389 11.30 -7.16 14.05
C GLN B 389 12.45 -7.92 13.44
N GLU B 390 13.21 -7.29 12.55
CA GLU B 390 14.38 -7.94 11.97
C GLU B 390 15.64 -7.70 12.79
N LEU B 391 15.91 -6.42 13.13
CA LEU B 391 17.17 -6.06 13.76
C LEU B 391 17.17 -6.27 15.27
N GLY B 392 15.99 -6.35 15.90
CA GLY B 392 15.89 -6.29 17.33
C GLY B 392 15.79 -4.89 17.89
N TYR B 393 16.05 -3.88 17.07
CA TYR B 393 16.01 -2.49 17.51
C TYR B 393 15.53 -1.62 16.36
N HIS B 394 15.10 -0.40 16.71
CA HIS B 394 14.42 0.49 15.78
C HIS B 394 15.47 1.36 15.07
N ALA B 395 15.79 1.00 13.83
CA ALA B 395 16.71 1.76 13.01
C ALA B 395 16.37 1.54 11.54
N PHE B 396 16.91 2.42 10.69
CA PHE B 396 16.51 2.42 9.28
C PHE B 396 17.28 1.42 8.43
N ILE B 397 18.56 1.19 8.72
CA ILE B 397 19.44 0.38 7.88
C ILE B 397 19.92 -0.82 8.67
N GLY B 398 19.88 -2.00 8.05
CA GLY B 398 20.39 -3.21 8.65
C GLY B 398 21.75 -3.60 8.09
N GLY B 399 22.25 -4.72 8.60
CA GLY B 399 23.50 -5.26 8.11
C GLY B 399 24.69 -4.83 8.95
N ALA B 400 25.72 -5.68 8.96
CA ALA B 400 26.92 -5.44 9.74
C ALA B 400 27.98 -4.65 8.97
N GLY B 401 27.61 -4.01 7.88
CA GLY B 401 28.52 -3.16 7.14
C GLY B 401 28.67 -1.79 7.78
N THR B 402 29.09 -0.84 6.96
CA THR B 402 29.35 0.52 7.42
C THR B 402 28.46 1.50 6.65
N VAL B 403 27.98 2.53 7.36
CA VAL B 403 27.18 3.60 6.77
C VAL B 403 27.85 4.92 7.10
N THR B 404 27.98 5.78 6.09
CA THR B 404 28.45 7.14 6.28
C THR B 404 27.35 8.11 5.82
N THR B 405 27.28 9.26 6.51
CA THR B 405 26.33 10.30 6.18
C THR B 405 27.04 11.64 6.13
N SER B 406 26.70 12.45 5.11
CA SER B 406 27.19 13.81 5.02
C SER B 406 26.08 14.67 4.43
N GLY B 407 25.66 15.69 5.18
CA GLY B 407 24.57 16.53 4.74
C GLY B 407 23.22 15.83 4.73
N VAL B 408 23.08 14.74 5.47
CA VAL B 408 21.82 14.01 5.51
C VAL B 408 20.85 14.72 6.44
N MET B 409 19.60 14.84 6.00
CA MET B 409 18.54 15.45 6.79
C MET B 409 17.65 14.36 7.40
N LEU B 410 17.34 14.52 8.67
CA LEU B 410 16.36 13.69 9.35
C LEU B 410 15.04 14.43 9.43
N GLN B 411 13.94 13.67 9.44
CA GLN B 411 12.60 14.27 9.50
C GLN B 411 12.25 14.49 10.97
N LEU B 412 12.79 15.59 11.52
CA LEU B 412 12.68 15.88 12.94
C LEU B 412 11.29 16.37 13.34
N ARG B 413 10.49 16.83 12.39
CA ARG B 413 9.16 17.35 12.67
C ARG B 413 8.07 16.38 12.23
N ASN B 414 8.44 15.17 11.81
CA ASN B 414 7.48 14.15 11.45
C ASN B 414 6.69 13.74 12.70
N GLY B 415 5.36 13.87 12.63
CA GLY B 415 4.54 13.59 13.79
C GLY B 415 4.64 12.15 14.27
N ALA B 416 4.91 11.22 13.35
CA ALA B 416 5.06 9.82 13.74
C ALA B 416 6.39 9.54 14.42
N GLY B 417 7.42 10.36 14.17
CA GLY B 417 8.66 10.26 14.89
C GLY B 417 9.86 10.29 13.96
N THR B 418 10.96 9.75 14.47
CA THR B 418 12.24 9.68 13.78
C THR B 418 13.02 8.52 14.39
N CYS B 419 13.88 7.91 13.60
CA CYS B 419 14.69 6.79 14.07
C CYS B 419 16.14 6.98 13.66
N PRO B 420 17.08 6.39 14.41
CA PRO B 420 18.47 6.40 13.97
C PRO B 420 18.64 5.56 12.71
N LEU B 421 19.78 5.76 12.05
CA LEU B 421 19.98 5.14 10.75
C LEU B 421 20.68 3.78 10.83
N HIS B 422 21.76 3.68 11.60
CA HIS B 422 22.56 2.45 11.54
C HIS B 422 23.36 2.27 12.81
N SER B 423 23.73 1.01 13.07
CA SER B 423 24.58 0.68 14.21
C SER B 423 25.96 1.31 14.08
N SER B 424 26.48 1.39 12.85
CA SER B 424 27.82 1.92 12.61
C SER B 424 27.93 3.40 12.94
N LEU B 425 26.82 4.09 13.19
CA LEU B 425 26.83 5.50 13.53
C LEU B 425 26.51 5.76 14.99
N SER B 426 26.58 4.73 15.83
CA SER B 426 26.28 4.86 17.26
C SER B 426 27.10 5.96 17.90
N THR B 427 26.42 6.89 18.56
CA THR B 427 27.11 7.94 19.29
C THR B 427 27.80 7.40 20.54
N PHE B 428 27.28 6.31 21.11
CA PHE B 428 27.69 5.85 22.42
C PHE B 428 28.31 4.45 22.33
N SER B 429 29.35 4.23 23.12
CA SER B 429 30.05 2.95 23.12
C SER B 429 29.29 1.92 23.95
N ASN B 430 29.46 0.65 23.57
CA ASN B 430 28.77 -0.46 24.21
C ASN B 430 27.26 -0.25 24.18
N TRP B 431 26.77 0.32 23.07
CA TRP B 431 25.36 0.67 22.93
C TRP B 431 24.47 -0.57 22.94
N ASN B 432 24.97 -1.69 22.43
CA ASN B 432 24.23 -2.94 22.41
C ASN B 432 24.68 -3.89 23.51
N PHE B 433 25.55 -3.44 24.40
CA PHE B 433 26.11 -4.26 25.47
C PHE B 433 26.84 -5.48 24.92
N GLY B 434 27.36 -5.35 23.70
CA GLY B 434 28.17 -6.39 23.08
C GLY B 434 29.53 -6.58 23.71
N TYR B 435 29.96 -5.64 24.57
CA TYR B 435 31.18 -5.84 25.33
C TYR B 435 31.10 -7.07 26.23
N GLY B 436 29.89 -7.53 26.55
CA GLY B 436 29.69 -8.54 27.56
C GLY B 436 29.65 -8.02 28.97
N ASN B 437 29.57 -6.70 29.14
CA ASN B 437 29.62 -6.07 30.46
C ASN B 437 28.91 -4.72 30.37
N LEU B 438 29.04 -3.93 31.43
CA LEU B 438 28.45 -2.59 31.50
C LEU B 438 29.50 -1.49 31.39
N ASN B 439 30.66 -1.79 30.80
CA ASN B 439 31.70 -0.78 30.64
C ASN B 439 31.22 0.33 29.71
N ALA B 440 31.89 1.48 29.82
CA ALA B 440 31.60 2.76 29.17
C ALA B 440 30.35 3.41 29.74
N TRP B 441 29.57 2.73 30.58
CA TRP B 441 28.38 3.31 31.19
C TRP B 441 28.68 3.65 32.65
N THR B 442 28.43 4.91 33.01
CA THR B 442 28.62 5.37 34.39
C THR B 442 27.35 5.06 35.18
N VAL B 443 27.48 4.18 36.18
CA VAL B 443 26.35 3.73 36.98
C VAL B 443 26.39 4.47 38.31
N ASP B 444 25.30 5.19 38.62
CA ASP B 444 25.18 5.95 39.86
C ASP B 444 23.92 5.48 40.57
N LYS B 445 24.09 4.64 41.59
CA LYS B 445 22.96 4.15 42.37
C LYS B 445 22.48 5.16 43.41
N GLY B 446 23.23 6.23 43.65
CA GLY B 446 22.86 7.18 44.68
C GLY B 446 23.01 6.56 46.06
N THR B 447 22.11 6.96 46.97
CA THR B 447 22.07 6.33 48.29
C THR B 447 21.55 4.91 48.25
N GLY B 448 21.06 4.45 47.10
CA GLY B 448 20.52 3.11 46.98
C GLY B 448 21.59 2.07 46.76
N THR B 449 22.42 1.85 47.78
CA THR B 449 23.47 0.84 47.69
C THR B 449 22.89 -0.55 47.44
N SER B 450 21.63 -0.77 47.82
CA SER B 450 20.96 -2.05 47.60
C SER B 450 20.43 -2.20 46.18
N SER B 451 20.37 -1.12 45.41
CA SER B 451 19.86 -1.20 44.04
C SER B 451 20.77 -2.06 43.17
N VAL B 452 20.17 -2.89 42.33
CA VAL B 452 20.89 -3.82 41.49
C VAL B 452 20.95 -3.30 40.06
N VAL B 453 22.16 -3.26 39.50
CA VAL B 453 22.39 -2.88 38.11
C VAL B 453 23.35 -3.93 37.55
N GLU B 454 22.85 -4.77 36.63
CA GLU B 454 23.60 -5.93 36.20
C GLU B 454 23.52 -6.08 34.69
N TYR B 455 24.55 -6.70 34.12
CA TYR B 455 24.54 -7.13 32.72
C TYR B 455 23.98 -8.55 32.67
N LEU B 456 23.02 -8.76 31.77
CA LEU B 456 22.40 -10.07 31.59
C LEU B 456 22.59 -10.52 30.15
N ALA B 457 23.27 -11.65 29.96
CA ALA B 457 23.54 -12.17 28.63
C ALA B 457 22.30 -12.88 28.08
N ASN B 458 22.16 -12.81 26.75
CA ASN B 458 21.06 -13.47 26.04
C ASN B 458 19.70 -13.06 26.60
N ALA B 459 19.58 -11.80 27.02
CA ALA B 459 18.38 -11.31 27.66
C ALA B 459 17.71 -10.16 26.92
N GLY B 460 18.24 -9.76 25.76
CA GLY B 460 17.66 -8.68 25.00
C GLY B 460 16.44 -9.13 24.21
N PRO B 461 16.04 -8.32 23.22
CA PRO B 461 14.83 -8.68 22.45
C PRO B 461 14.93 -10.00 21.70
N LYS B 462 16.06 -10.27 21.03
CA LYS B 462 16.20 -11.50 20.28
C LYS B 462 16.65 -12.68 21.13
N GLY B 463 16.98 -12.45 22.40
CA GLY B 463 17.51 -13.51 23.23
C GLY B 463 18.91 -13.95 22.88
N THR B 464 19.61 -13.19 22.03
CA THR B 464 20.98 -13.51 21.62
C THR B 464 21.94 -12.37 21.91
N GLU B 465 21.50 -11.36 22.65
CA GLU B 465 22.26 -10.13 22.86
C GLU B 465 22.25 -9.78 24.34
N GLY B 466 23.18 -8.92 24.72
CA GLY B 466 23.24 -8.45 26.09
C GLY B 466 22.12 -7.48 26.41
N ALA B 467 21.91 -7.28 27.71
CA ALA B 467 20.94 -6.33 28.20
C ALA B 467 21.36 -5.86 29.59
N MET B 468 20.93 -4.65 29.94
CA MET B 468 21.22 -4.09 31.26
C MET B 468 19.92 -4.03 32.06
N ARG B 469 19.90 -4.73 33.18
CA ARG B 469 18.76 -4.74 34.08
C ARG B 469 19.01 -3.78 35.23
N VAL B 470 18.04 -2.91 35.51
CA VAL B 470 18.12 -1.95 36.59
C VAL B 470 16.87 -2.10 37.44
N ALA B 471 17.04 -2.45 38.71
CA ALA B 471 15.95 -2.54 39.67
C ALA B 471 16.34 -1.74 40.91
N PRO B 472 16.10 -0.44 40.91
CA PRO B 472 16.48 0.39 42.05
C PRO B 472 15.65 0.07 43.29
N VAL B 473 16.24 0.35 44.45
CA VAL B 473 15.58 0.17 45.74
C VAL B 473 15.67 1.47 46.49
N SER B 474 14.52 1.99 46.95
CA SER B 474 14.39 3.17 47.80
C SER B 474 14.63 4.48 47.04
N VAL B 475 15.68 4.53 46.21
CA VAL B 475 15.97 5.72 45.41
C VAL B 475 16.35 5.30 44.00
N GLY B 476 16.18 6.23 43.06
CA GLY B 476 16.40 5.93 41.66
C GLY B 476 17.86 5.80 41.30
N THR B 477 18.10 5.06 40.21
CA THR B 477 19.42 4.85 39.67
C THR B 477 19.53 5.51 38.31
N ASN B 478 20.69 6.13 38.04
CA ASN B 478 20.94 6.82 36.78
C ASN B 478 22.18 6.23 36.13
N VAL B 479 22.02 5.75 34.88
CA VAL B 479 23.12 5.25 34.08
C VAL B 479 23.32 6.23 32.93
N SER B 480 24.57 6.65 32.72
CA SER B 480 24.86 7.71 31.77
C SER B 480 26.16 7.43 31.03
N GLN B 481 26.30 8.08 29.87
CA GLN B 481 27.52 8.07 29.09
C GLN B 481 27.60 9.36 28.29
N VAL B 482 28.78 9.96 28.25
CA VAL B 482 29.03 11.20 27.53
C VAL B 482 30.04 10.94 26.44
N GLN B 483 29.84 11.58 25.28
CA GLN B 483 30.78 11.48 24.17
C GLN B 483 30.89 12.84 23.50
N ALA B 484 31.88 12.97 22.63
CA ALA B 484 32.12 14.22 21.93
C ALA B 484 31.18 14.38 20.75
N VAL B 485 30.79 15.63 20.49
CA VAL B 485 29.94 15.97 19.35
C VAL B 485 30.02 17.47 19.19
N THR B 486 29.70 17.97 17.99
CA THR B 486 29.72 19.41 17.78
C THR B 486 28.82 19.77 16.61
N ASN B 487 28.38 21.02 16.61
CA ASN B 487 27.64 21.57 15.48
C ASN B 487 28.52 21.55 14.23
N PRO B 488 27.91 21.41 13.04
CA PRO B 488 26.47 21.22 12.81
C PRO B 488 26.06 19.76 12.94
N GLY B 489 24.81 19.49 13.27
CA GLY B 489 24.40 18.11 13.45
C GLY B 489 22.92 17.99 13.72
N MET B 490 22.41 16.79 13.45
CA MET B 490 21.05 16.39 13.75
C MET B 490 21.13 15.02 14.42
N PHE B 491 20.17 14.71 15.28
CA PHE B 491 20.24 13.44 15.99
C PHE B 491 18.86 12.83 16.17
N SER B 492 18.86 11.51 16.35
CA SER B 492 17.69 10.74 16.72
C SER B 492 18.17 9.49 17.43
N MET B 493 17.45 9.09 18.47
CA MET B 493 17.84 7.92 19.26
C MET B 493 16.63 7.04 19.49
N SER B 494 16.84 5.72 19.43
CA SER B 494 15.85 4.73 19.82
C SER B 494 16.43 3.84 20.90
N CYS B 495 15.55 3.34 21.77
CA CYS B 495 15.93 2.41 22.83
C CYS B 495 14.95 1.25 22.85
N MET B 496 15.45 0.08 23.21
CA MET B 496 14.61 -1.08 23.48
C MET B 496 14.49 -1.24 25.00
N VAL B 497 13.25 -1.24 25.49
CA VAL B 497 12.98 -1.19 26.92
C VAL B 497 11.91 -2.20 27.26
N ASN B 498 12.12 -2.98 28.32
CA ASN B 498 11.15 -3.95 28.81
C ASN B 498 10.96 -3.72 30.31
N ILE B 499 9.83 -3.10 30.66
CA ILE B 499 9.49 -2.87 32.07
C ILE B 499 8.82 -4.13 32.61
N ALA B 500 9.49 -4.81 33.54
CA ALA B 500 8.89 -5.98 34.16
C ALA B 500 7.85 -5.58 35.19
N THR B 501 8.19 -4.63 36.05
CA THR B 501 7.24 -4.07 37.02
C THR B 501 7.69 -2.66 37.37
N THR B 502 6.73 -1.83 37.78
CA THR B 502 7.00 -0.44 38.10
C THR B 502 5.88 0.08 38.98
N PRO B 503 6.19 0.96 39.94
CA PRO B 503 5.12 1.59 40.73
C PRO B 503 4.28 2.53 39.86
N GLY B 504 4.94 3.48 39.21
CA GLY B 504 4.30 4.36 38.26
C GLY B 504 5.11 4.47 36.99
N ASN B 505 5.38 5.70 36.54
CA ASN B 505 6.28 5.90 35.42
C ASN B 505 7.65 5.33 35.75
N ALA B 506 8.11 4.37 34.95
CA ALA B 506 9.29 3.60 35.28
C ALA B 506 10.57 4.44 35.27
N GLY B 507 10.56 5.57 34.61
CA GLY B 507 11.74 6.41 34.56
C GLY B 507 11.73 7.25 33.30
N GLN B 508 12.92 7.62 32.84
CA GLN B 508 13.05 8.52 31.71
C GLN B 508 14.44 8.41 31.10
N VAL B 509 14.49 8.35 29.78
CA VAL B 509 15.73 8.46 29.01
C VAL B 509 15.85 9.89 28.54
N SER B 510 17.03 10.48 28.72
CA SER B 510 17.22 11.89 28.39
C SER B 510 18.53 12.07 27.63
N ILE B 511 18.57 13.10 26.80
CA ILE B 511 19.77 13.47 26.04
C ILE B 511 20.03 14.95 26.30
N GLY B 512 21.26 15.27 26.74
CA GLY B 512 21.65 16.64 26.97
C GLY B 512 22.94 16.95 26.25
N PHE B 513 23.17 18.25 26.07
CA PHE B 513 24.37 18.74 25.40
C PHE B 513 25.12 19.69 26.33
N LEU B 514 26.45 19.64 26.24
CA LEU B 514 27.34 20.45 27.05
C LEU B 514 28.43 21.04 26.18
N ASP B 515 28.95 22.19 26.59
CA ASP B 515 30.15 22.71 25.94
C ASP B 515 31.38 22.06 26.57
N ALA B 516 32.56 22.44 26.09
CA ALA B 516 33.79 21.85 26.60
C ALA B 516 34.02 22.18 28.07
N ALA B 517 33.44 23.27 28.57
CA ALA B 517 33.57 23.67 29.96
C ALA B 517 32.54 23.02 30.87
N GLY B 518 31.71 22.11 30.34
CA GLY B 518 30.71 21.42 31.13
C GLY B 518 29.40 22.16 31.30
N ASN B 519 29.25 23.34 30.72
CA ASN B 519 28.01 24.09 30.86
C ASN B 519 26.89 23.44 30.07
N SER B 520 25.73 23.27 30.72
CA SER B 520 24.57 22.70 30.04
C SER B 520 24.05 23.67 28.98
N LEU B 521 23.59 23.13 27.87
CA LEU B 521 23.13 23.91 26.73
C LEU B 521 21.66 23.65 26.48
N PRO B 522 20.97 24.56 25.79
CA PRO B 522 19.58 24.30 25.40
C PRO B 522 19.52 23.19 24.35
N GLY B 523 18.30 22.70 24.14
CA GLY B 523 18.09 21.62 23.20
C GLY B 523 18.07 20.23 23.79
N GLY B 524 17.92 20.12 25.11
CA GLY B 524 17.80 18.80 25.72
C GLY B 524 16.43 18.19 25.48
N VAL B 525 16.43 16.86 25.38
CA VAL B 525 15.20 16.11 25.11
C VAL B 525 15.12 14.94 26.07
N SER B 526 13.90 14.53 26.39
CA SER B 526 13.67 13.43 27.31
C SER B 526 12.47 12.62 26.86
N ALA B 527 12.48 11.33 27.20
CA ALA B 527 11.38 10.42 26.91
C ALA B 527 11.04 9.65 28.17
N ASN B 528 9.77 9.71 28.57
CA ASN B 528 9.32 8.94 29.72
C ASN B 528 9.06 7.50 29.33
N LEU B 529 9.31 6.58 30.26
CA LEU B 529 9.22 5.16 29.98
C LEU B 529 7.81 4.61 30.15
N GLY B 530 6.96 5.26 30.95
CA GLY B 530 5.60 4.77 31.09
C GLY B 530 5.53 3.51 31.96
N THR B 531 4.40 2.82 31.83
CA THR B 531 4.12 1.65 32.67
C THR B 531 3.86 0.38 31.88
N THR B 532 3.80 0.43 30.55
CA THR B 532 3.46 -0.75 29.77
C THR B 532 4.59 -1.76 29.82
N THR B 533 4.24 -3.02 30.07
CA THR B 533 5.20 -4.11 30.16
C THR B 533 5.47 -4.72 28.79
N GLY B 534 6.62 -5.38 28.68
CA GLY B 534 7.01 -5.99 27.43
C GLY B 534 7.97 -5.13 26.64
N TRP B 535 8.69 -5.78 25.73
CA TRP B 535 9.66 -5.07 24.89
C TRP B 535 8.98 -3.99 24.06
N GLN B 536 9.56 -2.80 24.05
CA GLN B 536 8.96 -1.66 23.38
C GLN B 536 10.06 -0.67 22.97
N VAL B 537 9.74 0.14 21.97
CA VAL B 537 10.66 1.15 21.44
C VAL B 537 10.41 2.47 22.16
N ILE B 538 11.48 3.14 22.58
CA ILE B 538 11.40 4.42 23.26
C ILE B 538 12.23 5.43 22.46
N GLY B 539 11.67 6.62 22.24
CA GLY B 539 12.40 7.74 21.69
C GLY B 539 11.92 8.25 20.35
N LYS B 540 10.90 7.64 19.75
CA LYS B 540 10.55 7.91 18.36
C LYS B 540 10.32 9.39 18.09
N ASN B 541 9.39 10.01 18.82
CA ASN B 541 9.07 11.42 18.64
C ASN B 541 9.57 12.28 19.79
N THR B 542 10.49 11.77 20.60
CA THR B 542 11.01 12.48 21.75
C THR B 542 12.51 12.71 21.67
N LEU B 543 13.29 11.64 21.46
CA LEU B 543 14.75 11.72 21.50
C LEU B 543 15.27 12.06 20.11
N ARG B 544 15.14 13.34 19.76
CA ARG B 544 15.54 13.82 18.44
C ARG B 544 15.65 15.33 18.50
N GLY B 545 16.36 15.89 17.53
CA GLY B 545 16.49 17.33 17.42
C GLY B 545 17.77 17.72 16.71
N LYS B 546 18.09 19.01 16.83
CA LYS B 546 19.28 19.58 16.24
C LYS B 546 20.35 19.80 17.30
N VAL B 547 21.61 19.57 16.93
CA VAL B 547 22.73 19.79 17.83
C VAL B 547 22.87 21.29 18.06
N PRO B 548 22.79 21.76 19.29
CA PRO B 548 22.90 23.20 19.54
C PRO B 548 24.28 23.72 19.20
N ILE B 549 24.32 24.98 18.75
CA ILE B 549 25.59 25.59 18.35
C ILE B 549 26.45 25.79 19.59
N GLY B 550 27.71 25.37 19.51
CA GLY B 550 28.61 25.44 20.63
C GLY B 550 28.67 24.18 21.47
N ALA B 551 27.83 23.19 21.18
CA ALA B 551 27.89 21.92 21.88
C ALA B 551 29.21 21.23 21.59
N LYS B 552 29.85 20.70 22.64
CA LYS B 552 31.06 19.91 22.48
C LYS B 552 30.92 18.50 23.03
N GLN B 553 29.90 18.22 23.83
CA GLN B 553 29.66 16.89 24.38
C GLN B 553 28.17 16.59 24.30
N VAL B 554 27.86 15.30 24.18
CA VAL B 554 26.48 14.82 24.23
C VAL B 554 26.40 13.73 25.29
N ARG B 555 25.42 13.81 26.17
CA ARG B 555 25.30 12.91 27.31
C ARG B 555 23.89 12.33 27.33
N VAL B 556 23.80 11.00 27.32
CA VAL B 556 22.55 10.29 27.52
C VAL B 556 22.49 9.86 28.98
N ASN B 557 21.29 9.91 29.57
CA ASN B 557 21.10 9.46 30.95
C ASN B 557 19.85 8.59 31.01
N ILE B 558 19.99 7.42 31.62
CA ILE B 558 18.88 6.49 31.81
C ILE B 558 18.54 6.47 33.29
N GLN B 559 17.36 7.00 33.62
CA GLN B 559 16.89 7.06 35.00
C GLN B 559 15.81 6.01 35.20
N THR B 560 15.97 5.19 36.24
CA THR B 560 14.99 4.19 36.62
C THR B 560 14.52 4.49 38.03
N VAL B 561 13.21 4.51 38.23
CA VAL B 561 12.66 4.92 39.52
C VAL B 561 12.74 3.76 40.51
N ALA B 562 12.67 4.12 41.80
CA ALA B 562 12.72 3.11 42.86
C ALA B 562 11.52 2.19 42.79
N GLY B 563 11.76 0.89 42.98
CA GLY B 563 10.70 -0.09 42.91
C GLY B 563 10.38 -0.60 41.52
N ALA B 564 11.03 -0.06 40.50
CA ALA B 564 10.84 -0.52 39.12
C ALA B 564 11.95 -1.49 38.74
N ASP B 565 11.60 -2.45 37.90
CA ASP B 565 12.55 -3.45 37.39
C ASP B 565 12.46 -3.44 35.87
N VAL B 566 13.50 -2.92 35.21
CA VAL B 566 13.48 -2.64 33.79
C VAL B 566 14.74 -3.18 33.14
N LYS B 567 14.60 -3.79 31.97
CA LYS B 567 15.73 -4.20 31.14
C LYS B 567 15.88 -3.21 29.99
N TYR B 568 17.14 -2.89 29.67
CA TYR B 568 17.45 -1.94 28.60
C TYR B 568 18.37 -2.60 27.58
N ALA B 569 18.12 -2.32 26.31
CA ALA B 569 18.92 -2.89 25.24
C ALA B 569 18.91 -1.95 24.04
N TYR B 570 19.98 -2.02 23.25
CA TYR B 570 20.10 -1.30 21.98
C TYR B 570 19.86 0.20 22.15
N LEU B 571 20.74 0.84 22.91
CA LEU B 571 20.68 2.27 23.16
C LEU B 571 21.38 2.97 22.01
N LEU B 572 20.65 3.12 20.90
CA LEU B 572 21.23 3.56 19.63
C LEU B 572 20.90 5.01 19.37
N CYS B 573 21.91 5.87 19.43
CA CYS B 573 21.80 7.26 19.05
C CYS B 573 22.66 7.52 17.82
N ASN B 574 22.14 8.30 16.88
CA ASN B 574 22.86 8.72 15.69
C ASN B 574 22.89 10.23 15.62
N VAL B 575 24.08 10.80 15.49
CA VAL B 575 24.24 12.20 15.12
C VAL B 575 24.69 12.21 13.67
N VAL B 576 23.77 12.48 12.76
CA VAL B 576 24.06 12.41 11.33
C VAL B 576 24.94 13.59 10.94
N LYS B 577 26.20 13.31 10.63
CA LYS B 577 27.19 14.32 10.26
C LYS B 577 28.47 13.62 9.81
N PRO B 578 29.41 14.32 9.14
CA PRO B 578 30.62 13.62 8.65
C PRO B 578 31.45 12.96 9.75
N GLY C 11 -44.66 30.88 -30.85
CA GLY C 11 -43.60 30.39 -29.99
C GLY C 11 -42.77 29.29 -30.63
N TYR C 12 -41.78 29.70 -31.42
CA TYR C 12 -40.90 28.77 -32.12
C TYR C 12 -39.44 28.97 -31.77
N SER C 13 -39.17 29.69 -30.67
CA SER C 13 -37.81 29.90 -30.20
C SER C 13 -37.45 28.84 -29.17
N VAL C 14 -36.15 28.54 -29.09
CA VAL C 14 -35.64 27.51 -28.19
C VAL C 14 -34.54 28.11 -27.32
N GLU C 15 -34.32 27.48 -26.16
CA GLU C 15 -33.27 27.93 -25.25
C GLU C 15 -31.90 27.63 -25.81
N TYR C 16 -31.65 26.38 -26.18
CA TYR C 16 -30.45 25.87 -26.81
C TYR C 16 -30.81 25.25 -28.16
N PRO C 17 -29.87 25.21 -29.11
CA PRO C 17 -30.12 24.43 -30.32
C PRO C 17 -30.41 22.98 -29.96
N GLN C 18 -31.45 22.43 -30.60
CA GLN C 18 -31.99 21.13 -30.23
C GLN C 18 -31.77 20.12 -31.36
N PHE C 19 -31.38 18.91 -30.98
CA PHE C 19 -31.21 17.81 -31.91
C PHE C 19 -32.00 16.61 -31.42
N SER C 20 -32.77 15.99 -32.32
CA SER C 20 -33.71 14.95 -31.95
C SER C 20 -33.06 13.58 -31.76
N SER C 21 -31.81 13.40 -32.20
CA SER C 21 -31.19 12.10 -32.10
C SER C 21 -29.68 12.26 -32.10
N MET C 22 -29.00 11.20 -31.63
CA MET C 22 -27.54 11.15 -31.67
C MET C 22 -27.03 11.26 -33.10
N ALA C 23 -27.73 10.63 -34.05
CA ALA C 23 -27.31 10.69 -35.45
C ALA C 23 -27.35 12.11 -35.99
N LYS C 24 -28.43 12.84 -35.70
CA LYS C 24 -28.52 14.23 -36.14
C LYS C 24 -27.45 15.10 -35.49
N LEU C 25 -27.18 14.87 -34.20
CA LEU C 25 -26.13 15.62 -33.52
C LEU C 25 -24.77 15.40 -34.17
N LYS C 26 -24.48 14.16 -34.55
CA LYS C 26 -23.18 13.86 -35.16
C LYS C 26 -23.10 14.37 -36.60
N ALA C 27 -24.22 14.36 -37.33
CA ALA C 27 -24.20 14.75 -38.73
C ALA C 27 -24.09 16.26 -38.91
N PHE C 28 -24.57 17.04 -37.97
CA PHE C 28 -24.54 18.49 -38.10
C PHE C 28 -23.10 18.98 -38.03
N PRO C 29 -22.74 19.98 -38.85
CA PRO C 29 -21.37 20.55 -38.83
C PRO C 29 -21.18 21.59 -37.72
N HIS C 30 -21.00 21.11 -36.50
CA HIS C 30 -20.82 22.01 -35.37
C HIS C 30 -19.55 22.84 -35.56
N SER C 31 -19.68 24.15 -35.38
CA SER C 31 -18.58 25.07 -35.65
C SER C 31 -18.32 26.11 -34.57
N GLU C 32 -19.25 26.34 -33.64
CA GLU C 32 -19.08 27.39 -32.63
C GLU C 32 -18.50 26.76 -31.37
N ASP C 33 -17.24 27.05 -31.08
CA ASP C 33 -16.59 26.52 -29.89
C ASP C 33 -17.28 27.02 -28.63
N GLY C 34 -17.52 26.10 -27.69
CA GLY C 34 -18.14 26.43 -26.42
C GLY C 34 -19.65 26.46 -26.45
N GLN C 35 -20.26 26.35 -27.63
CA GLN C 35 -21.71 26.42 -27.74
C GLN C 35 -22.36 25.24 -27.03
N LEU C 36 -23.44 25.52 -26.31
CA LEU C 36 -24.21 24.50 -25.63
C LEU C 36 -25.37 24.08 -26.51
N VAL C 37 -25.48 22.78 -26.77
CA VAL C 37 -26.57 22.23 -27.56
C VAL C 37 -27.26 21.16 -26.72
N ARG C 38 -28.54 20.94 -27.03
CA ARG C 38 -29.35 19.98 -26.30
C ARG C 38 -29.64 18.78 -27.19
N LEU C 39 -29.36 17.59 -26.68
CA LEU C 39 -29.77 16.34 -27.30
C LEU C 39 -31.07 15.92 -26.65
N LEU C 40 -32.14 15.85 -27.44
CA LEU C 40 -33.43 15.47 -26.87
C LEU C 40 -33.44 14.01 -26.44
N SER C 41 -32.84 13.14 -27.25
CA SER C 41 -32.79 11.72 -26.95
C SER C 41 -31.67 11.09 -27.78
N TRP C 42 -31.08 10.02 -27.25
CA TRP C 42 -30.07 9.28 -28.01
C TRP C 42 -30.70 8.68 -29.27
N HIS C 43 -31.80 7.95 -29.10
CA HIS C 43 -32.58 7.45 -30.20
C HIS C 43 -33.77 8.38 -30.43
N GLU C 44 -34.05 8.68 -31.70
CA GLU C 44 -35.09 9.64 -32.05
C GLU C 44 -36.44 9.24 -31.45
N GLY C 45 -37.06 10.17 -30.73
CA GLY C 45 -38.40 9.98 -30.20
C GLY C 45 -38.48 9.23 -28.89
N VAL C 46 -37.42 8.56 -28.46
CA VAL C 46 -37.49 7.70 -27.28
C VAL C 46 -37.54 8.53 -26.00
N GLY C 47 -36.93 9.70 -25.99
CA GLY C 47 -36.88 10.50 -24.79
C GLY C 47 -35.97 9.99 -23.70
N LEU C 48 -34.91 9.28 -24.06
CA LEU C 48 -33.93 8.77 -23.12
C LEU C 48 -32.53 9.06 -23.61
N GLY C 49 -31.62 9.28 -22.67
CA GLY C 49 -30.22 9.48 -23.00
C GLY C 49 -29.85 10.88 -23.42
N GLY C 50 -30.79 11.81 -23.43
CA GLY C 50 -30.51 13.16 -23.83
C GLY C 50 -29.76 13.94 -22.76
N GLY C 51 -29.48 15.19 -23.09
CA GLY C 51 -28.77 16.06 -22.18
C GLY C 51 -28.15 17.21 -22.93
N LEU C 52 -27.42 18.03 -22.18
CA LEU C 52 -26.69 19.15 -22.76
C LEU C 52 -25.26 18.74 -23.11
N PHE C 53 -24.80 19.24 -24.25
CA PHE C 53 -23.44 18.98 -24.72
C PHE C 53 -22.76 20.30 -25.00
N LYS C 54 -21.46 20.37 -24.71
CA LYS C 54 -20.66 21.55 -25.00
C LYS C 54 -19.79 21.27 -26.21
N VAL C 55 -19.93 22.09 -27.25
CA VAL C 55 -19.11 21.93 -28.44
C VAL C 55 -17.68 22.37 -28.13
N SER C 56 -16.71 21.52 -28.49
CA SER C 56 -15.31 21.84 -28.32
C SER C 56 -14.57 21.52 -29.61
N THR C 57 -13.97 22.53 -30.23
CA THR C 57 -13.16 22.34 -31.41
C THR C 57 -11.71 22.01 -31.09
N SER C 58 -11.27 22.21 -29.85
CA SER C 58 -9.89 21.91 -29.47
C SER C 58 -9.71 20.51 -28.90
N SER C 59 -10.79 19.85 -28.49
CA SER C 59 -10.67 18.57 -27.80
C SER C 59 -10.20 17.47 -28.74
N THR C 60 -9.27 16.65 -28.24
CA THR C 60 -8.81 15.46 -28.93
C THR C 60 -9.25 14.18 -28.23
N ALA C 61 -10.25 14.27 -27.35
CA ALA C 61 -10.68 13.11 -26.59
C ALA C 61 -11.28 12.06 -27.51
N THR C 62 -11.07 10.79 -27.16
CA THR C 62 -11.58 9.69 -27.96
C THR C 62 -13.10 9.61 -27.83
N GLY C 63 -13.77 9.51 -28.98
CA GLY C 63 -15.21 9.40 -28.97
C GLY C 63 -15.69 8.08 -28.42
N ASN C 64 -16.83 8.11 -27.72
CA ASN C 64 -17.46 6.91 -27.20
C ASN C 64 -18.95 6.87 -27.47
N ASP C 65 -19.48 7.82 -28.23
CA ASP C 65 -20.91 7.88 -28.58
C ASP C 65 -21.80 8.00 -27.34
N GLY C 66 -21.27 8.56 -26.26
CA GLY C 66 -22.04 8.72 -25.05
C GLY C 66 -21.73 10.01 -24.31
N THR C 67 -20.57 10.07 -23.66
CA THR C 67 -20.11 11.28 -23.00
C THR C 67 -19.19 12.10 -23.87
N VAL C 68 -18.49 11.47 -24.80
CA VAL C 68 -17.64 12.15 -25.77
C VAL C 68 -18.15 11.79 -27.16
N VAL C 69 -18.73 12.77 -27.85
CA VAL C 69 -19.28 12.57 -29.19
C VAL C 69 -18.40 13.28 -30.19
N VAL C 70 -17.98 12.56 -31.23
CA VAL C 70 -17.20 13.12 -32.32
C VAL C 70 -18.12 13.28 -33.52
N ALA C 71 -18.35 14.53 -33.93
CA ALA C 71 -19.20 14.79 -35.08
C ALA C 71 -18.50 14.31 -36.36
N SER C 72 -19.28 14.30 -37.46
CA SER C 72 -18.75 13.84 -38.73
C SER C 72 -17.57 14.69 -39.20
N ASN C 73 -17.54 15.97 -38.83
CA ASN C 73 -16.44 16.85 -39.20
C ASN C 73 -15.27 16.80 -38.21
N GLY C 74 -15.32 15.90 -37.23
CA GLY C 74 -14.25 15.77 -36.26
C GLY C 74 -14.40 16.62 -35.02
N VAL C 75 -15.38 17.52 -34.97
CA VAL C 75 -15.58 18.37 -33.80
C VAL C 75 -16.15 17.55 -32.67
N ARG C 76 -15.61 17.75 -31.46
CA ARG C 76 -16.05 17.02 -30.28
C ARG C 76 -17.21 17.71 -29.60
N LEU C 77 -18.14 16.91 -29.06
CA LEU C 77 -19.23 17.40 -28.24
C LEU C 77 -19.18 16.67 -26.91
N LEU C 78 -19.05 17.42 -25.82
CA LEU C 78 -18.83 16.85 -24.50
C LEU C 78 -20.09 16.99 -23.65
N ARG C 79 -20.58 15.87 -23.14
CA ARG C 79 -21.81 15.86 -22.35
C ARG C 79 -21.59 16.54 -21.00
N VAL C 80 -22.55 17.39 -20.62
CA VAL C 80 -22.56 17.98 -19.29
C VAL C 80 -23.22 16.96 -18.35
N VAL C 81 -22.40 16.31 -17.53
CA VAL C 81 -22.85 15.19 -16.69
C VAL C 81 -22.86 15.65 -15.23
N ASN C 82 -24.03 15.54 -14.60
CA ASN C 82 -24.20 15.77 -13.17
C ASN C 82 -24.71 14.49 -12.51
N GLY C 83 -23.79 13.71 -11.93
CA GLY C 83 -24.16 12.51 -11.25
C GLY C 83 -23.57 11.28 -11.89
N PRO C 84 -24.19 10.12 -11.68
CA PRO C 84 -23.64 8.89 -12.23
C PRO C 84 -23.89 8.80 -13.72
N ILE C 85 -23.15 7.91 -14.37
CA ILE C 85 -23.34 7.63 -15.79
C ILE C 85 -24.53 6.70 -15.95
N TRP C 86 -25.35 6.96 -16.96
CA TRP C 86 -26.48 6.10 -17.28
C TRP C 86 -26.24 5.41 -18.62
N ALA C 87 -26.69 4.16 -18.72
CA ALA C 87 -26.46 3.38 -19.92
C ALA C 87 -27.16 3.98 -21.14
N ASP C 88 -28.33 4.59 -20.94
CA ASP C 88 -29.04 5.18 -22.06
C ASP C 88 -28.33 6.37 -22.68
N MET C 89 -27.34 6.95 -21.97
CA MET C 89 -26.48 7.96 -22.56
C MET C 89 -25.62 7.40 -23.68
N PHE C 90 -25.41 6.08 -23.70
CA PHE C 90 -24.61 5.42 -24.72
C PHE C 90 -25.47 4.66 -25.72
N GLY C 91 -26.78 4.88 -25.73
CA GLY C 91 -27.67 4.26 -26.67
C GLY C 91 -28.39 3.01 -26.23
N ALA C 92 -28.28 2.64 -24.95
CA ALA C 92 -29.02 1.49 -24.44
C ALA C 92 -30.52 1.76 -24.48
N LEU C 93 -31.29 0.77 -24.93
CA LEU C 93 -32.73 0.86 -25.10
C LEU C 93 -33.48 -0.13 -24.22
N PRO C 94 -34.47 0.33 -23.44
CA PRO C 94 -35.25 -0.60 -22.62
C PRO C 94 -36.11 -1.54 -23.47
N ASN C 95 -36.20 -2.79 -23.02
CA ASN C 95 -37.14 -3.78 -23.56
C ASN C 95 -36.99 -3.96 -25.07
N SER C 96 -35.77 -4.22 -25.52
CA SER C 96 -35.48 -4.40 -26.94
C SER C 96 -34.89 -5.78 -27.21
N ASP C 97 -35.07 -6.26 -28.44
CA ASP C 97 -34.42 -7.48 -28.90
C ASP C 97 -32.96 -7.28 -29.28
N ILE C 98 -32.49 -6.06 -29.38
CA ILE C 98 -31.10 -5.84 -29.77
C ILE C 98 -30.21 -6.09 -28.56
N ASP C 99 -29.03 -6.64 -28.82
CA ASP C 99 -28.07 -6.89 -27.76
C ASP C 99 -27.72 -5.58 -27.06
N SER C 100 -27.95 -5.53 -25.75
CA SER C 100 -27.66 -4.34 -24.97
C SER C 100 -26.29 -4.40 -24.30
N MET C 101 -25.62 -5.56 -24.35
CA MET C 101 -24.32 -5.66 -23.69
C MET C 101 -23.26 -4.72 -24.26
N PRO C 102 -23.14 -4.54 -25.59
CA PRO C 102 -22.16 -3.55 -26.08
C PRO C 102 -22.34 -2.15 -25.51
N ALA C 103 -23.58 -1.66 -25.45
CA ALA C 103 -23.81 -0.32 -24.92
C ALA C 103 -23.48 -0.25 -23.43
N VAL C 104 -23.89 -1.25 -22.66
CA VAL C 104 -23.58 -1.26 -21.23
C VAL C 104 -22.07 -1.39 -21.01
N ALA C 105 -21.41 -2.23 -21.81
CA ALA C 105 -19.97 -2.36 -21.71
C ALA C 105 -19.25 -1.05 -22.01
N ALA C 106 -19.69 -0.35 -23.06
CA ALA C 106 -19.09 0.94 -23.40
C ALA C 106 -19.37 1.97 -22.31
N ALA C 107 -20.61 2.01 -21.82
CA ALA C 107 -20.95 2.93 -20.73
C ALA C 107 -20.12 2.65 -19.48
N TYR C 108 -19.98 1.36 -19.12
CA TYR C 108 -19.18 1.03 -17.95
C TYR C 108 -17.71 1.39 -18.15
N ALA C 109 -17.20 1.17 -19.36
CA ALA C 109 -15.80 1.51 -19.65
C ALA C 109 -15.52 2.98 -19.37
N TYR C 110 -16.41 3.87 -19.82
CA TYR C 110 -16.25 5.29 -19.47
C TYR C 110 -16.42 5.51 -17.98
N ALA C 111 -17.48 4.94 -17.40
CA ALA C 111 -17.76 5.12 -15.99
C ALA C 111 -16.56 4.74 -15.13
N ALA C 112 -15.95 3.59 -15.42
CA ALA C 112 -14.78 3.16 -14.67
C ALA C 112 -13.61 4.10 -14.90
N SER C 113 -13.46 4.62 -16.12
CA SER C 113 -12.37 5.53 -16.42
C SER C 113 -12.43 6.81 -15.59
N VAL C 114 -13.62 7.22 -15.15
CA VAL C 114 -13.77 8.42 -14.34
C VAL C 114 -14.21 8.10 -12.91
N ASN C 115 -14.03 6.85 -12.47
CA ASN C 115 -14.33 6.44 -11.09
C ASN C 115 -15.76 6.79 -10.68
N THR C 116 -16.70 6.56 -11.59
CA THR C 116 -18.11 6.89 -11.36
C THR C 116 -18.96 5.67 -11.65
N ASP C 117 -19.98 5.44 -10.81
CA ASP C 117 -20.85 4.30 -11.02
C ASP C 117 -21.71 4.45 -12.27
N LEU C 118 -22.08 3.32 -12.84
CA LEU C 118 -22.99 3.26 -13.98
C LEU C 118 -24.39 2.85 -13.51
N TYR C 119 -25.38 3.67 -13.83
CA TYR C 119 -26.78 3.36 -13.54
C TYR C 119 -27.47 2.83 -14.80
N ILE C 120 -28.42 1.92 -14.59
CA ILE C 120 -29.21 1.36 -15.68
C ILE C 120 -30.69 1.52 -15.33
N GLY C 121 -31.45 2.08 -16.27
CA GLY C 121 -32.86 2.34 -16.03
C GLY C 121 -33.69 1.08 -15.93
N VAL C 122 -34.83 1.22 -15.26
CA VAL C 122 -35.73 0.10 -15.04
C VAL C 122 -36.21 -0.46 -16.37
N ALA C 123 -35.85 -1.72 -16.64
CA ALA C 123 -36.26 -2.43 -17.85
C ALA C 123 -35.69 -3.83 -17.90
N THR C 124 -36.01 -4.57 -18.97
CA THR C 124 -35.38 -5.84 -19.28
C THR C 124 -34.41 -5.64 -20.44
N TYR C 125 -33.20 -6.17 -20.29
CA TYR C 125 -32.17 -6.05 -21.31
C TYR C 125 -31.67 -7.44 -21.70
N LYS C 126 -31.35 -7.60 -22.97
CA LYS C 126 -30.80 -8.85 -23.49
C LYS C 126 -29.29 -8.73 -23.64
N PHE C 127 -28.57 -9.71 -23.10
CA PHE C 127 -27.12 -9.78 -23.23
C PHE C 127 -26.78 -10.94 -24.16
N LYS C 128 -26.16 -10.63 -25.30
CA LYS C 128 -25.78 -11.63 -26.29
C LYS C 128 -24.27 -11.60 -26.48
N GLY C 129 -23.80 -12.33 -27.48
CA GLY C 129 -22.37 -12.39 -27.72
C GLY C 129 -21.67 -13.29 -26.71
N SER C 130 -20.35 -13.11 -26.62
CA SER C 130 -19.53 -13.93 -25.73
C SER C 130 -18.50 -13.11 -24.97
N THR C 131 -18.66 -11.78 -24.89
CA THR C 131 -17.67 -10.94 -24.25
C THR C 131 -18.13 -10.60 -22.84
N PRO C 132 -17.42 -11.05 -21.80
CA PRO C 132 -17.82 -10.72 -20.43
C PRO C 132 -17.62 -9.24 -20.13
N ILE C 133 -18.34 -8.77 -19.12
CA ILE C 133 -18.10 -7.46 -18.55
C ILE C 133 -17.31 -7.66 -17.27
N ASN C 134 -16.14 -7.03 -17.21
CA ASN C 134 -15.26 -7.13 -16.05
C ASN C 134 -15.40 -5.87 -15.22
N VAL C 135 -16.03 -6.00 -14.06
CA VAL C 135 -16.23 -4.86 -13.17
C VAL C 135 -14.98 -4.67 -12.31
N ASP C 136 -14.46 -3.44 -12.29
CA ASP C 136 -13.35 -3.09 -11.42
C ASP C 136 -13.91 -2.41 -10.18
N PRO C 137 -13.99 -3.10 -9.04
CA PRO C 137 -14.65 -2.49 -7.88
C PRO C 137 -13.91 -1.31 -7.29
N SER C 138 -12.64 -1.12 -7.66
CA SER C 138 -11.90 0.06 -7.24
C SER C 138 -12.23 1.28 -8.09
N ARG C 139 -13.03 1.12 -9.14
CA ARG C 139 -13.33 2.22 -10.04
C ARG C 139 -14.82 2.50 -10.16
N ALA C 140 -15.63 1.48 -10.45
CA ALA C 140 -17.05 1.72 -10.70
C ALA C 140 -17.84 0.43 -10.54
N GLY C 141 -19.09 0.59 -10.12
CA GLY C 141 -20.05 -0.49 -10.09
C GLY C 141 -21.17 -0.26 -11.09
N ILE C 142 -21.97 -1.31 -11.29
CA ILE C 142 -23.15 -1.26 -12.14
C ILE C 142 -24.37 -1.39 -11.25
N ILE C 143 -25.23 -0.38 -11.26
CA ILE C 143 -26.35 -0.27 -10.32
C ILE C 143 -27.64 -0.24 -11.13
N GLY C 144 -28.50 -1.22 -10.88
CA GLY C 144 -29.83 -1.21 -11.45
C GLY C 144 -30.75 -0.25 -10.72
N TYR C 145 -31.38 0.66 -11.46
CA TYR C 145 -32.21 1.69 -10.86
C TYR C 145 -33.41 1.07 -10.15
N GLN C 146 -33.51 1.31 -8.84
CA GLN C 146 -34.62 0.83 -8.02
C GLN C 146 -34.62 -0.67 -7.87
N GLY C 147 -33.51 -1.33 -8.20
CA GLY C 147 -33.43 -2.77 -8.09
C GLY C 147 -34.28 -3.53 -9.09
N LYS C 148 -34.89 -2.84 -10.06
CA LYS C 148 -35.78 -3.52 -10.99
C LYS C 148 -35.18 -3.59 -12.39
N VAL C 149 -33.94 -4.06 -12.51
CA VAL C 149 -33.30 -4.30 -13.80
C VAL C 149 -33.21 -5.79 -14.04
N ARG C 150 -33.64 -6.24 -15.22
CA ARG C 150 -33.61 -7.65 -15.60
C ARG C 150 -32.66 -7.79 -16.78
N ILE C 151 -31.72 -8.74 -16.67
CA ILE C 151 -30.72 -8.97 -17.72
C ILE C 151 -30.90 -10.38 -18.26
N ASP C 152 -31.39 -10.49 -19.48
CA ASP C 152 -31.65 -11.77 -20.14
C ASP C 152 -30.37 -12.21 -20.85
N CYS C 153 -29.70 -13.23 -20.30
CA CYS C 153 -28.47 -13.77 -20.88
C CYS C 153 -28.68 -15.14 -21.52
N SER C 154 -29.92 -15.47 -21.90
CA SER C 154 -30.20 -16.78 -22.47
C SER C 154 -29.37 -17.08 -23.71
N GLU C 155 -29.00 -16.05 -24.48
CA GLU C 155 -28.23 -16.23 -25.71
C GLU C 155 -26.74 -15.93 -25.53
N PHE C 156 -26.31 -15.62 -24.31
CA PHE C 156 -24.89 -15.37 -24.05
C PHE C 156 -24.11 -16.68 -24.08
N THR C 157 -22.98 -16.69 -24.80
CA THR C 157 -22.18 -17.89 -24.97
C THR C 157 -20.79 -17.78 -24.36
N GLY C 158 -20.48 -16.69 -23.65
CA GLY C 158 -19.18 -16.55 -23.05
C GLY C 158 -19.02 -17.40 -21.80
N SER C 159 -17.78 -17.45 -21.31
CA SER C 159 -17.48 -18.26 -20.12
C SER C 159 -18.20 -17.72 -18.89
N ILE C 160 -18.22 -16.40 -18.72
CA ILE C 160 -18.86 -15.75 -17.59
C ILE C 160 -19.52 -14.47 -18.09
N VAL C 161 -20.65 -14.11 -17.49
CA VAL C 161 -21.29 -12.84 -17.82
C VAL C 161 -20.53 -11.69 -17.14
N PHE C 162 -20.35 -11.79 -15.83
CA PHE C 162 -19.69 -10.76 -15.04
C PHE C 162 -18.50 -11.34 -14.28
N SER C 163 -17.41 -10.59 -14.23
CA SER C 163 -16.34 -10.82 -13.28
C SER C 163 -16.13 -9.56 -12.48
N ILE C 164 -15.71 -9.73 -11.23
CA ILE C 164 -15.40 -8.60 -10.35
C ILE C 164 -14.00 -8.80 -9.82
N ASN C 165 -13.09 -7.90 -10.19
CA ASN C 165 -11.70 -8.00 -9.78
C ASN C 165 -11.08 -6.61 -9.90
N SER C 166 -10.33 -6.23 -8.88
CA SER C 166 -9.69 -4.92 -8.87
C SER C 166 -8.43 -4.91 -9.74
N SER C 167 -8.12 -3.73 -10.27
CA SER C 167 -6.92 -3.52 -11.07
C SER C 167 -5.72 -3.11 -10.24
N TYR C 168 -5.87 -3.01 -8.92
CA TYR C 168 -4.80 -2.58 -8.04
C TYR C 168 -4.41 -3.70 -7.08
N SER C 169 -3.16 -3.66 -6.63
CA SER C 169 -2.69 -4.60 -5.62
C SER C 169 -2.87 -4.07 -4.20
N TYR C 170 -3.01 -2.76 -4.03
CA TYR C 170 -3.15 -2.17 -2.71
C TYR C 170 -3.94 -0.88 -2.79
N THR C 171 -3.24 0.28 -2.83
CA THR C 171 -4.01 1.51 -2.97
C THR C 171 -4.19 1.87 -4.44
N PRO C 172 -5.28 2.57 -4.81
CA PRO C 172 -6.35 3.09 -3.94
C PRO C 172 -7.50 2.12 -3.68
N ALA C 173 -7.32 0.84 -4.01
CA ALA C 173 -8.38 -0.14 -3.76
C ALA C 173 -8.73 -0.23 -2.29
N ALA C 174 -7.74 -0.08 -1.41
CA ALA C 174 -7.98 -0.06 0.03
C ALA C 174 -8.79 1.16 0.46
N TYR C 175 -8.92 2.16 -0.41
CA TYR C 175 -9.73 3.35 -0.12
C TYR C 175 -11.08 3.32 -0.82
N TYR C 176 -11.19 2.68 -1.98
CA TYR C 176 -12.32 2.87 -2.88
C TYR C 176 -13.30 1.72 -2.96
N ASN C 177 -12.84 0.47 -2.78
CA ASN C 177 -13.72 -0.69 -2.99
C ASN C 177 -15.03 -0.57 -2.22
N ASN C 178 -14.96 -0.06 -1.00
CA ASN C 178 -16.12 0.01 -0.12
C ASN C 178 -17.06 1.16 -0.44
N LEU C 179 -16.63 2.14 -1.25
CA LEU C 179 -17.40 3.36 -1.40
C LEU C 179 -18.71 3.17 -2.16
N SER C 180 -18.82 2.12 -2.98
CA SER C 180 -20.05 1.85 -3.70
C SER C 180 -20.06 0.38 -4.08
N PRO C 181 -21.24 -0.20 -4.32
CA PRO C 181 -21.30 -1.61 -4.73
C PRO C 181 -20.70 -1.84 -6.11
N ALA C 182 -20.18 -3.05 -6.30
CA ALA C 182 -19.74 -3.47 -7.63
C ALA C 182 -20.93 -3.82 -8.52
N LEU C 183 -21.93 -4.50 -7.95
CA LEU C 183 -23.14 -4.87 -8.67
C LEU C 183 -24.33 -4.68 -7.73
N GLN C 184 -25.38 -4.03 -8.23
CA GLN C 184 -26.57 -3.82 -7.42
C GLN C 184 -27.82 -3.82 -8.29
N GLY C 185 -28.88 -4.44 -7.78
CA GLY C 185 -30.20 -4.33 -8.39
C GLY C 185 -30.38 -5.05 -9.70
N LEU C 186 -29.69 -6.17 -9.91
CA LEU C 186 -29.69 -6.86 -11.20
C LEU C 186 -30.22 -8.27 -11.02
N TYR C 187 -31.27 -8.61 -11.78
CA TYR C 187 -31.73 -10.00 -11.91
C TYR C 187 -31.12 -10.54 -13.20
N VAL C 188 -30.11 -11.40 -13.05
CA VAL C 188 -29.35 -11.94 -14.18
C VAL C 188 -29.69 -13.41 -14.33
N PHE C 189 -30.18 -13.79 -15.51
CA PHE C 189 -30.56 -15.18 -15.75
C PHE C 189 -30.06 -15.64 -17.11
N GLY C 190 -29.83 -16.96 -17.20
CA GLY C 190 -29.43 -17.60 -18.44
C GLY C 190 -30.39 -18.70 -18.83
N ALA C 191 -29.92 -19.67 -19.62
CA ALA C 191 -30.75 -20.80 -20.03
C ALA C 191 -30.06 -22.13 -19.77
N LYS C 192 -29.22 -22.18 -18.73
CA LYS C 192 -28.51 -23.40 -18.32
C LYS C 192 -27.68 -24.00 -19.45
N THR C 193 -27.15 -23.16 -20.34
CA THR C 193 -26.25 -23.68 -21.36
C THR C 193 -24.90 -23.99 -20.72
N SER C 194 -24.39 -25.18 -21.01
CA SER C 194 -23.15 -25.65 -20.41
C SER C 194 -21.97 -24.74 -20.77
N GLY C 195 -21.15 -24.45 -19.78
CA GLY C 195 -19.97 -23.62 -19.96
C GLY C 195 -20.19 -22.14 -19.78
N VAL C 196 -21.40 -21.70 -19.45
CA VAL C 196 -21.70 -20.28 -19.24
C VAL C 196 -22.01 -20.08 -17.76
N ASP C 197 -21.10 -19.43 -17.05
CA ASP C 197 -21.27 -19.12 -15.64
C ASP C 197 -21.82 -17.70 -15.47
N GLY C 198 -22.50 -17.48 -14.36
CA GLY C 198 -23.08 -16.18 -14.08
C GLY C 198 -22.06 -15.16 -13.64
N LEU C 199 -21.60 -15.27 -12.39
CA LEU C 199 -20.72 -14.27 -11.79
C LEU C 199 -19.44 -14.94 -11.32
N LEU C 200 -18.30 -14.37 -11.70
CA LEU C 200 -17.00 -14.83 -11.22
C LEU C 200 -16.46 -13.82 -10.22
N VAL C 201 -16.24 -14.28 -9.00
CA VAL C 201 -15.73 -13.43 -7.92
C VAL C 201 -14.21 -13.58 -7.89
N GLY C 202 -13.50 -12.55 -8.33
CA GLY C 202 -12.06 -12.62 -8.49
C GLY C 202 -11.67 -12.84 -9.94
N ARG C 203 -10.59 -13.57 -10.18
CA ARG C 203 -10.07 -13.76 -11.53
C ARG C 203 -9.84 -15.24 -11.81
N GLU C 204 -9.82 -15.58 -13.10
CA GLU C 204 -9.69 -16.97 -13.51
C GLU C 204 -8.29 -17.52 -13.23
N THR C 205 -7.26 -16.71 -13.44
CA THR C 205 -5.88 -17.17 -13.31
C THR C 205 -5.12 -16.26 -12.35
N VAL C 206 -4.07 -16.82 -11.76
CA VAL C 206 -3.23 -16.06 -10.84
C VAL C 206 -2.45 -15.01 -11.61
N GLY C 207 -2.59 -13.75 -11.20
CA GLY C 207 -1.84 -12.68 -11.82
C GLY C 207 -0.45 -12.52 -11.23
N SER C 208 0.38 -11.74 -11.93
CA SER C 208 1.72 -11.46 -11.43
C SER C 208 1.67 -10.75 -10.09
N ASP C 209 0.69 -9.88 -9.90
CA ASP C 209 0.45 -9.21 -8.62
C ASP C 209 -0.92 -9.63 -8.10
N LYS C 210 -1.11 -9.43 -6.79
CA LYS C 210 -2.40 -9.74 -6.20
C LYS C 210 -3.41 -8.65 -6.54
N SER C 211 -4.69 -9.00 -6.41
CA SER C 211 -5.80 -8.09 -6.69
C SER C 211 -6.49 -7.76 -5.38
N TYR C 212 -6.49 -6.48 -5.02
CA TYR C 212 -7.05 -6.03 -3.74
C TYR C 212 -8.55 -5.86 -3.88
N ASN C 213 -9.29 -6.91 -3.52
CA ASN C 213 -10.74 -6.95 -3.69
C ASN C 213 -11.52 -6.78 -2.41
N GLY C 214 -10.85 -6.69 -1.26
CA GLY C 214 -11.53 -6.53 0.01
C GLY C 214 -12.54 -5.41 0.04
N GLN C 215 -13.71 -5.67 0.63
CA GLN C 215 -14.81 -4.73 0.85
C GLN C 215 -15.70 -4.55 -0.38
N THR C 216 -15.56 -5.42 -1.38
CA THR C 216 -16.40 -5.31 -2.56
C THR C 216 -17.75 -5.94 -2.28
N GLU C 217 -18.80 -5.33 -2.81
CA GLU C 217 -20.16 -5.73 -2.48
C GLU C 217 -20.96 -6.07 -3.73
N VAL C 218 -21.71 -7.16 -3.63
CA VAL C 218 -22.77 -7.50 -4.57
C VAL C 218 -24.06 -7.41 -3.78
N ARG C 219 -25.01 -6.60 -4.25
CA ARG C 219 -26.16 -6.28 -3.43
C ARG C 219 -27.44 -6.36 -4.24
N GLU C 220 -28.46 -6.98 -3.66
CA GLU C 220 -29.81 -7.02 -4.23
C GLU C 220 -29.78 -7.52 -5.68
N CYS C 221 -29.07 -8.63 -5.89
CA CYS C 221 -28.96 -9.26 -7.20
C CYS C 221 -29.41 -10.70 -7.11
N THR C 222 -29.88 -11.22 -8.24
CA THR C 222 -30.23 -12.62 -8.37
C THR C 222 -29.50 -13.20 -9.57
N PHE C 223 -28.90 -14.38 -9.39
CA PHE C 223 -28.27 -15.11 -10.48
C PHE C 223 -28.99 -16.44 -10.64
N ASP C 224 -29.47 -16.71 -11.84
CA ASP C 224 -30.44 -17.77 -12.08
C ASP C 224 -30.16 -18.47 -13.40
N LYS C 225 -30.27 -19.80 -13.40
CA LYS C 225 -30.20 -20.61 -14.62
C LYS C 225 -28.87 -20.45 -15.37
N PHE C 226 -27.78 -20.46 -14.64
CA PHE C 226 -26.45 -20.57 -15.24
C PHE C 226 -25.85 -21.93 -14.94
N ASP C 227 -24.69 -22.20 -15.53
CA ASP C 227 -23.97 -23.43 -15.23
C ASP C 227 -23.55 -23.40 -13.76
N ARG C 228 -22.61 -22.52 -13.43
CA ARG C 228 -22.34 -22.13 -12.06
C ARG C 228 -22.80 -20.68 -11.92
N ASN C 229 -23.78 -20.46 -11.03
CA ASN C 229 -24.31 -19.10 -10.86
C ASN C 229 -23.25 -18.15 -10.32
N ILE C 230 -22.63 -18.53 -9.21
CA ILE C 230 -21.59 -17.73 -8.57
C ILE C 230 -20.40 -18.64 -8.32
N ARG C 231 -19.24 -18.25 -8.82
CA ARG C 231 -18.02 -19.04 -8.67
C ARG C 231 -16.90 -18.17 -8.13
N MET C 232 -16.19 -18.67 -7.13
CA MET C 232 -15.05 -17.96 -6.56
CA MET C 232 -15.06 -17.95 -6.57
C MET C 232 -13.81 -18.19 -7.41
N GLY C 233 -13.07 -17.11 -7.65
CA GLY C 233 -11.80 -17.22 -8.34
C GLY C 233 -10.66 -16.81 -7.43
N HIS C 234 -9.52 -16.48 -8.01
CA HIS C 234 -8.38 -16.01 -7.24
C HIS C 234 -8.62 -14.59 -6.74
N ASN C 235 -8.10 -14.29 -5.55
CA ASN C 235 -8.26 -13.00 -4.88
C ASN C 235 -9.69 -12.76 -4.42
N SER C 236 -10.39 -13.85 -4.05
CA SER C 236 -11.76 -13.76 -3.56
C SER C 236 -11.74 -13.62 -2.04
N TRP C 237 -11.36 -12.43 -1.58
CA TRP C 237 -11.30 -12.14 -0.15
C TRP C 237 -12.14 -10.93 0.22
N ARG C 238 -12.85 -11.05 1.33
CA ARG C 238 -13.67 -9.98 1.94
C ARG C 238 -14.67 -9.40 0.95
N PHE C 239 -15.32 -10.27 0.18
CA PHE C 239 -16.48 -9.87 -0.59
C PHE C 239 -17.69 -9.99 0.32
N VAL C 240 -18.65 -9.09 0.17
CA VAL C 240 -19.89 -9.15 0.93
C VAL C 240 -21.05 -9.22 -0.04
N PHE C 241 -21.94 -10.18 0.17
CA PHE C 241 -23.13 -10.36 -0.64
C PHE C 241 -24.33 -10.06 0.25
N TYR C 242 -25.10 -9.04 -0.12
CA TYR C 242 -26.25 -8.62 0.66
C TYR C 242 -27.49 -8.79 -0.20
N LYS C 243 -28.44 -9.60 0.28
CA LYS C 243 -29.68 -9.90 -0.43
C LYS C 243 -29.40 -10.37 -1.85
N VAL C 244 -28.51 -11.35 -1.96
CA VAL C 244 -28.16 -11.98 -3.24
C VAL C 244 -28.77 -13.37 -3.28
N ASN C 245 -29.43 -13.70 -4.38
CA ASN C 245 -30.08 -14.98 -4.56
C ASN C 245 -29.43 -15.76 -5.71
N SER C 246 -29.23 -17.05 -5.50
CA SER C 246 -28.70 -17.96 -6.51
C SER C 246 -29.61 -19.17 -6.61
N LEU C 247 -30.07 -19.50 -7.82
CA LEU C 247 -31.05 -20.56 -7.96
C LEU C 247 -30.98 -21.24 -9.32
N ASN C 248 -31.43 -22.48 -9.35
CA ASN C 248 -31.68 -23.27 -10.56
C ASN C 248 -30.47 -23.29 -11.50
N ALA C 249 -29.34 -23.73 -10.96
CA ALA C 249 -28.13 -23.85 -11.74
C ALA C 249 -27.99 -25.26 -12.33
N LEU C 250 -27.17 -25.36 -13.38
CA LEU C 250 -26.97 -26.64 -14.04
C LEU C 250 -25.99 -27.53 -13.28
N SER C 251 -24.83 -26.98 -12.90
CA SER C 251 -23.78 -27.78 -12.27
C SER C 251 -24.25 -28.31 -10.92
N PRO C 252 -23.77 -29.50 -10.52
CA PRO C 252 -24.04 -29.98 -9.15
C PRO C 252 -23.47 -29.07 -8.07
N ASN C 253 -22.50 -28.22 -8.41
CA ASN C 253 -21.99 -27.19 -7.51
C ASN C 253 -22.48 -25.79 -7.93
N GLY C 254 -23.59 -25.72 -8.65
CA GLY C 254 -23.93 -24.51 -9.38
C GLY C 254 -24.40 -23.35 -8.53
N ILE C 255 -24.98 -23.62 -7.36
CA ILE C 255 -25.51 -22.53 -6.53
C ILE C 255 -24.39 -21.62 -6.07
N LEU C 256 -23.31 -22.21 -5.54
CA LEU C 256 -22.16 -21.44 -5.08
C LEU C 256 -20.98 -22.38 -5.04
N TYR C 257 -19.92 -22.09 -5.81
CA TYR C 257 -18.79 -22.99 -5.98
C TYR C 257 -17.50 -22.29 -5.59
N VAL C 258 -16.78 -22.87 -4.63
CA VAL C 258 -15.45 -22.41 -4.27
C VAL C 258 -14.45 -23.52 -4.60
N PRO C 259 -13.80 -23.48 -5.76
CA PRO C 259 -12.88 -24.56 -6.12
C PRO C 259 -11.60 -24.52 -5.29
N ALA C 260 -10.93 -25.66 -5.24
CA ALA C 260 -9.66 -25.76 -4.54
C ALA C 260 -8.57 -25.05 -5.34
N GLY C 261 -7.50 -24.69 -4.65
CA GLY C 261 -6.34 -24.12 -5.31
C GLY C 261 -6.35 -22.62 -5.45
N LEU C 262 -7.31 -21.92 -4.84
CA LEU C 262 -7.41 -20.48 -5.03
C LEU C 262 -6.31 -19.75 -4.28
N ASP C 263 -5.77 -18.72 -4.92
CA ASP C 263 -4.67 -17.93 -4.38
C ASP C 263 -5.21 -16.63 -3.80
N ASP C 264 -4.62 -16.21 -2.67
CA ASP C 264 -4.95 -14.93 -2.05
C ASP C 264 -6.45 -14.83 -1.76
N SER C 265 -7.03 -15.92 -1.27
CA SER C 265 -8.47 -16.01 -1.10
C SER C 265 -8.81 -16.59 0.28
N GLY C 266 -10.05 -16.37 0.70
CA GLY C 266 -10.60 -17.05 1.85
C GLY C 266 -10.92 -16.20 3.05
N GLU C 267 -10.60 -14.90 3.04
CA GLU C 267 -10.80 -14.07 4.22
C GLU C 267 -12.22 -13.54 4.24
N ILE C 268 -13.04 -14.10 5.14
CA ILE C 268 -14.37 -13.59 5.48
C ILE C 268 -15.19 -13.27 4.24
N LEU C 269 -15.58 -14.30 3.51
CA LEU C 269 -16.56 -14.13 2.45
C LEU C 269 -17.93 -14.14 3.13
N SER C 270 -18.64 -13.02 3.05
CA SER C 270 -19.82 -12.80 3.88
C SER C 270 -21.08 -12.71 3.05
N PHE C 271 -22.15 -13.29 3.58
CA PHE C 271 -23.46 -13.30 2.93
C PHE C 271 -24.50 -12.88 3.95
N TYR C 272 -25.30 -11.87 3.60
CA TYR C 272 -26.37 -11.35 4.45
C TYR C 272 -27.70 -11.46 3.73
N HIS C 273 -28.66 -12.12 4.37
CA HIS C 273 -30.02 -12.25 3.85
C HIS C 273 -30.02 -12.77 2.41
N CYS C 274 -29.23 -13.81 2.18
CA CYS C 274 -29.12 -14.44 0.88
C CYS C 274 -29.98 -15.70 0.83
N GLN C 275 -30.51 -16.00 -0.35
CA GLN C 275 -31.36 -17.17 -0.55
C GLN C 275 -30.73 -18.07 -1.60
N PHE C 276 -30.44 -19.31 -1.21
CA PHE C 276 -29.87 -20.33 -2.09
C PHE C 276 -30.87 -21.46 -2.21
N PHE C 277 -31.37 -21.70 -3.42
CA PHE C 277 -32.50 -22.60 -3.63
C PHE C 277 -32.31 -23.26 -5.00
N ASP C 278 -32.70 -24.53 -5.10
CA ASP C 278 -32.74 -25.22 -6.39
C ASP C 278 -33.70 -26.40 -6.36
N GLY C 279 -33.20 -27.55 -5.91
CA GLY C 279 -33.96 -28.79 -5.94
C GLY C 279 -33.70 -29.67 -7.14
N ALA C 280 -33.04 -29.16 -8.18
CA ALA C 280 -32.80 -29.91 -9.41
C ALA C 280 -31.35 -30.35 -9.56
N GLY C 281 -30.66 -30.59 -8.44
CA GLY C 281 -29.33 -31.15 -8.46
C GLY C 281 -28.19 -30.19 -8.17
N SER C 282 -28.40 -28.89 -8.29
CA SER C 282 -27.32 -27.95 -8.00
C SER C 282 -27.23 -27.70 -6.50
N ASN C 283 -26.01 -27.44 -6.04
CA ASN C 283 -25.74 -27.32 -4.61
C ASN C 283 -24.64 -26.29 -4.38
N ILE C 284 -24.27 -26.13 -3.11
CA ILE C 284 -23.12 -25.33 -2.70
C ILE C 284 -21.99 -26.28 -2.36
N ARG C 285 -20.79 -25.99 -2.87
CA ARG C 285 -19.62 -26.80 -2.52
C ARG C 285 -18.43 -25.88 -2.26
N LEU C 286 -17.88 -25.98 -1.05
CA LEU C 286 -16.63 -25.30 -0.67
C LEU C 286 -15.52 -26.34 -0.69
N SER C 287 -14.59 -26.19 -1.65
CA SER C 287 -13.47 -27.11 -1.78
C SER C 287 -12.12 -26.48 -1.50
N CYS C 288 -12.05 -25.17 -1.35
CA CYS C 288 -10.79 -24.48 -1.14
C CYS C 288 -10.36 -24.58 0.32
N SER C 289 -9.07 -24.83 0.53
CA SER C 289 -8.52 -24.88 1.88
C SER C 289 -8.28 -23.47 2.42
N SER C 290 -8.23 -23.37 3.74
CA SER C 290 -7.99 -22.11 4.44
C SER C 290 -8.96 -21.03 3.98
N TYR C 291 -10.24 -21.39 3.95
CA TYR C 291 -11.31 -20.53 3.47
C TYR C 291 -12.33 -20.32 4.59
N THR C 292 -12.68 -19.07 4.85
CA THR C 292 -13.58 -18.73 5.94
C THR C 292 -14.80 -18.01 5.36
N MET C 293 -15.98 -18.56 5.63
CA MET C 293 -17.24 -18.03 5.10
C MET C 293 -18.22 -17.78 6.24
N VAL C 294 -18.98 -16.69 6.14
CA VAL C 294 -19.99 -16.34 7.13
C VAL C 294 -21.32 -16.10 6.41
N PHE C 295 -22.36 -16.81 6.83
CA PHE C 295 -23.70 -16.66 6.30
C PHE C 295 -24.59 -16.17 7.42
N ASN C 296 -25.24 -15.03 7.23
CA ASN C 296 -26.07 -14.41 8.26
C ASN C 296 -27.50 -14.28 7.75
N THR C 297 -28.43 -14.92 8.45
CA THR C 297 -29.86 -14.88 8.13
C THR C 297 -30.10 -15.26 6.67
N CYS C 298 -29.38 -16.29 6.22
CA CYS C 298 -29.53 -16.82 4.87
C CYS C 298 -30.44 -18.03 4.86
N SER C 299 -30.92 -18.39 3.68
CA SER C 299 -31.79 -19.55 3.51
C SER C 299 -31.13 -20.53 2.54
N PHE C 300 -31.05 -21.79 2.97
CA PHE C 300 -30.54 -22.88 2.15
C PHE C 300 -31.71 -23.83 1.93
N LEU C 301 -32.30 -23.79 0.74
CA LEU C 301 -33.55 -24.48 0.46
C LEU C 301 -33.36 -25.47 -0.67
N ASN C 302 -33.69 -26.74 -0.41
CA ASN C 302 -33.64 -27.81 -1.41
C ASN C 302 -32.27 -27.94 -2.04
N ILE C 303 -31.23 -27.76 -1.23
CA ILE C 303 -29.84 -27.87 -1.67
C ILE C 303 -29.00 -28.47 -0.57
N THR C 304 -27.84 -29.00 -0.95
CA THR C 304 -26.85 -29.50 0.00
C THR C 304 -25.68 -28.52 0.07
N PHE C 305 -25.18 -28.29 1.28
CA PHE C 305 -23.96 -27.51 1.48
C PHE C 305 -22.81 -28.50 1.67
N PHE C 306 -21.97 -28.62 0.64
CA PHE C 306 -20.84 -29.53 0.67
C PHE C 306 -19.58 -28.79 1.11
N VAL C 307 -18.82 -29.42 1.99
CA VAL C 307 -17.50 -28.94 2.39
C VAL C 307 -16.53 -30.11 2.29
N ASP C 308 -15.63 -30.07 1.30
CA ASP C 308 -14.62 -31.11 1.15
C ASP C 308 -13.21 -30.53 1.07
N SER C 309 -13.01 -29.34 1.64
CA SER C 309 -11.68 -28.72 1.62
C SER C 309 -10.66 -29.64 2.29
N ALA C 310 -9.43 -29.62 1.75
CA ALA C 310 -8.36 -30.42 2.31
C ALA C 310 -8.10 -30.06 3.76
N SER C 311 -8.13 -28.77 4.09
CA SER C 311 -7.86 -28.37 5.47
C SER C 311 -8.36 -26.95 5.72
N SER C 312 -8.75 -26.70 6.98
CA SER C 312 -8.91 -25.35 7.53
C SER C 312 -10.05 -24.57 6.86
N ALA C 313 -11.14 -25.24 6.51
CA ALA C 313 -12.37 -24.53 6.17
C ALA C 313 -13.13 -24.17 7.45
N THR C 314 -13.68 -22.97 7.48
CA THR C 314 -14.54 -22.54 8.58
C THR C 314 -15.77 -21.88 8.00
N VAL C 315 -16.93 -22.49 8.19
CA VAL C 315 -18.23 -21.93 7.78
C VAL C 315 -19.03 -21.62 9.04
N THR C 316 -19.53 -20.40 9.13
CA THR C 316 -20.36 -19.97 10.24
C THR C 316 -21.71 -19.51 9.71
N CYS C 317 -22.79 -20.16 10.17
CA CYS C 317 -24.15 -19.81 9.80
C CYS C 317 -24.87 -19.25 11.02
N ASN C 318 -25.24 -17.97 10.97
CA ASN C 318 -25.94 -17.30 12.05
C ASN C 318 -27.38 -17.04 11.63
N GLY C 319 -28.34 -17.60 12.36
CA GLY C 319 -29.73 -17.32 12.08
C GLY C 319 -30.20 -17.82 10.73
N CYS C 320 -29.58 -18.87 10.21
CA CYS C 320 -29.94 -19.37 8.89
C CYS C 320 -31.03 -20.44 9.00
N ASN C 321 -31.74 -20.63 7.90
CA ASN C 321 -32.78 -21.64 7.81
C ASN C 321 -32.38 -22.68 6.78
N PHE C 322 -32.38 -23.95 7.19
CA PHE C 322 -32.17 -25.08 6.31
C PHE C 322 -33.50 -25.83 6.22
N GLU C 323 -34.02 -25.97 5.00
CA GLU C 323 -35.34 -26.55 4.85
C GLU C 323 -35.42 -27.30 3.52
N ASN C 324 -36.43 -28.17 3.43
CA ASN C 324 -36.71 -28.96 2.24
C ASN C 324 -38.12 -28.67 1.74
N PRO C 325 -38.48 -27.40 1.50
CA PRO C 325 -39.88 -27.09 1.21
C PRO C 325 -40.31 -27.72 -0.12
N GLY C 326 -41.47 -28.38 -0.10
CA GLY C 326 -41.99 -28.97 -1.31
C GLY C 326 -41.29 -30.22 -1.79
N SER C 327 -40.07 -30.48 -1.32
CA SER C 327 -39.24 -31.55 -1.87
C SER C 327 -39.45 -32.88 -1.17
N ALA C 328 -39.24 -33.96 -1.94
CA ALA C 328 -39.23 -35.32 -1.42
C ALA C 328 -37.82 -35.91 -1.48
N SER C 329 -36.82 -35.10 -1.78
CA SER C 329 -35.45 -35.57 -1.86
C SER C 329 -34.92 -35.96 -0.48
N THR C 330 -34.03 -36.94 -0.46
CA THR C 330 -33.36 -37.37 0.76
C THR C 330 -31.99 -36.72 0.91
N ARG C 331 -31.69 -35.72 0.09
CA ARG C 331 -30.39 -35.07 0.10
C ARG C 331 -30.04 -34.53 1.48
N ARG C 332 -28.75 -34.52 1.79
CA ARG C 332 -28.27 -33.95 3.04
C ARG C 332 -28.38 -32.43 3.00
N TYR C 333 -28.53 -31.84 4.19
CA TYR C 333 -28.46 -30.38 4.29
C TYR C 333 -27.00 -29.92 4.32
N VAL C 334 -26.17 -30.56 5.15
CA VAL C 334 -24.77 -30.21 5.31
C VAL C 334 -23.94 -31.48 5.26
N ASP C 335 -22.92 -31.49 4.40
CA ASP C 335 -22.07 -32.68 4.19
C ASP C 335 -20.60 -32.26 4.20
N ILE C 336 -19.95 -32.36 5.37
CA ILE C 336 -18.51 -32.16 5.48
C ILE C 336 -17.86 -33.51 5.23
N SER C 337 -17.43 -33.74 3.98
CA SER C 337 -17.13 -35.07 3.50
C SER C 337 -15.65 -35.43 3.49
N ALA C 338 -14.73 -34.47 3.63
CA ALA C 338 -13.31 -34.79 3.46
C ALA C 338 -12.46 -33.79 4.24
N GLY C 339 -11.15 -34.00 4.16
CA GLY C 339 -10.16 -33.13 4.78
C GLY C 339 -10.09 -33.25 6.29
N HIS C 340 -9.34 -32.32 6.87
CA HIS C 340 -9.17 -32.24 8.32
C HIS C 340 -9.21 -30.78 8.73
N THR C 341 -9.50 -30.55 10.02
CA THR C 341 -9.53 -29.21 10.61
C THR C 341 -10.54 -28.30 9.91
N ASN C 342 -11.65 -28.88 9.43
CA ASN C 342 -12.75 -28.11 8.89
C ASN C 342 -13.84 -27.95 9.95
N VAL C 343 -14.36 -26.74 10.06
CA VAL C 343 -15.34 -26.39 11.09
C VAL C 343 -16.58 -25.83 10.42
N PHE C 344 -17.74 -26.36 10.80
CA PHE C 344 -19.03 -25.85 10.35
C PHE C 344 -19.87 -25.50 11.58
N ASN C 345 -20.28 -24.25 11.70
CA ASN C 345 -21.07 -23.78 12.83
C ASN C 345 -22.49 -23.45 12.37
N ILE C 346 -23.47 -24.04 13.04
CA ILE C 346 -24.87 -23.66 12.89
C ILE C 346 -25.28 -23.01 14.20
N ILE C 347 -25.40 -21.69 14.17
CA ILE C 347 -25.66 -20.90 15.37
C ILE C 347 -27.04 -20.27 15.21
N GLY C 348 -27.96 -20.69 16.06
CA GLY C 348 -29.32 -20.20 15.95
C GLY C 348 -29.96 -20.65 14.65
N GLY C 349 -30.95 -19.87 14.23
CA GLY C 349 -31.69 -20.24 13.04
C GLY C 349 -32.53 -21.49 13.27
N SER C 350 -32.81 -22.20 12.18
CA SER C 350 -33.70 -23.34 12.27
C SER C 350 -33.31 -24.39 11.23
N ILE C 351 -33.55 -25.65 11.58
CA ILE C 351 -33.41 -26.77 10.67
C ILE C 351 -34.78 -27.43 10.58
N VAL C 352 -35.40 -27.36 9.41
CA VAL C 352 -36.75 -27.84 9.20
C VAL C 352 -36.68 -29.05 8.28
N THR C 353 -37.35 -30.13 8.69
CA THR C 353 -37.35 -31.38 7.92
C THR C 353 -38.81 -31.71 7.64
N ASN C 354 -39.30 -31.30 6.48
CA ASN C 354 -40.65 -31.65 6.08
C ASN C 354 -40.70 -33.12 5.68
N SER C 355 -41.85 -33.75 5.93
CA SER C 355 -41.97 -35.18 5.71
C SER C 355 -41.75 -35.52 4.24
N ASN C 356 -41.07 -36.63 4.01
CA ASN C 356 -40.81 -37.16 2.68
C ASN C 356 -41.09 -38.66 2.73
N PRO C 357 -40.92 -39.43 1.64
CA PRO C 357 -41.12 -40.88 1.76
C PRO C 357 -40.38 -41.52 2.92
N GLY C 358 -39.07 -41.29 3.01
CA GLY C 358 -38.29 -41.70 4.15
C GLY C 358 -36.90 -41.11 4.10
N GLN C 359 -36.46 -40.50 5.20
CA GLN C 359 -35.11 -39.92 5.28
C GLN C 359 -34.12 -41.06 5.53
N THR C 360 -33.67 -41.68 4.44
CA THR C 360 -32.84 -42.87 4.51
C THR C 360 -31.38 -42.57 4.82
N GLN C 361 -31.01 -41.30 4.95
CA GLN C 361 -29.63 -40.93 5.29
C GLN C 361 -29.66 -39.74 6.23
N ALA C 362 -28.55 -39.57 6.96
CA ALA C 362 -28.44 -38.45 7.89
C ALA C 362 -28.36 -37.14 7.12
N LEU C 363 -29.12 -36.15 7.58
CA LEU C 363 -29.15 -34.85 6.92
C LEU C 363 -27.91 -34.02 7.22
N LEU C 364 -27.20 -34.33 8.30
CA LEU C 364 -25.95 -33.67 8.65
C LEU C 364 -24.85 -34.72 8.72
N TYR C 365 -23.72 -34.44 8.10
CA TYR C 365 -22.60 -35.38 8.06
C TYR C 365 -21.30 -34.62 8.29
N VAL C 366 -20.49 -35.10 9.23
CA VAL C 366 -19.18 -34.52 9.52
C VAL C 366 -18.14 -35.64 9.54
N SER C 367 -17.18 -35.57 8.63
CA SER C 367 -16.18 -36.62 8.45
C SER C 367 -15.07 -36.51 9.51
N THR C 368 -14.21 -37.54 9.51
CA THR C 368 -13.13 -37.66 10.48
C THR C 368 -12.25 -36.41 10.49
N ASP C 369 -11.86 -35.99 11.71
CA ASP C 369 -10.97 -34.87 11.98
C ASP C 369 -11.62 -33.52 11.71
N ASN C 370 -12.93 -33.49 11.44
CA ASN C 370 -13.67 -32.26 11.22
C ASN C 370 -14.70 -32.10 12.34
N LEU C 371 -15.28 -30.90 12.42
CA LEU C 371 -16.12 -30.54 13.55
C LEU C 371 -17.38 -29.83 13.10
N LEU C 372 -18.52 -30.24 13.65
CA LEU C 372 -19.79 -29.57 13.44
C LEU C 372 -20.31 -29.09 14.79
N ASN C 373 -20.48 -27.78 14.94
CA ASN C 373 -20.95 -27.18 16.18
C ASN C 373 -22.41 -26.74 16.02
N LEU C 374 -23.26 -27.15 16.94
CA LEU C 374 -24.66 -26.74 16.99
C LEU C 374 -24.86 -25.87 18.22
N VAL C 375 -25.35 -24.65 18.01
CA VAL C 375 -25.49 -23.66 19.07
C VAL C 375 -26.88 -23.06 19.01
N GLY C 376 -27.61 -23.12 20.12
CA GLY C 376 -28.89 -22.44 20.24
C GLY C 376 -29.90 -22.81 19.16
N VAL C 377 -29.95 -24.08 18.78
CA VAL C 377 -30.85 -24.55 17.74
C VAL C 377 -31.64 -25.73 18.28
N THR C 378 -32.83 -25.93 17.73
CA THR C 378 -33.70 -27.03 18.14
C THR C 378 -33.51 -28.17 17.16
N ALA C 379 -33.16 -29.34 17.67
CA ALA C 379 -33.02 -30.52 16.83
C ALA C 379 -34.40 -30.98 16.38
N PRO C 380 -34.66 -31.08 15.08
CA PRO C 380 -35.99 -31.48 14.62
C PRO C 380 -36.16 -33.00 14.65
N TYR C 381 -37.41 -33.42 14.66
CA TYR C 381 -37.70 -34.84 14.52
C TYR C 381 -38.96 -35.05 13.69
N GLY C 382 -38.95 -36.11 12.90
CA GLY C 382 -40.13 -36.51 12.15
C GLY C 382 -40.22 -38.02 12.09
N GLY C 383 -41.45 -38.52 11.95
CA GLY C 383 -41.67 -39.95 11.89
C GLY C 383 -41.06 -40.62 10.67
N HIS C 384 -40.77 -39.85 9.63
CA HIS C 384 -40.15 -40.36 8.41
C HIS C 384 -38.66 -40.61 8.56
N TYR C 385 -38.07 -40.30 9.72
CA TYR C 385 -36.64 -40.45 9.92
C TYR C 385 -36.27 -41.93 9.85
N GLN C 386 -35.42 -42.28 8.89
CA GLN C 386 -34.96 -43.65 8.70
C GLN C 386 -33.45 -43.68 8.50
N GLN C 387 -32.72 -42.89 9.28
CA GLN C 387 -31.28 -42.75 9.09
C GLN C 387 -30.52 -44.03 9.38
N GLU C 388 -31.14 -45.01 10.03
CA GLU C 388 -30.47 -46.28 10.31
C GLU C 388 -30.10 -47.03 9.04
N GLN C 389 -30.77 -46.73 7.92
CA GLN C 389 -30.39 -47.35 6.65
C GLN C 389 -28.94 -47.03 6.29
N GLU C 390 -28.50 -45.80 6.54
CA GLU C 390 -27.11 -45.45 6.29
C GLU C 390 -26.22 -45.82 7.47
N LEU C 391 -26.55 -45.34 8.67
CA LEU C 391 -25.65 -45.47 9.82
C LEU C 391 -25.70 -46.84 10.45
N GLY C 392 -26.81 -47.57 10.30
CA GLY C 392 -27.02 -48.79 11.05
C GLY C 392 -27.79 -48.59 12.34
N TYR C 393 -27.94 -47.34 12.78
CA TYR C 393 -28.63 -47.00 14.01
C TYR C 393 -29.38 -45.69 13.80
N HIS C 394 -30.28 -45.38 14.74
CA HIS C 394 -31.16 -44.23 14.62
C HIS C 394 -30.50 -43.01 15.25
N ALA C 395 -29.89 -42.18 14.41
CA ALA C 395 -29.27 -40.94 14.86
C ALA C 395 -29.39 -39.90 13.76
N PHE C 396 -29.34 -38.63 14.17
CA PHE C 396 -29.58 -37.53 13.23
C PHE C 396 -28.35 -37.20 12.40
N ILE C 397 -27.16 -37.29 12.98
CA ILE C 397 -25.92 -36.88 12.33
C ILE C 397 -25.05 -38.10 12.07
N GLY C 398 -24.40 -38.11 10.91
CA GLY C 398 -23.49 -39.17 10.54
C GLY C 398 -22.05 -38.68 10.45
N GLY C 399 -21.16 -39.64 10.21
CA GLY C 399 -19.75 -39.33 10.03
C GLY C 399 -18.94 -39.59 11.28
N ALA C 400 -17.64 -39.81 11.09
CA ALA C 400 -16.72 -40.11 12.17
C ALA C 400 -16.05 -38.86 12.73
N GLY C 401 -16.55 -37.68 12.41
CA GLY C 401 -16.03 -36.45 12.98
C GLY C 401 -16.55 -36.21 14.38
N THR C 402 -16.44 -34.96 14.81
CA THR C 402 -16.86 -34.54 16.14
C THR C 402 -18.01 -33.56 16.03
N VAL C 403 -18.97 -33.69 16.94
CA VAL C 403 -20.07 -32.74 17.08
C VAL C 403 -20.01 -32.16 18.48
N THR C 404 -20.20 -30.85 18.59
CA THR C 404 -20.36 -30.21 19.88
C THR C 404 -21.73 -29.54 19.92
N THR C 405 -22.24 -29.40 21.14
CA THR C 405 -23.62 -28.97 21.35
C THR C 405 -23.64 -27.94 22.47
N SER C 406 -24.21 -26.77 22.18
CA SER C 406 -24.37 -25.71 23.18
C SER C 406 -25.75 -25.12 23.05
N GLY C 407 -26.58 -25.29 24.09
CA GLY C 407 -27.92 -24.75 24.03
C GLY C 407 -28.83 -25.38 23.01
N VAL C 408 -28.53 -26.60 22.58
CA VAL C 408 -29.38 -27.31 21.63
C VAL C 408 -30.56 -27.91 22.39
N MET C 409 -31.73 -27.88 21.77
CA MET C 409 -32.95 -28.44 22.33
C MET C 409 -33.40 -29.63 21.51
N LEU C 410 -33.96 -30.62 22.19
CA LEU C 410 -34.58 -31.76 21.55
C LEU C 410 -36.09 -31.63 21.65
N GLN C 411 -36.80 -32.20 20.68
CA GLN C 411 -38.26 -32.17 20.68
C GLN C 411 -38.76 -33.37 21.48
N LEU C 412 -38.68 -33.24 22.80
CA LEU C 412 -39.05 -34.34 23.69
C LEU C 412 -40.55 -34.61 23.68
N ARG C 413 -41.35 -33.64 23.26
CA ARG C 413 -42.80 -33.77 23.24
C ARG C 413 -43.34 -34.11 21.84
N ASN C 414 -42.45 -34.38 20.89
CA ASN C 414 -42.87 -34.79 19.55
C ASN C 414 -43.43 -36.20 19.63
N GLY C 415 -44.69 -36.36 19.19
CA GLY C 415 -45.34 -37.65 19.28
C GLY C 415 -44.63 -38.72 18.48
N ALA C 416 -43.98 -38.34 17.38
CA ALA C 416 -43.23 -39.32 16.59
C ALA C 416 -42.01 -39.84 17.36
N GLY C 417 -41.45 -39.02 18.26
CA GLY C 417 -40.35 -39.45 19.08
C GLY C 417 -39.21 -38.44 19.07
N THR C 418 -38.04 -38.93 19.48
CA THR C 418 -36.81 -38.15 19.55
C THR C 418 -35.67 -39.13 19.30
N CYS C 419 -34.58 -38.64 18.74
CA CYS C 419 -33.42 -39.47 18.47
C CYS C 419 -32.15 -38.80 18.96
N PRO C 420 -31.12 -39.59 19.26
CA PRO C 420 -29.82 -39.00 19.60
C PRO C 420 -29.19 -38.33 18.39
N LEU C 421 -28.31 -37.36 18.66
CA LEU C 421 -27.73 -36.56 17.59
C LEU C 421 -26.54 -37.24 16.94
N HIS C 422 -25.53 -37.61 17.72
CA HIS C 422 -24.29 -38.09 17.11
C HIS C 422 -23.58 -39.08 18.02
N SER C 423 -22.75 -39.92 17.38
CA SER C 423 -21.93 -40.89 18.12
C SER C 423 -20.92 -40.20 19.01
N SER C 424 -20.37 -39.06 18.59
CA SER C 424 -19.37 -38.36 19.37
C SER C 424 -19.92 -37.81 20.68
N LEU C 425 -21.24 -37.81 20.86
CA LEU C 425 -21.87 -37.36 22.09
C LEU C 425 -22.28 -38.53 22.98
N SER C 426 -21.77 -39.72 22.70
CA SER C 426 -22.17 -40.94 23.42
C SER C 426 -21.97 -40.78 24.92
N THR C 427 -23.05 -41.04 25.67
CA THR C 427 -22.98 -41.02 27.13
C THR C 427 -22.21 -42.22 27.66
N PHE C 428 -22.31 -43.37 27.01
CA PHE C 428 -21.80 -44.62 27.54
C PHE C 428 -20.62 -45.14 26.74
N SER C 429 -19.68 -45.74 27.43
CA SER C 429 -18.50 -46.33 26.79
C SER C 429 -18.87 -47.66 26.13
N ASN C 430 -18.15 -47.98 25.06
CA ASN C 430 -18.38 -49.21 24.30
C ASN C 430 -19.84 -49.32 23.86
N TRP C 431 -20.41 -48.16 23.53
CA TRP C 431 -21.82 -48.09 23.15
C TRP C 431 -22.10 -48.91 21.90
N ASN C 432 -21.13 -49.01 20.99
CA ASN C 432 -21.28 -49.75 19.75
C ASN C 432 -20.53 -51.07 19.79
N PHE C 433 -20.01 -51.45 20.95
CA PHE C 433 -19.23 -52.68 21.11
C PHE C 433 -17.97 -52.67 20.25
N GLY C 434 -17.45 -51.47 20.00
CA GLY C 434 -16.22 -51.29 19.24
C GLY C 434 -14.96 -51.69 19.98
N TYR C 435 -15.08 -52.00 21.28
CA TYR C 435 -13.94 -52.54 22.02
C TYR C 435 -13.50 -53.90 21.49
N GLY C 436 -14.39 -54.59 20.77
CA GLY C 436 -14.18 -55.98 20.43
C GLY C 436 -14.51 -56.93 21.54
N ASN C 437 -15.18 -56.46 22.60
CA ASN C 437 -15.55 -57.26 23.75
C ASN C 437 -16.71 -56.57 24.44
N LEU C 438 -17.05 -57.03 25.64
CA LEU C 438 -18.16 -56.48 26.41
C LEU C 438 -17.69 -55.67 27.61
N ASN C 439 -16.46 -55.17 27.57
CA ASN C 439 -15.94 -54.37 28.67
C ASN C 439 -16.74 -53.07 28.80
N ALA C 440 -16.69 -52.50 30.01
CA ALA C 440 -17.41 -51.28 30.42
C ALA C 440 -18.87 -51.58 30.72
N TRP C 441 -19.35 -52.75 30.30
CA TRP C 441 -20.71 -53.18 30.57
C TRP C 441 -20.70 -54.16 31.74
N THR C 442 -21.62 -53.96 32.69
CA THR C 442 -21.74 -54.85 33.84
C THR C 442 -22.79 -55.91 33.52
N VAL C 443 -22.36 -57.15 33.43
CA VAL C 443 -23.23 -58.27 33.08
C VAL C 443 -23.58 -59.02 34.36
N ASP C 444 -24.84 -58.96 34.76
CA ASP C 444 -25.35 -59.66 35.94
C ASP C 444 -26.32 -60.72 35.47
N LYS C 445 -25.85 -61.97 35.44
CA LYS C 445 -26.69 -63.10 35.03
C LYS C 445 -27.53 -63.63 36.17
N GLY C 446 -27.39 -63.08 37.38
CA GLY C 446 -28.12 -63.59 38.53
C GLY C 446 -27.81 -65.04 38.77
N THR C 447 -28.86 -65.80 39.11
CA THR C 447 -28.73 -67.23 39.37
C THR C 447 -28.68 -68.05 38.08
N GLY C 448 -29.01 -67.44 36.94
CA GLY C 448 -29.14 -68.08 35.64
C GLY C 448 -27.79 -68.52 35.12
N THR C 449 -27.41 -69.71 35.61
CA THR C 449 -25.97 -69.94 35.77
C THR C 449 -25.30 -70.07 34.44
N SER C 450 -25.95 -70.79 33.52
CA SER C 450 -25.64 -71.10 32.12
C SER C 450 -26.13 -70.06 31.12
N SER C 451 -26.70 -68.94 31.57
CA SER C 451 -27.15 -67.92 30.64
C SER C 451 -25.97 -67.46 29.78
N VAL C 452 -26.22 -67.28 28.49
CA VAL C 452 -25.18 -66.93 27.55
C VAL C 452 -25.28 -65.44 27.26
N VAL C 453 -24.21 -64.71 27.56
CA VAL C 453 -24.06 -63.32 27.20
C VAL C 453 -22.69 -63.18 26.55
N GLU C 454 -22.66 -62.86 25.27
CA GLU C 454 -21.43 -62.92 24.51
C GLU C 454 -21.34 -61.78 23.51
N TYR C 455 -20.10 -61.36 23.23
CA TYR C 455 -19.82 -60.45 22.14
C TYR C 455 -19.71 -61.25 20.85
N LEU C 456 -20.34 -60.74 19.78
CA LEU C 456 -20.29 -61.39 18.48
C LEU C 456 -19.79 -60.39 17.45
N ALA C 457 -18.69 -60.73 16.78
CA ALA C 457 -18.13 -59.85 15.77
C ALA C 457 -18.94 -59.95 14.48
N ASN C 458 -19.11 -58.80 13.81
CA ASN C 458 -19.81 -58.73 12.53
C ASN C 458 -21.25 -59.23 12.63
N ALA C 459 -21.86 -59.09 13.81
CA ALA C 459 -23.21 -59.57 14.04
C ALA C 459 -24.21 -58.43 14.21
N GLY C 460 -23.78 -57.18 14.05
CA GLY C 460 -24.68 -56.05 14.16
C GLY C 460 -25.58 -55.91 12.96
N PRO C 461 -26.34 -54.80 12.91
CA PRO C 461 -27.27 -54.59 11.80
C PRO C 461 -26.65 -54.66 10.41
N LYS C 462 -25.43 -54.14 10.24
CA LYS C 462 -24.80 -54.11 8.93
C LYS C 462 -23.95 -55.34 8.63
N GLY C 463 -23.70 -56.19 9.62
CA GLY C 463 -22.81 -57.31 9.42
C GLY C 463 -21.34 -56.96 9.50
N THR C 464 -21.01 -55.72 9.82
CA THR C 464 -19.64 -55.25 9.90
C THR C 464 -19.26 -54.76 11.29
N GLU C 465 -20.18 -54.84 12.26
CA GLU C 465 -19.97 -54.29 13.59
C GLU C 465 -20.25 -55.37 14.63
N GLY C 466 -19.76 -55.12 15.84
CA GLY C 466 -19.98 -56.05 16.93
C GLY C 466 -21.40 -55.97 17.48
N ALA C 467 -21.78 -57.03 18.19
CA ALA C 467 -23.07 -57.08 18.85
C ALA C 467 -22.94 -57.91 20.12
N MET C 468 -23.86 -57.67 21.05
CA MET C 468 -23.92 -58.44 22.29
C MET C 468 -25.17 -59.31 22.25
N ARG C 469 -24.98 -60.62 22.38
CA ARG C 469 -26.06 -61.58 22.40
C ARG C 469 -26.32 -62.02 23.84
N VAL C 470 -27.59 -61.94 24.26
CA VAL C 470 -28.00 -62.35 25.60
C VAL C 470 -29.05 -63.45 25.45
N ALA C 471 -28.77 -64.61 26.05
CA ALA C 471 -29.69 -65.75 26.02
C ALA C 471 -29.86 -66.29 27.44
N PRO C 472 -30.75 -65.68 28.23
CA PRO C 472 -30.91 -66.10 29.62
C PRO C 472 -31.66 -67.42 29.73
N VAL C 473 -31.37 -68.15 30.80
CA VAL C 473 -32.01 -69.42 31.10
C VAL C 473 -32.63 -69.35 32.49
N SER C 474 -33.86 -69.84 32.62
CA SER C 474 -34.52 -69.96 33.91
C SER C 474 -34.85 -68.59 34.52
N VAL C 475 -33.81 -67.77 34.74
CA VAL C 475 -33.98 -66.43 35.27
C VAL C 475 -33.26 -65.42 34.38
N GLY C 476 -33.70 -64.16 34.47
CA GLY C 476 -33.23 -63.13 33.56
C GLY C 476 -31.83 -62.62 33.85
N THR C 477 -31.22 -62.08 32.78
CA THR C 477 -29.93 -61.42 32.81
C THR C 477 -30.10 -59.92 32.58
N ASN C 478 -29.37 -59.11 33.34
CA ASN C 478 -29.38 -57.65 33.19
C ASN C 478 -27.98 -57.15 32.91
N VAL C 479 -27.83 -56.41 31.80
CA VAL C 479 -26.58 -55.76 31.45
C VAL C 479 -26.75 -54.26 31.64
N SER C 480 -25.81 -53.63 32.36
CA SER C 480 -25.97 -52.24 32.78
C SER C 480 -24.66 -51.48 32.67
N GLN C 481 -24.79 -50.15 32.64
CA GLN C 481 -23.65 -49.23 32.71
C GLN C 481 -24.14 -47.94 33.37
N VAL C 482 -23.33 -47.38 34.26
CA VAL C 482 -23.65 -46.15 34.96
C VAL C 482 -22.57 -45.12 34.67
N GLN C 483 -22.99 -43.87 34.43
CA GLN C 483 -22.08 -42.77 34.17
C GLN C 483 -22.56 -41.51 34.86
N ALA C 484 -21.66 -40.55 34.99
CA ALA C 484 -21.99 -39.29 35.64
C ALA C 484 -22.87 -38.42 34.76
N VAL C 485 -23.78 -37.69 35.40
CA VAL C 485 -24.68 -36.77 34.71
C VAL C 485 -25.06 -35.68 35.70
N THR C 486 -25.50 -34.53 35.17
CA THR C 486 -25.92 -33.44 36.03
C THR C 486 -27.15 -32.76 35.43
N ASN C 487 -27.98 -32.23 36.32
CA ASN C 487 -29.11 -31.39 35.93
C ASN C 487 -28.64 -29.95 35.75
N PRO C 488 -29.23 -29.19 34.80
CA PRO C 488 -30.29 -29.55 33.86
C PRO C 488 -29.77 -30.23 32.60
N GLY C 489 -30.64 -30.95 31.91
CA GLY C 489 -30.24 -31.64 30.71
C GLY C 489 -31.43 -32.32 30.08
N MET C 490 -31.26 -32.69 28.82
CA MET C 490 -32.25 -33.42 28.07
C MET C 490 -31.56 -34.59 27.38
N PHE C 491 -32.26 -35.71 27.24
CA PHE C 491 -31.62 -36.91 26.74
C PHE C 491 -32.55 -37.67 25.81
N SER C 492 -31.92 -38.40 24.88
CA SER C 492 -32.62 -39.33 24.01
C SER C 492 -31.65 -40.46 23.69
N MET C 493 -32.16 -41.70 23.68
CA MET C 493 -31.36 -42.86 23.35
C MET C 493 -32.05 -43.68 22.29
N SER C 494 -31.24 -44.25 21.38
CA SER C 494 -31.69 -45.22 20.41
C SER C 494 -30.86 -46.49 20.56
N CYS C 495 -31.51 -47.62 20.27
CA CYS C 495 -30.89 -48.94 20.37
C CYS C 495 -31.24 -49.74 19.14
N MET C 496 -30.34 -50.64 18.75
CA MET C 496 -30.61 -51.62 17.72
C MET C 496 -30.77 -52.98 18.41
N VAL C 497 -31.94 -53.58 18.25
CA VAL C 497 -32.29 -54.82 18.94
C VAL C 497 -32.78 -55.82 17.92
N ASN C 498 -32.26 -57.05 17.99
CA ASN C 498 -32.70 -58.15 17.13
C ASN C 498 -33.10 -59.32 18.02
N ILE C 499 -34.40 -59.52 18.18
CA ILE C 499 -34.94 -60.63 18.98
C ILE C 499 -35.06 -61.85 18.06
N ALA C 500 -34.25 -62.87 18.33
CA ALA C 500 -34.36 -64.12 17.56
C ALA C 500 -35.59 -64.91 17.99
N THR C 501 -35.66 -65.27 19.26
CA THR C 501 -36.80 -65.99 19.82
C THR C 501 -37.11 -65.45 21.20
N THR C 502 -38.39 -65.50 21.57
CA THR C 502 -38.84 -65.05 22.87
C THR C 502 -40.13 -65.73 23.32
N PRO C 503 -40.27 -66.01 24.64
CA PRO C 503 -41.53 -66.54 25.15
C PRO C 503 -42.58 -65.50 25.49
N GLY C 504 -42.44 -64.29 25.00
CA GLY C 504 -43.32 -63.18 25.32
C GLY C 504 -42.56 -61.87 25.12
N ASN C 505 -42.87 -60.89 25.96
CA ASN C 505 -42.06 -59.68 25.93
C ASN C 505 -40.60 -60.04 26.19
N ALA C 506 -39.72 -59.67 25.26
CA ALA C 506 -38.33 -60.12 25.34
C ALA C 506 -37.55 -59.44 26.46
N GLY C 507 -38.05 -58.35 27.00
CA GLY C 507 -37.35 -57.63 28.04
C GLY C 507 -37.65 -56.14 27.94
N GLN C 508 -36.77 -55.36 28.56
CA GLN C 508 -36.93 -53.91 28.54
C GLN C 508 -35.57 -53.23 28.63
N VAL C 509 -35.49 -52.04 28.03
CA VAL C 509 -34.35 -51.14 28.16
C VAL C 509 -34.80 -49.96 29.01
N SER C 510 -34.01 -49.63 30.03
CA SER C 510 -34.40 -48.61 30.98
C SER C 510 -33.27 -47.62 31.22
N ILE C 511 -33.64 -46.39 31.57
CA ILE C 511 -32.71 -45.36 31.98
C ILE C 511 -33.12 -44.89 33.37
N GLY C 512 -32.16 -44.89 34.30
CA GLY C 512 -32.43 -44.46 35.65
C GLY C 512 -31.42 -43.40 36.08
N PHE C 513 -31.83 -42.61 37.06
CA PHE C 513 -31.00 -41.55 37.61
C PHE C 513 -30.83 -41.76 39.12
N LEU C 514 -29.64 -41.47 39.61
CA LEU C 514 -29.30 -41.65 41.02
C LEU C 514 -28.69 -40.38 41.58
N ASP C 515 -28.91 -40.15 42.87
CA ASP C 515 -28.26 -39.06 43.58
C ASP C 515 -26.84 -39.49 43.96
N ALA C 516 -26.17 -38.66 44.77
CA ALA C 516 -24.79 -38.96 45.16
C ALA C 516 -24.69 -40.22 46.02
N ALA C 517 -25.74 -40.53 46.78
CA ALA C 517 -25.71 -41.70 47.66
C ALA C 517 -26.12 -42.98 46.95
N GLY C 518 -26.47 -42.91 45.67
CA GLY C 518 -26.87 -44.09 44.92
C GLY C 518 -28.34 -44.40 44.98
N ASN C 519 -29.14 -43.54 45.61
CA ASN C 519 -30.58 -43.75 45.72
C ASN C 519 -31.27 -43.32 44.43
N SER C 520 -32.28 -44.09 44.03
CA SER C 520 -33.04 -43.80 42.82
C SER C 520 -33.84 -42.52 42.96
N LEU C 521 -33.98 -41.82 41.84
CA LEU C 521 -34.69 -40.55 41.72
C LEU C 521 -35.85 -40.70 40.74
N PRO C 522 -36.82 -39.79 40.78
CA PRO C 522 -37.87 -39.79 39.74
C PRO C 522 -37.27 -39.50 38.37
N GLY C 523 -38.09 -39.67 37.35
CA GLY C 523 -37.67 -39.39 35.99
C GLY C 523 -37.18 -40.57 35.18
N GLY C 524 -37.29 -41.79 35.69
CA GLY C 524 -36.88 -42.94 34.93
C GLY C 524 -37.79 -43.22 33.76
N VAL C 525 -37.22 -43.83 32.71
CA VAL C 525 -37.94 -44.15 31.49
C VAL C 525 -37.58 -45.58 31.10
N SER C 526 -38.51 -46.26 30.42
CA SER C 526 -38.31 -47.65 30.03
C SER C 526 -39.00 -47.92 28.70
N ALA C 527 -38.43 -48.86 27.94
CA ALA C 527 -38.98 -49.29 26.67
C ALA C 527 -39.01 -50.81 26.63
N ASN C 528 -40.19 -51.38 26.40
CA ASN C 528 -40.32 -52.83 26.29
C ASN C 528 -39.89 -53.29 24.90
N LEU C 529 -39.21 -54.43 24.85
CA LEU C 529 -38.68 -54.93 23.58
C LEU C 529 -39.72 -55.64 22.74
N GLY C 530 -40.78 -56.18 23.35
CA GLY C 530 -41.81 -56.85 22.57
C GLY C 530 -41.40 -58.23 22.07
N THR C 531 -42.12 -58.68 21.04
CA THR C 531 -41.94 -60.02 20.49
C THR C 531 -41.60 -60.04 19.00
N THR C 532 -41.65 -58.90 18.31
CA THR C 532 -41.41 -58.88 16.87
C THR C 532 -39.94 -59.13 16.58
N THR C 533 -39.68 -60.03 15.63
CA THR C 533 -38.33 -60.45 15.27
C THR C 533 -37.72 -59.51 14.24
N GLY C 534 -36.39 -59.56 14.15
CA GLY C 534 -35.65 -58.75 13.21
C GLY C 534 -35.08 -57.49 13.84
N TRP C 535 -34.08 -56.93 13.17
CA TRP C 535 -33.46 -55.70 13.63
C TRP C 535 -34.49 -54.58 13.68
N GLN C 536 -34.58 -53.91 14.84
CA GLN C 536 -35.55 -52.85 15.03
C GLN C 536 -34.95 -51.76 15.90
N VAL C 537 -35.56 -50.58 15.86
CA VAL C 537 -35.07 -49.41 16.60
C VAL C 537 -35.85 -49.25 17.90
N ILE C 538 -35.12 -49.12 19.00
CA ILE C 538 -35.66 -48.82 20.32
C ILE C 538 -34.86 -47.65 20.86
N GLY C 539 -35.51 -46.66 21.48
CA GLY C 539 -36.95 -46.50 21.53
C GLY C 539 -37.24 -45.01 21.30
N LYS C 540 -37.84 -44.73 20.13
CA LYS C 540 -38.02 -43.37 19.66
C LYS C 540 -38.77 -42.50 20.67
N ASN C 541 -39.96 -42.92 21.08
CA ASN C 541 -40.81 -42.11 21.95
C ASN C 541 -40.80 -42.57 23.40
N THR C 542 -39.82 -43.38 23.79
CA THR C 542 -39.76 -43.94 25.14
C THR C 542 -38.52 -43.52 25.90
N LEU C 543 -37.33 -43.77 25.35
CA LEU C 543 -36.07 -43.50 26.05
C LEU C 543 -35.65 -42.05 25.85
N ARG C 544 -36.45 -41.15 26.43
CA ARG C 544 -36.19 -39.72 26.33
C ARG C 544 -36.77 -39.04 27.56
N GLY C 545 -36.26 -37.85 27.86
CA GLY C 545 -36.81 -37.05 28.93
C GLY C 545 -35.83 -35.99 29.38
N LYS C 546 -36.14 -35.43 30.55
CA LYS C 546 -35.30 -34.42 31.19
C LYS C 546 -34.50 -35.05 32.32
N VAL C 547 -33.31 -34.51 32.54
CA VAL C 547 -32.47 -34.98 33.64
C VAL C 547 -33.09 -34.48 34.95
N PRO C 548 -33.42 -35.39 35.87
CA PRO C 548 -34.11 -34.98 37.10
C PRO C 548 -33.24 -34.14 38.01
N ILE C 549 -33.90 -33.29 38.81
CA ILE C 549 -33.19 -32.47 39.78
C ILE C 549 -32.53 -33.39 40.80
N GLY C 550 -31.25 -33.13 41.10
CA GLY C 550 -30.53 -33.93 42.08
C GLY C 550 -29.71 -35.07 41.49
N ALA C 551 -29.84 -35.35 40.17
CA ALA C 551 -29.16 -36.47 39.51
C ALA C 551 -27.68 -36.22 39.40
N LYS C 552 -26.93 -37.22 39.76
CA LYS C 552 -25.51 -37.29 39.74
C LYS C 552 -25.04 -38.33 38.78
N GLN C 553 -25.92 -39.26 38.38
CA GLN C 553 -25.56 -40.46 37.67
C GLN C 553 -26.73 -40.85 36.81
N VAL C 554 -26.40 -41.43 35.66
CA VAL C 554 -27.34 -41.99 34.72
C VAL C 554 -26.93 -43.43 34.46
N ARG C 555 -27.89 -44.34 34.56
CA ARG C 555 -27.64 -45.77 34.40
C ARG C 555 -28.59 -46.35 33.37
N VAL C 556 -28.03 -47.01 32.36
CA VAL C 556 -28.82 -47.75 31.38
C VAL C 556 -28.79 -49.21 31.78
N ASN C 557 -29.94 -49.88 31.66
CA ASN C 557 -30.04 -51.30 31.95
C ASN C 557 -30.77 -52.00 30.82
N ILE C 558 -30.17 -53.07 30.31
CA ILE C 558 -30.79 -53.94 29.32
C ILE C 558 -31.18 -55.23 30.02
N GLN C 559 -32.47 -55.52 30.05
CA GLN C 559 -33.00 -56.72 30.70
C GLN C 559 -33.54 -57.65 29.62
N THR C 560 -33.05 -58.89 29.62
CA THR C 560 -33.54 -59.91 28.71
C THR C 560 -34.13 -61.05 29.53
N VAL C 561 -35.38 -61.41 29.21
CA VAL C 561 -36.08 -62.43 29.99
C VAL C 561 -35.51 -63.81 29.69
N ALA C 562 -35.78 -64.75 30.61
CA ALA C 562 -35.37 -66.13 30.41
C ALA C 562 -36.10 -66.74 29.21
N GLY C 563 -35.35 -67.49 28.40
CA GLY C 563 -35.89 -68.11 27.22
C GLY C 563 -35.81 -67.27 25.96
N ALA C 564 -35.30 -66.04 26.07
CA ALA C 564 -35.17 -65.14 24.93
C ALA C 564 -33.74 -65.16 24.41
N ASP C 565 -33.61 -65.05 23.09
CA ASP C 565 -32.31 -64.93 22.43
C ASP C 565 -32.33 -63.62 21.65
N VAL C 566 -31.60 -62.62 22.16
CA VAL C 566 -31.64 -61.27 21.61
C VAL C 566 -30.22 -60.77 21.40
N LYS C 567 -30.00 -60.06 20.29
CA LYS C 567 -28.75 -59.40 20.00
C LYS C 567 -28.93 -57.89 20.12
N TYR C 568 -27.95 -57.22 20.71
CA TYR C 568 -28.01 -55.77 20.91
C TYR C 568 -26.83 -55.09 20.25
N ALA C 569 -27.07 -53.88 19.74
CA ALA C 569 -26.03 -53.10 19.10
C ALA C 569 -26.41 -51.63 19.13
N TYR C 570 -25.40 -50.77 18.98
CA TYR C 570 -25.56 -49.32 18.85
C TYR C 570 -26.42 -48.74 19.98
N LEU C 571 -25.94 -48.89 21.21
CA LEU C 571 -26.62 -48.37 22.39
C LEU C 571 -26.19 -46.92 22.59
N LEU C 572 -26.83 -46.02 21.84
CA LEU C 572 -26.40 -44.62 21.73
C LEU C 572 -27.33 -43.70 22.50
N CYS C 573 -26.81 -43.11 23.58
CA CYS C 573 -27.51 -42.09 24.36
C CYS C 573 -26.77 -40.77 24.26
N ASN C 574 -27.53 -39.67 24.10
CA ASN C 574 -26.99 -38.31 24.08
C ASN C 574 -27.68 -37.48 25.14
N VAL C 575 -26.91 -36.75 25.95
CA VAL C 575 -27.45 -35.79 26.91
C VAL C 575 -27.01 -34.38 26.53
N VAL C 576 -27.94 -33.56 26.08
CA VAL C 576 -27.70 -32.17 25.68
C VAL C 576 -28.09 -31.23 26.82
N LYS C 577 -27.20 -30.26 27.11
CA LYS C 577 -27.37 -29.28 28.18
C LYS C 577 -27.50 -27.88 27.60
N PRO C 578 -28.26 -26.98 28.26
CA PRO C 578 -28.44 -25.61 27.78
C PRO C 578 -27.15 -24.80 27.67
N TYR D 16 -31.33 36.01 -22.04
CA TYR D 16 -31.24 36.52 -20.67
C TYR D 16 -29.97 37.36 -20.50
N PRO D 17 -30.02 38.36 -19.62
CA PRO D 17 -28.78 39.01 -19.20
C PRO D 17 -27.84 37.99 -18.59
N GLN D 18 -26.57 38.05 -18.98
CA GLN D 18 -25.62 37.00 -18.62
C GLN D 18 -24.52 37.56 -17.73
N PHE D 19 -24.15 36.78 -16.71
CA PHE D 19 -23.07 37.12 -15.81
C PHE D 19 -22.12 35.94 -15.74
N SER D 20 -20.82 36.21 -15.93
CA SER D 20 -19.84 35.15 -16.06
C SER D 20 -19.39 34.56 -14.73
N SER D 21 -19.69 35.21 -13.61
CA SER D 21 -19.23 34.73 -12.33
C SER D 21 -20.17 35.24 -11.23
N MET D 22 -20.12 34.57 -10.08
CA MET D 22 -20.88 35.02 -8.92
C MET D 22 -20.44 36.43 -8.52
N ALA D 23 -19.15 36.73 -8.62
CA ALA D 23 -18.66 38.06 -8.28
C ALA D 23 -19.29 39.13 -9.17
N LYS D 24 -19.37 38.87 -10.48
CA LYS D 24 -20.02 39.81 -11.37
C LYS D 24 -21.51 39.92 -11.06
N LEU D 25 -22.16 38.80 -10.78
CA LEU D 25 -23.59 38.81 -10.45
C LEU D 25 -23.86 39.66 -9.21
N LYS D 26 -23.01 39.53 -8.18
CA LYS D 26 -23.23 40.28 -6.95
C LYS D 26 -22.92 41.76 -7.12
N ALA D 27 -21.95 42.10 -7.97
CA ALA D 27 -21.52 43.49 -8.12
C ALA D 27 -22.52 44.33 -8.92
N PHE D 28 -23.27 43.71 -9.83
CA PHE D 28 -24.18 44.47 -10.68
C PHE D 28 -25.31 45.07 -9.84
N PRO D 29 -25.74 46.30 -10.14
CA PRO D 29 -26.86 46.93 -9.40
C PRO D 29 -28.23 46.50 -9.92
N HIS D 30 -28.64 45.29 -9.57
CA HIS D 30 -29.93 44.77 -9.99
C HIS D 30 -31.07 45.60 -9.42
N SER D 31 -32.03 45.97 -10.28
CA SER D 31 -33.13 46.81 -9.87
C SER D 31 -34.50 46.37 -10.37
N GLU D 32 -34.58 45.49 -11.37
CA GLU D 32 -35.87 45.14 -11.98
C GLU D 32 -36.43 43.90 -11.30
N ASP D 33 -37.50 44.09 -10.51
CA ASP D 33 -38.11 43.00 -9.79
C ASP D 33 -38.66 41.94 -10.74
N GLY D 34 -38.37 40.67 -10.45
CA GLY D 34 -38.85 39.57 -11.26
C GLY D 34 -37.98 39.22 -12.44
N GLN D 35 -36.98 40.04 -12.76
CA GLN D 35 -36.15 39.80 -13.92
C GLN D 35 -35.36 38.51 -13.79
N LEU D 36 -35.31 37.74 -14.87
CA LEU D 36 -34.54 36.51 -14.93
C LEU D 36 -33.17 36.80 -15.56
N VAL D 37 -32.11 36.44 -14.84
CA VAL D 37 -30.74 36.58 -15.33
C VAL D 37 -30.08 35.22 -15.26
N ARG D 38 -29.08 35.00 -16.11
CA ARG D 38 -28.38 33.73 -16.16
C ARG D 38 -26.97 33.90 -15.60
N LEU D 39 -26.62 33.02 -14.67
CA LEU D 39 -25.26 32.91 -14.17
C LEU D 39 -24.58 31.77 -14.95
N LEU D 40 -23.53 32.12 -15.70
CA LEU D 40 -22.85 31.10 -16.51
C LEU D 40 -22.11 30.11 -15.62
N SER D 41 -21.45 30.59 -14.58
CA SER D 41 -20.71 29.73 -13.67
C SER D 41 -20.49 30.48 -12.36
N TRP D 42 -20.39 29.71 -11.28
CA TRP D 42 -20.08 30.31 -9.97
C TRP D 42 -18.69 30.93 -10.00
N HIS D 43 -17.69 30.16 -10.41
CA HIS D 43 -16.33 30.65 -10.59
C HIS D 43 -16.09 30.96 -12.06
N GLU D 44 -15.40 32.07 -12.32
CA GLU D 44 -15.18 32.56 -13.67
C GLU D 44 -14.50 31.49 -14.53
N GLY D 45 -15.13 31.18 -15.67
CA GLY D 45 -14.55 30.28 -16.65
C GLY D 45 -14.75 28.81 -16.39
N VAL D 46 -15.16 28.42 -15.18
CA VAL D 46 -15.22 27.00 -14.84
C VAL D 46 -16.40 26.31 -15.51
N GLY D 47 -17.49 27.03 -15.73
CA GLY D 47 -18.68 26.40 -16.30
C GLY D 47 -19.39 25.47 -15.35
N LEU D 48 -19.32 25.74 -14.05
CA LEU D 48 -19.97 24.92 -13.04
C LEU D 48 -20.74 25.81 -12.07
N GLY D 49 -21.85 25.28 -11.56
CA GLY D 49 -22.62 25.96 -10.54
C GLY D 49 -23.56 27.02 -11.04
N GLY D 50 -23.62 27.24 -12.35
CA GLY D 50 -24.47 28.26 -12.93
C GLY D 50 -25.94 27.89 -12.93
N GLY D 51 -26.73 28.81 -13.47
CA GLY D 51 -28.17 28.62 -13.56
C GLY D 51 -28.87 29.95 -13.72
N LEU D 52 -30.20 29.87 -13.72
CA LEU D 52 -31.03 31.06 -13.81
C LEU D 52 -31.33 31.59 -12.42
N PHE D 53 -31.34 32.91 -12.29
CA PHE D 53 -31.64 33.57 -11.03
C PHE D 53 -32.75 34.58 -11.26
N LYS D 54 -33.66 34.70 -10.29
CA LYS D 54 -34.76 35.65 -10.36
C LYS D 54 -34.52 36.78 -9.37
N VAL D 55 -34.53 38.01 -9.88
CA VAL D 55 -34.37 39.19 -9.03
C VAL D 55 -35.62 39.39 -8.19
N SER D 56 -35.43 39.63 -6.89
CA SER D 56 -36.53 39.97 -6.01
C SER D 56 -36.11 41.19 -5.21
N THR D 57 -36.83 42.30 -5.40
CA THR D 57 -36.55 43.52 -4.64
C THR D 57 -37.23 43.54 -3.28
N SER D 58 -38.22 42.66 -3.06
CA SER D 58 -38.90 42.60 -1.78
C SER D 58 -38.31 41.59 -0.82
N SER D 59 -37.53 40.62 -1.32
CA SER D 59 -37.06 39.52 -0.48
C SER D 59 -36.03 40.00 0.53
N THR D 60 -36.19 39.55 1.79
CA THR D 60 -35.23 39.80 2.85
C THR D 60 -34.51 38.52 3.27
N ALA D 61 -34.54 37.49 2.43
CA ALA D 61 -33.97 36.20 2.78
C ALA D 61 -32.45 36.30 2.97
N THR D 62 -31.95 35.48 3.88
CA THR D 62 -30.51 35.46 4.18
C THR D 62 -29.74 34.89 3.00
N GLY D 63 -28.68 35.60 2.60
CA GLY D 63 -27.84 35.12 1.52
C GLY D 63 -27.02 33.92 1.94
N ASN D 64 -26.85 32.98 1.01
CA ASN D 64 -26.00 31.82 1.22
C ASN D 64 -25.07 31.58 0.04
N ASP D 65 -25.06 32.49 -0.94
CA ASP D 65 -24.21 32.40 -2.12
C ASP D 65 -24.48 31.12 -2.92
N GLY D 66 -25.70 30.59 -2.80
CA GLY D 66 -26.09 29.40 -3.51
C GLY D 66 -27.50 29.49 -4.05
N THR D 67 -28.48 29.39 -3.15
CA THR D 67 -29.88 29.55 -3.55
C THR D 67 -30.37 30.98 -3.35
N VAL D 68 -29.79 31.70 -2.40
CA VAL D 68 -30.10 33.11 -2.17
C VAL D 68 -28.80 33.91 -2.28
N VAL D 69 -28.73 34.77 -3.29
CA VAL D 69 -27.58 35.64 -3.50
C VAL D 69 -27.99 37.06 -3.14
N VAL D 70 -27.19 37.70 -2.30
CA VAL D 70 -27.42 39.10 -1.91
C VAL D 70 -26.40 39.95 -2.66
N ALA D 71 -26.89 40.79 -3.57
CA ALA D 71 -26.01 41.68 -4.32
C ALA D 71 -25.48 42.78 -3.40
N SER D 72 -24.47 43.51 -3.91
CA SER D 72 -23.85 44.57 -3.13
C SER D 72 -24.85 45.65 -2.74
N ASN D 73 -25.88 45.88 -3.56
CA ASN D 73 -26.90 46.87 -3.25
C ASN D 73 -28.00 46.33 -2.34
N GLY D 74 -27.87 45.10 -1.86
CA GLY D 74 -28.84 44.50 -0.97
C GLY D 74 -29.97 43.76 -1.66
N VAL D 75 -30.08 43.86 -2.99
CA VAL D 75 -31.16 43.19 -3.70
C VAL D 75 -30.88 41.68 -3.74
N ARG D 76 -31.91 40.89 -3.49
CA ARG D 76 -31.78 39.44 -3.46
C ARG D 76 -31.99 38.85 -4.85
N LEU D 77 -31.24 37.80 -5.15
CA LEU D 77 -31.41 37.01 -6.36
C LEU D 77 -31.66 35.56 -5.94
N LEU D 78 -32.78 35.01 -6.37
CA LEU D 78 -33.23 33.69 -5.93
C LEU D 78 -32.97 32.70 -7.04
N ARG D 79 -32.25 31.63 -6.72
CA ARG D 79 -31.89 30.67 -7.75
C ARG D 79 -33.13 29.95 -8.25
N VAL D 80 -33.29 29.93 -9.57
CA VAL D 80 -34.32 29.13 -10.22
C VAL D 80 -33.74 27.73 -10.35
N VAL D 81 -34.24 26.79 -9.56
CA VAL D 81 -33.65 25.47 -9.48
C VAL D 81 -34.48 24.53 -10.34
N ASN D 82 -33.81 23.86 -11.27
CA ASN D 82 -34.42 22.81 -12.08
C ASN D 82 -33.65 21.54 -11.74
N GLY D 83 -34.04 20.90 -10.63
CA GLY D 83 -33.40 19.69 -10.18
C GLY D 83 -32.75 19.77 -8.82
N PRO D 84 -31.79 18.87 -8.57
CA PRO D 84 -31.20 18.73 -7.24
C PRO D 84 -30.18 19.82 -6.89
N ILE D 85 -29.88 19.89 -5.59
CA ILE D 85 -28.86 20.80 -5.07
C ILE D 85 -27.49 20.16 -5.24
N TRP D 86 -26.54 20.92 -5.78
CA TRP D 86 -25.15 20.52 -5.88
C TRP D 86 -24.25 21.52 -5.18
N ALA D 87 -23.16 21.02 -4.59
CA ALA D 87 -22.23 21.90 -3.89
C ALA D 87 -21.60 22.93 -4.82
N ASP D 88 -21.52 22.62 -6.12
CA ASP D 88 -21.00 23.59 -7.08
CA ASP D 88 -21.03 23.58 -7.10
C ASP D 88 -21.89 24.83 -7.11
N MET D 89 -23.17 24.69 -6.80
CA MET D 89 -24.08 25.83 -6.76
C MET D 89 -23.72 26.81 -5.65
N PHE D 90 -22.97 26.36 -4.65
CA PHE D 90 -22.54 27.21 -3.54
C PHE D 90 -21.08 27.60 -3.65
N GLY D 91 -20.44 27.35 -4.79
CA GLY D 91 -19.08 27.74 -5.02
C GLY D 91 -18.02 26.69 -4.81
N ALA D 92 -18.41 25.43 -4.56
CA ALA D 92 -17.42 24.37 -4.44
C ALA D 92 -16.74 24.14 -5.79
N LEU D 93 -15.42 23.96 -5.76
CA LEU D 93 -14.68 23.74 -6.99
C LEU D 93 -14.09 22.34 -6.98
N PRO D 94 -14.66 21.40 -7.72
CA PRO D 94 -14.09 20.06 -7.79
C PRO D 94 -12.76 20.05 -8.53
N ASN D 95 -11.86 19.17 -8.06
CA ASN D 95 -10.57 18.93 -8.69
C ASN D 95 -9.74 20.21 -8.80
N SER D 96 -9.75 20.99 -7.72
CA SER D 96 -9.00 22.23 -7.61
C SER D 96 -8.32 22.31 -6.25
N ASP D 97 -7.29 23.15 -6.17
CA ASP D 97 -6.63 23.42 -4.90
C ASP D 97 -7.38 24.41 -4.00
N ILE D 98 -8.49 25.02 -4.46
CA ILE D 98 -9.20 25.98 -3.64
C ILE D 98 -10.00 25.24 -2.58
N ASP D 99 -10.10 25.84 -1.39
CA ASP D 99 -10.90 25.30 -0.30
C ASP D 99 -12.37 25.20 -0.70
N SER D 100 -12.91 23.97 -0.68
CA SER D 100 -14.31 23.73 -0.98
C SER D 100 -15.18 23.57 0.27
N MET D 101 -14.58 23.50 1.45
CA MET D 101 -15.36 23.24 2.66
C MET D 101 -16.40 24.31 2.99
N PRO D 102 -16.13 25.62 2.87
CA PRO D 102 -17.20 26.60 3.09
C PRO D 102 -18.41 26.37 2.21
N ALA D 103 -18.19 26.08 0.92
CA ALA D 103 -19.31 25.85 0.01
C ALA D 103 -20.07 24.58 0.36
N VAL D 104 -19.35 23.51 0.71
CA VAL D 104 -20.01 22.27 1.10
C VAL D 104 -20.78 22.47 2.41
N ALA D 105 -20.19 23.20 3.35
CA ALA D 105 -20.88 23.49 4.60
C ALA D 105 -22.14 24.32 4.36
N ALA D 106 -22.05 25.34 3.50
CA ALA D 106 -23.23 26.14 3.18
C ALA D 106 -24.26 25.32 2.43
N ALA D 107 -23.82 24.50 1.47
CA ALA D 107 -24.74 23.62 0.76
C ALA D 107 -25.44 22.65 1.71
N TYR D 108 -24.69 22.07 2.65
CA TYR D 108 -25.32 21.14 3.60
C TYR D 108 -26.32 21.87 4.48
N ALA D 109 -25.99 23.09 4.92
CA ALA D 109 -26.92 23.87 5.73
C ALA D 109 -28.24 24.09 5.00
N TYR D 110 -28.18 24.42 3.71
CA TYR D 110 -29.41 24.54 2.93
C TYR D 110 -30.11 23.20 2.83
N ALA D 111 -29.37 22.14 2.51
CA ALA D 111 -29.97 20.81 2.38
C ALA D 111 -30.71 20.42 3.64
N ALA D 112 -30.08 20.63 4.81
CA ALA D 112 -30.73 20.32 6.07
C ALA D 112 -31.95 21.20 6.30
N SER D 113 -31.88 22.46 5.88
CA SER D 113 -33.02 23.38 6.04
C SER D 113 -34.26 22.87 5.31
N VAL D 114 -34.08 22.10 4.24
CA VAL D 114 -35.21 21.56 3.49
C VAL D 114 -35.31 20.05 3.65
N ASN D 115 -34.64 19.49 4.66
CA ASN D 115 -34.73 18.06 5.00
C ASN D 115 -34.42 17.17 3.80
N THR D 116 -33.41 17.54 3.03
CA THR D 116 -33.00 16.80 1.84
C THR D 116 -31.51 16.51 1.93
N ASP D 117 -31.10 15.33 1.48
CA ASP D 117 -29.69 15.00 1.52
C ASP D 117 -28.91 15.87 0.56
N LEU D 118 -27.63 16.08 0.87
CA LEU D 118 -26.71 16.82 0.02
C LEU D 118 -25.91 15.81 -0.78
N TYR D 119 -26.06 15.84 -2.10
CA TYR D 119 -25.34 14.94 -2.98
CA TYR D 119 -25.34 14.94 -2.98
C TYR D 119 -24.06 15.60 -3.46
N ILE D 120 -22.96 14.84 -3.44
CA ILE D 120 -21.65 15.33 -3.83
C ILE D 120 -21.18 14.52 -5.03
N GLY D 121 -20.84 15.22 -6.11
CA GLY D 121 -20.41 14.54 -7.31
C GLY D 121 -19.02 13.96 -7.18
N VAL D 122 -18.76 12.93 -7.99
CA VAL D 122 -17.46 12.26 -8.00
C VAL D 122 -16.39 13.24 -8.44
N ALA D 123 -15.42 13.49 -7.55
CA ALA D 123 -14.29 14.36 -7.82
C ALA D 123 -13.39 14.38 -6.59
N THR D 124 -12.31 15.14 -6.63
CA THR D 124 -11.51 15.40 -5.45
C THR D 124 -11.84 16.79 -4.94
N TYR D 125 -12.08 16.90 -3.64
CA TYR D 125 -12.39 18.16 -3.01
C TYR D 125 -11.36 18.41 -1.91
N LYS D 126 -10.94 19.65 -1.77
CA LYS D 126 -10.01 20.03 -0.72
C LYS D 126 -10.78 20.71 0.40
N PHE D 127 -10.57 20.23 1.63
CA PHE D 127 -11.15 20.83 2.83
C PHE D 127 -10.02 21.49 3.61
N LYS D 128 -10.10 22.81 3.74
CA LYS D 128 -9.10 23.56 4.49
C LYS D 128 -9.77 24.28 5.65
N GLY D 129 -9.02 25.16 6.31
CA GLY D 129 -9.56 25.86 7.46
C GLY D 129 -9.60 24.97 8.69
N SER D 130 -10.42 25.41 9.66
CA SER D 130 -10.53 24.70 10.93
C SER D 130 -11.96 24.57 11.40
N THR D 131 -12.95 24.75 10.52
CA THR D 131 -14.35 24.72 10.91
C THR D 131 -14.95 23.36 10.60
N PRO D 132 -15.36 22.59 11.61
CA PRO D 132 -15.98 21.29 11.32
C PRO D 132 -17.34 21.44 10.67
N ILE D 133 -17.75 20.38 9.99
CA ILE D 133 -19.11 20.25 9.48
C ILE D 133 -19.84 19.28 10.39
N ASN D 134 -20.95 19.72 10.98
CA ASN D 134 -21.76 18.86 11.85
C ASN D 134 -22.94 18.36 11.05
N VAL D 135 -22.97 17.07 10.77
CA VAL D 135 -24.09 16.47 10.07
C VAL D 135 -25.22 16.21 11.07
N ASP D 136 -26.40 16.72 10.77
CA ASP D 136 -27.58 16.44 11.59
C ASP D 136 -28.35 15.32 10.91
N PRO D 137 -28.23 14.08 11.34
CA PRO D 137 -28.87 12.97 10.61
C PRO D 137 -30.39 12.98 10.68
N SER D 138 -31.01 13.77 11.55
CA SER D 138 -32.46 13.88 11.54
C SER D 138 -32.97 14.77 10.42
N ARG D 139 -32.09 15.47 9.72
CA ARG D 139 -32.48 16.39 8.66
C ARG D 139 -31.84 16.05 7.33
N ALA D 140 -30.52 15.82 7.31
CA ALA D 140 -29.86 15.57 6.04
C ALA D 140 -28.54 14.84 6.27
N GLY D 141 -28.18 14.01 5.30
CA GLY D 141 -26.89 13.36 5.25
C GLY D 141 -26.10 13.88 4.05
N ILE D 142 -24.83 13.51 4.01
CA ILE D 142 -23.96 13.84 2.89
C ILE D 142 -23.69 12.54 2.13
N ILE D 143 -24.14 12.50 0.87
CA ILE D 143 -24.19 11.29 0.08
C ILE D 143 -23.39 11.50 -1.20
N GLY D 144 -22.41 10.64 -1.44
CA GLY D 144 -21.71 10.67 -2.72
C GLY D 144 -22.60 10.10 -3.81
N TYR D 145 -22.77 10.87 -4.89
CA TYR D 145 -23.67 10.49 -5.97
C TYR D 145 -22.97 10.64 -7.31
N GLN D 146 -22.43 9.53 -7.84
CA GLN D 146 -22.18 8.31 -7.08
C GLN D 146 -20.90 7.64 -7.58
N GLY D 147 -20.02 7.29 -6.66
CA GLY D 147 -18.78 6.63 -7.02
C GLY D 147 -17.69 6.79 -5.98
N LYS D 148 -16.49 7.14 -6.44
CA LYS D 148 -15.32 7.24 -5.56
C LYS D 148 -15.09 8.73 -5.35
N VAL D 149 -15.70 9.24 -4.30
CA VAL D 149 -15.58 10.65 -3.94
C VAL D 149 -14.46 10.79 -2.93
N ARG D 150 -13.56 11.73 -3.18
CA ARG D 150 -12.39 11.95 -2.34
C ARG D 150 -12.49 13.32 -1.69
N ILE D 151 -12.34 13.36 -0.38
CA ILE D 151 -12.36 14.61 0.37
C ILE D 151 -10.99 14.72 1.01
N ASP D 152 -10.17 15.62 0.45
CA ASP D 152 -8.79 15.82 0.87
C ASP D 152 -8.76 16.83 2.01
N CYS D 153 -8.51 16.35 3.23
CA CYS D 153 -8.42 17.21 4.41
C CYS D 153 -6.99 17.38 4.90
N SER D 154 -6.00 17.18 4.02
CA SER D 154 -4.60 17.27 4.42
C SER D 154 -4.24 18.63 5.01
N GLU D 155 -4.91 19.69 4.57
CA GLU D 155 -4.61 21.03 5.05
C GLU D 155 -5.61 21.52 6.09
N PHE D 156 -6.56 20.67 6.49
CA PHE D 156 -7.51 21.03 7.53
C PHE D 156 -6.83 21.02 8.90
N THR D 157 -7.05 22.06 9.69
CA THR D 157 -6.38 22.20 10.98
C THR D 157 -7.34 22.18 12.17
N GLY D 158 -8.64 21.92 11.94
CA GLY D 158 -9.58 21.88 13.04
C GLY D 158 -9.49 20.60 13.85
N SER D 159 -10.22 20.59 14.97
CA SER D 159 -10.19 19.43 15.86
C SER D 159 -10.77 18.19 15.19
N ILE D 160 -11.88 18.33 14.48
CA ILE D 160 -12.52 17.23 13.76
C ILE D 160 -13.05 17.77 12.43
N VAL D 161 -13.03 16.92 11.41
CA VAL D 161 -13.59 17.28 10.11
C VAL D 161 -15.12 17.19 10.15
N PHE D 162 -15.64 16.05 10.56
CA PHE D 162 -17.07 15.80 10.60
C PHE D 162 -17.49 15.41 12.00
N SER D 163 -18.63 15.93 12.44
CA SER D 163 -19.34 15.42 13.60
C SER D 163 -20.75 15.04 13.18
N ILE D 164 -21.32 14.06 13.87
CA ILE D 164 -22.69 13.61 13.60
C ILE D 164 -23.45 13.74 14.90
N ASN D 165 -24.42 14.66 14.92
CA ASN D 165 -25.17 14.92 16.15
C ASN D 165 -26.46 15.63 15.84
N SER D 166 -27.57 15.12 16.37
CA SER D 166 -28.85 15.81 16.32
C SER D 166 -29.02 16.77 17.49
N SER D 167 -28.60 16.34 18.68
CA SER D 167 -28.71 17.16 19.88
C SER D 167 -27.59 18.20 19.94
N LEU D 179 -34.33 6.82 8.22
CA LEU D 179 -33.57 7.96 7.70
C LEU D 179 -32.42 7.52 6.80
N SER D 180 -31.95 8.46 5.98
CA SER D 180 -30.80 8.21 5.13
C SER D 180 -29.54 8.17 5.99
N PRO D 181 -28.47 7.55 5.49
CA PRO D 181 -27.22 7.56 6.27
C PRO D 181 -26.73 8.98 6.46
N ALA D 182 -25.99 9.19 7.54
CA ALA D 182 -25.40 10.51 7.79
C ALA D 182 -24.26 10.78 6.81
N LEU D 183 -23.46 9.77 6.49
CA LEU D 183 -22.36 9.89 5.55
C LEU D 183 -22.32 8.64 4.71
N GLN D 184 -22.20 8.79 3.38
CA GLN D 184 -22.11 7.62 2.52
C GLN D 184 -21.26 7.93 1.30
N GLY D 185 -20.43 6.95 0.91
CA GLY D 185 -19.69 7.00 -0.33
C GLY D 185 -18.52 7.97 -0.38
N LEU D 186 -17.87 8.23 0.76
CA LEU D 186 -16.83 9.25 0.87
C LEU D 186 -15.52 8.66 1.34
N TYR D 187 -14.43 8.93 0.61
CA TYR D 187 -13.08 8.64 1.08
C TYR D 187 -12.53 9.94 1.69
N VAL D 188 -12.43 9.97 3.02
CA VAL D 188 -12.02 11.16 3.76
C VAL D 188 -10.64 10.90 4.33
N PHE D 189 -9.66 11.72 3.97
CA PHE D 189 -8.29 11.51 4.43
C PHE D 189 -7.64 12.83 4.82
N GLY D 190 -6.66 12.72 5.72
CA GLY D 190 -5.88 13.85 6.18
C GLY D 190 -4.40 13.65 5.91
N ALA D 191 -3.54 14.30 6.69
CA ALA D 191 -2.09 14.15 6.55
C ALA D 191 -1.43 13.83 7.89
N LYS D 192 -2.15 13.12 8.76
CA LYS D 192 -1.64 12.70 10.07
C LYS D 192 -1.16 13.87 10.92
N THR D 193 -1.84 15.01 10.78
CA THR D 193 -1.55 16.16 11.62
C THR D 193 -2.05 15.90 13.04
N SER D 194 -1.19 16.13 14.03
CA SER D 194 -1.57 15.89 15.41
C SER D 194 -2.73 16.82 15.80
N GLY D 195 -3.72 16.27 16.48
CA GLY D 195 -4.86 17.04 16.94
C GLY D 195 -5.98 17.19 15.93
N VAL D 196 -5.87 16.60 14.75
CA VAL D 196 -6.90 16.68 13.72
C VAL D 196 -7.52 15.30 13.55
N ASP D 197 -8.74 15.13 14.04
CA ASP D 197 -9.46 13.87 13.94
C ASP D 197 -10.41 13.86 12.75
N GLY D 198 -10.72 12.67 12.26
CA GLY D 198 -11.61 12.50 11.13
C GLY D 198 -13.08 12.66 11.48
N LEU D 199 -13.65 11.66 12.14
CA LEU D 199 -15.08 11.61 12.41
C LEU D 199 -15.33 11.49 13.91
N LEU D 200 -16.17 12.39 14.43
CA LEU D 200 -16.67 12.31 15.79
C LEU D 200 -18.16 12.00 15.73
N VAL D 201 -18.56 10.86 16.26
CA VAL D 201 -19.97 10.49 16.30
C VAL D 201 -20.48 10.90 17.68
N GLY D 202 -21.33 11.91 17.70
CA GLY D 202 -21.80 12.52 18.93
C GLY D 202 -21.13 13.85 19.23
N ARG D 203 -20.99 14.17 20.51
CA ARG D 203 -20.51 15.48 20.93
C ARG D 203 -19.36 15.34 21.93
N GLU D 204 -18.57 16.42 22.03
CA GLU D 204 -17.46 16.44 22.98
C GLU D 204 -17.98 16.45 24.42
N THR D 205 -19.12 17.08 24.66
CA THR D 205 -19.69 17.23 25.99
C THR D 205 -21.10 16.66 26.01
N VAL D 206 -21.55 16.31 27.22
CA VAL D 206 -22.89 15.77 27.42
C VAL D 206 -23.94 16.84 27.17
N ASN D 213 -34.20 9.15 21.57
CA ASN D 213 -34.13 8.00 20.67
C ASN D 213 -33.32 8.36 19.44
N GLY D 214 -33.59 7.67 18.33
CA GLY D 214 -32.89 7.96 17.09
C GLY D 214 -31.89 6.88 16.70
N GLN D 215 -31.89 6.56 15.40
CA GLN D 215 -30.94 5.62 14.81
C GLN D 215 -30.40 6.21 13.53
N THR D 216 -29.10 6.02 13.29
CA THR D 216 -28.48 6.56 12.09
C THR D 216 -27.26 5.73 11.73
N GLU D 217 -26.91 5.76 10.45
CA GLU D 217 -25.92 4.88 9.84
C GLU D 217 -24.82 5.68 9.15
N VAL D 218 -23.60 5.18 9.26
CA VAL D 218 -22.48 5.61 8.42
C VAL D 218 -22.08 4.41 7.56
N ARG D 219 -22.10 4.59 6.25
CA ARG D 219 -21.94 3.48 5.31
C ARG D 219 -20.99 3.86 4.19
N GLU D 220 -20.21 2.88 3.75
CA GLU D 220 -19.40 3.00 2.54
C GLU D 220 -18.49 4.22 2.56
N CYS D 221 -17.80 4.39 3.68
CA CYS D 221 -16.85 5.48 3.82
C CYS D 221 -15.50 4.93 4.23
N THR D 222 -14.45 5.66 3.89
CA THR D 222 -13.09 5.34 4.31
C THR D 222 -12.53 6.55 5.04
N PHE D 223 -11.94 6.31 6.21
CA PHE D 223 -11.27 7.34 6.97
C PHE D 223 -9.80 6.96 7.13
N ASP D 224 -8.92 7.87 6.73
CA ASP D 224 -7.52 7.55 6.52
C ASP D 224 -6.64 8.74 6.90
N LYS D 225 -5.52 8.45 7.56
CA LYS D 225 -4.47 9.44 7.82
C LYS D 225 -4.93 10.63 8.66
N PHE D 226 -5.71 10.37 9.69
CA PHE D 226 -6.03 11.37 10.71
C PHE D 226 -5.30 11.00 12.01
N ASP D 227 -5.42 11.88 12.99
CA ASP D 227 -4.89 11.58 14.33
C ASP D 227 -5.69 10.39 14.88
N ARG D 228 -6.95 10.63 15.19
CA ARG D 228 -7.94 9.57 15.41
C ARG D 228 -8.93 9.59 14.26
N ASN D 229 -9.02 8.48 13.51
CA ASN D 229 -9.92 8.42 12.37
C ASN D 229 -11.38 8.53 12.81
N ILE D 230 -11.81 7.65 13.73
CA ILE D 230 -13.17 7.63 14.23
C ILE D 230 -13.13 7.64 15.75
N ARG D 231 -13.84 8.60 16.35
CA ARG D 231 -13.90 8.73 17.79
C ARG D 231 -15.35 8.82 18.23
N MET D 232 -15.70 8.06 19.26
CA MET D 232 -17.04 8.08 19.84
C MET D 232 -17.15 9.19 20.87
N GLY D 233 -18.22 9.97 20.80
CA GLY D 233 -18.49 10.97 21.80
C GLY D 233 -19.81 10.72 22.49
N HIS D 234 -20.36 11.74 23.14
CA HIS D 234 -21.66 11.61 23.78
C HIS D 234 -22.77 11.67 22.74
N ASN D 235 -23.76 10.79 22.88
CA ASN D 235 -24.88 10.69 21.95
C ASN D 235 -25.85 9.58 22.34
N SER D 236 -27.14 9.83 22.18
CA SER D 236 -28.19 8.86 22.48
C SER D 236 -28.63 8.03 21.28
N TRP D 237 -28.08 8.27 20.10
CA TRP D 237 -28.51 7.58 18.89
C TRP D 237 -27.75 6.27 18.69
N ARG D 238 -28.48 5.23 18.26
CA ARG D 238 -27.88 3.95 17.90
C ARG D 238 -27.19 4.08 16.54
N PHE D 239 -25.86 4.05 16.54
CA PHE D 239 -25.09 4.07 15.30
C PHE D 239 -24.79 2.68 14.75
N VAL D 240 -24.86 2.57 13.42
CA VAL D 240 -24.49 1.37 12.68
C VAL D 240 -23.47 1.75 11.61
N PHE D 241 -22.38 0.99 11.51
CA PHE D 241 -21.34 1.19 10.50
C PHE D 241 -21.35 0.03 9.51
N TYR D 242 -21.56 0.32 8.23
CA TYR D 242 -21.58 -0.69 7.18
C TYR D 242 -20.52 -0.38 6.13
N LYS D 243 -19.63 -1.35 5.87
CA LYS D 243 -18.56 -1.22 4.87
C LYS D 243 -17.74 0.05 5.07
N VAL D 244 -17.27 0.23 6.29
CA VAL D 244 -16.43 1.38 6.64
C VAL D 244 -14.98 0.90 6.80
N ASN D 245 -14.05 1.66 6.23
CA ASN D 245 -12.63 1.35 6.29
C ASN D 245 -11.96 2.41 7.15
N SER D 246 -11.12 1.96 8.09
CA SER D 246 -10.32 2.87 8.90
C SER D 246 -8.89 2.36 8.93
N LEU D 247 -7.94 3.22 8.56
CA LEU D 247 -6.56 2.77 8.42
C LEU D 247 -5.60 3.94 8.60
N ASN D 248 -4.37 3.60 8.96
CA ASN D 248 -3.21 4.50 8.92
C ASN D 248 -3.45 5.81 9.67
N ALA D 249 -3.79 5.69 10.94
CA ALA D 249 -3.97 6.84 11.82
C ALA D 249 -2.69 7.13 12.61
N LEU D 250 -2.59 8.36 13.11
CA LEU D 250 -1.41 8.77 13.88
C LEU D 250 -1.48 8.30 15.33
N SER D 251 -2.60 8.54 16.00
CA SER D 251 -2.71 8.24 17.42
C SER D 251 -2.60 6.74 17.68
N PRO D 252 -2.08 6.34 18.84
CA PRO D 252 -2.09 4.91 19.21
C PRO D 252 -3.49 4.33 19.33
N ASN D 253 -4.51 5.18 19.51
CA ASN D 253 -5.91 4.75 19.49
C ASN D 253 -6.60 5.20 18.21
N GLY D 254 -5.83 5.41 17.14
CA GLY D 254 -6.33 6.17 16.00
C GLY D 254 -7.36 5.46 15.14
N ILE D 255 -7.33 4.12 15.12
CA ILE D 255 -8.25 3.39 14.24
C ILE D 255 -9.69 3.62 14.68
N LEU D 256 -9.97 3.42 15.98
CA LEU D 256 -11.31 3.61 16.52
C LEU D 256 -11.17 3.77 18.03
N TYR D 257 -11.63 4.90 18.56
CA TYR D 257 -11.43 5.23 19.97
C TYR D 257 -12.77 5.45 20.65
N VAL D 258 -13.03 4.67 21.70
CA VAL D 258 -14.20 4.88 22.56
C VAL D 258 -13.67 5.27 23.93
N PRO D 259 -13.55 6.56 24.24
CA PRO D 259 -12.99 6.99 25.52
C PRO D 259 -13.93 6.73 26.67
N ALA D 260 -13.36 6.74 27.88
CA ALA D 260 -14.14 6.59 29.09
C ALA D 260 -15.01 7.83 29.32
N GLY D 261 -16.05 7.64 30.12
CA GLY D 261 -16.93 8.71 30.55
C GLY D 261 -18.16 8.92 29.69
N LEU D 262 -18.37 8.10 28.66
CA LEU D 262 -19.54 8.21 27.79
C LEU D 262 -20.75 7.58 28.47
N ASP D 263 -21.20 8.21 29.55
CA ASP D 263 -22.33 7.66 30.30
C ASP D 263 -23.64 7.80 29.53
N ASP D 264 -23.78 8.84 28.71
CA ASP D 264 -25.00 9.09 27.98
C ASP D 264 -25.15 8.24 26.72
N SER D 265 -24.13 7.48 26.36
CA SER D 265 -24.14 6.71 25.11
C SER D 265 -24.41 5.25 25.44
N GLY D 266 -25.68 4.95 25.72
CA GLY D 266 -26.07 3.64 26.18
C GLY D 266 -26.35 2.61 25.10
N GLU D 267 -26.52 3.07 23.86
CA GLU D 267 -26.86 2.17 22.78
C GLU D 267 -25.68 1.30 22.38
N ILE D 268 -25.99 0.15 21.77
CA ILE D 268 -24.96 -0.72 21.22
C ILE D 268 -24.37 -0.10 19.97
N LEU D 269 -23.05 -0.02 19.91
CA LEU D 269 -22.32 0.37 18.71
C LEU D 269 -22.08 -0.85 17.81
N SER D 270 -22.63 -0.82 16.59
CA SER D 270 -22.61 -1.98 15.70
C SER D 270 -21.79 -1.70 14.44
N PHE D 271 -21.04 -2.70 14.00
CA PHE D 271 -20.21 -2.62 12.80
C PHE D 271 -20.46 -3.86 11.94
N TYR D 272 -20.77 -3.64 10.66
CA TYR D 272 -21.01 -4.73 9.72
C TYR D 272 -20.02 -4.63 8.56
N HIS D 273 -19.25 -5.69 8.33
CA HIS D 273 -18.31 -5.80 7.22
C HIS D 273 -17.40 -4.57 7.12
N CYS D 274 -16.87 -4.16 8.26
CA CYS D 274 -15.93 -3.05 8.35
C CYS D 274 -14.51 -3.58 8.41
N GLN D 275 -13.57 -2.80 7.88
CA GLN D 275 -12.17 -3.22 7.86
C GLN D 275 -11.32 -2.23 8.62
N PHE D 276 -10.65 -2.71 9.66
CA PHE D 276 -9.73 -1.92 10.49
C PHE D 276 -8.35 -2.52 10.27
N PHE D 277 -7.48 -1.79 9.58
CA PHE D 277 -6.28 -2.41 9.04
C PHE D 277 -5.14 -1.41 8.90
N ASP D 278 -3.93 -1.96 8.84
CA ASP D 278 -2.70 -1.23 8.48
C ASP D 278 -2.58 0.08 9.25
N GLY D 279 -2.65 -0.02 10.57
CA GLY D 279 -2.69 1.14 11.43
C GLY D 279 -1.41 1.94 11.52
N ALA D 280 -0.28 1.39 11.07
CA ALA D 280 1.02 2.09 11.16
C ALA D 280 1.28 2.56 12.59
N GLY D 281 0.84 1.77 13.56
CA GLY D 281 1.00 2.07 14.97
C GLY D 281 -0.28 2.44 15.66
N SER D 282 -1.32 2.80 14.90
CA SER D 282 -2.63 3.11 15.46
C SER D 282 -3.41 1.82 15.71
N ASN D 283 -4.32 1.87 16.68
CA ASN D 283 -5.04 0.68 17.12
C ASN D 283 -6.47 1.05 17.46
N ILE D 284 -7.22 0.05 17.92
CA ILE D 284 -8.56 0.23 18.48
C ILE D 284 -8.45 0.18 19.99
N ARG D 285 -9.10 1.11 20.68
CA ARG D 285 -9.12 1.09 22.13
C ARG D 285 -10.53 1.39 22.62
N LEU D 286 -11.10 0.46 23.38
CA LEU D 286 -12.36 0.66 24.08
C LEU D 286 -12.03 0.92 25.55
N SER D 287 -12.28 2.14 26.01
CA SER D 287 -12.01 2.52 27.38
C SER D 287 -13.25 2.85 28.19
N CYS D 288 -14.42 2.91 27.56
CA CYS D 288 -15.64 3.31 28.25
C CYS D 288 -16.24 2.13 29.02
N SER D 289 -16.68 2.40 30.24
CA SER D 289 -17.33 1.38 31.06
C SER D 289 -18.78 1.20 30.64
N SER D 290 -19.31 0.01 30.92
CA SER D 290 -20.71 -0.33 30.61
C SER D 290 -21.04 0.00 29.15
N TYR D 291 -20.14 -0.40 28.25
CA TYR D 291 -20.24 -0.10 26.82
C TYR D 291 -20.18 -1.39 26.03
N THR D 292 -21.06 -1.53 25.04
CA THR D 292 -21.19 -2.75 24.25
C THR D 292 -20.96 -2.46 22.77
N MET D 293 -20.03 -3.21 22.16
CA MET D 293 -19.73 -3.10 20.73
C MET D 293 -19.91 -4.47 20.08
N VAL D 294 -20.45 -4.46 18.85
CA VAL D 294 -20.69 -5.67 18.08
C VAL D 294 -20.08 -5.52 16.70
N PHE D 295 -19.24 -6.48 16.31
CA PHE D 295 -18.59 -6.50 15.00
C PHE D 295 -19.01 -7.75 14.25
N ASN D 296 -19.54 -7.58 13.03
CA ASN D 296 -20.02 -8.68 12.20
C ASN D 296 -19.25 -8.70 10.89
N THR D 297 -18.56 -9.81 10.62
CA THR D 297 -17.78 -10.03 9.39
C THR D 297 -16.78 -8.89 9.15
N CYS D 298 -16.15 -8.45 10.23
CA CYS D 298 -15.12 -7.42 10.16
C CYS D 298 -13.74 -8.07 10.18
N SER D 299 -12.74 -7.31 9.76
CA SER D 299 -11.35 -7.78 9.79
C SER D 299 -10.50 -6.79 10.57
N PHE D 300 -9.70 -7.31 11.49
CA PHE D 300 -8.74 -6.51 12.26
C PHE D 300 -7.35 -6.98 11.84
N LEU D 301 -6.70 -6.18 10.99
CA LEU D 301 -5.47 -6.58 10.34
C LEU D 301 -4.37 -5.59 10.69
N ASN D 302 -3.26 -6.11 11.22
CA ASN D 302 -2.09 -5.30 11.56
C ASN D 302 -2.46 -4.18 12.53
N ILE D 303 -3.35 -4.48 13.47
CA ILE D 303 -3.74 -3.56 14.53
C ILE D 303 -4.02 -4.38 15.78
N THR D 304 -3.99 -3.73 16.94
CA THR D 304 -4.35 -4.34 18.20
C THR D 304 -5.70 -3.81 18.66
N PHE D 305 -6.54 -4.69 19.20
CA PHE D 305 -7.81 -4.31 19.80
C PHE D 305 -7.60 -4.25 21.32
N PHE D 306 -7.54 -3.04 21.86
CA PHE D 306 -7.34 -2.81 23.29
C PHE D 306 -8.68 -2.61 23.99
N VAL D 307 -8.83 -3.23 25.15
CA VAL D 307 -9.97 -3.01 26.04
C VAL D 307 -9.41 -2.77 27.44
N ASP D 308 -9.51 -1.53 27.94
CA ASP D 308 -9.06 -1.21 29.28
C ASP D 308 -10.13 -0.51 30.10
N SER D 309 -11.40 -0.70 29.75
CA SER D 309 -12.49 -0.08 30.51
C SER D 309 -12.44 -0.50 31.97
N ALA D 310 -12.82 0.43 32.86
CA ALA D 310 -12.83 0.14 34.29
C ALA D 310 -13.72 -1.06 34.62
N SER D 311 -14.89 -1.14 34.00
CA SER D 311 -15.77 -2.26 34.30
C SER D 311 -16.84 -2.43 33.22
N SER D 312 -17.21 -3.69 32.98
CA SER D 312 -18.44 -4.07 32.28
C SER D 312 -18.45 -3.64 30.80
N ALA D 313 -17.29 -3.66 30.14
CA ALA D 313 -17.25 -3.52 28.69
C ALA D 313 -17.49 -4.88 28.03
N THR D 314 -18.22 -4.86 26.91
CA THR D 314 -18.51 -6.09 26.16
C THR D 314 -18.25 -5.87 24.67
N VAL D 315 -17.31 -6.62 24.11
CA VAL D 315 -17.05 -6.66 22.68
C VAL D 315 -17.41 -8.05 22.16
N THR D 316 -18.23 -8.11 21.10
CA THR D 316 -18.58 -9.37 20.46
C THR D 316 -18.19 -9.30 18.99
N CYS D 317 -17.32 -10.20 18.56
CA CYS D 317 -16.90 -10.31 17.15
C CYS D 317 -17.42 -11.63 16.60
N ASN D 318 -18.35 -11.55 15.65
CA ASN D 318 -18.94 -12.73 15.00
C ASN D 318 -18.46 -12.78 13.55
N GLY D 319 -17.82 -13.89 13.19
CA GLY D 319 -17.37 -14.06 11.82
C GLY D 319 -16.27 -13.12 11.38
N CYS D 320 -15.47 -12.65 12.32
CA CYS D 320 -14.38 -11.72 12.08
C CYS D 320 -13.05 -12.45 11.88
N ASN D 321 -12.10 -11.76 11.24
CA ASN D 321 -10.75 -12.27 11.06
C ASN D 321 -9.74 -11.38 11.78
N PHE D 322 -8.89 -12.01 12.59
CA PHE D 322 -7.76 -11.34 13.23
C PHE D 322 -6.48 -11.89 12.61
N GLU D 323 -5.69 -11.01 11.98
CA GLU D 323 -4.53 -11.48 11.25
C GLU D 323 -3.45 -10.39 11.21
N ASN D 324 -2.23 -10.81 10.85
CA ASN D 324 -1.07 -9.94 10.66
C ASN D 324 -0.57 -10.02 9.22
N PRO D 325 -1.44 -9.79 8.23
CA PRO D 325 -1.06 -10.04 6.83
C PRO D 325 0.01 -9.10 6.31
N GLY D 326 0.94 -9.69 5.54
CA GLY D 326 2.01 -9.00 4.85
C GLY D 326 3.13 -8.50 5.72
N SER D 327 2.81 -8.09 6.95
CA SER D 327 3.86 -7.56 7.82
C SER D 327 4.42 -8.65 8.71
N ALA D 328 3.63 -9.70 8.98
CA ALA D 328 4.07 -10.82 9.81
C ALA D 328 4.41 -10.36 11.21
N SER D 329 3.92 -9.18 11.58
CA SER D 329 4.25 -8.54 12.85
C SER D 329 3.84 -9.40 14.04
N THR D 330 4.57 -9.21 15.14
CA THR D 330 4.34 -9.94 16.38
C THR D 330 3.46 -9.20 17.37
N ARG D 331 2.88 -8.06 17.00
CA ARG D 331 2.02 -7.32 17.91
C ARG D 331 0.79 -8.15 18.27
N ARG D 332 0.23 -7.87 19.45
CA ARG D 332 -0.94 -8.61 19.91
C ARG D 332 -2.16 -8.29 19.06
N TYR D 333 -3.05 -9.28 18.94
CA TYR D 333 -4.33 -9.07 18.28
C TYR D 333 -5.37 -8.45 19.21
N VAL D 334 -5.53 -9.02 20.40
CA VAL D 334 -6.52 -8.58 21.38
C VAL D 334 -5.84 -8.47 22.74
N ASP D 335 -5.99 -7.32 23.39
CA ASP D 335 -5.37 -7.06 24.68
C ASP D 335 -6.40 -6.44 25.63
N ILE D 336 -7.06 -7.29 26.43
CA ILE D 336 -7.94 -6.82 27.51
C ILE D 336 -7.05 -6.61 28.72
N SER D 337 -6.62 -5.37 28.92
CA SER D 337 -5.48 -5.07 29.78
C SER D 337 -5.84 -4.56 31.18
N ALA D 338 -7.08 -4.16 31.44
CA ALA D 338 -7.38 -3.53 32.72
C ALA D 338 -8.85 -3.72 33.07
N GLY D 339 -9.22 -3.21 34.25
CA GLY D 339 -10.58 -3.26 34.71
C GLY D 339 -11.01 -4.65 35.15
N HIS D 340 -12.31 -4.78 35.39
CA HIS D 340 -12.91 -6.05 35.78
C HIS D 340 -14.24 -6.21 35.04
N THR D 341 -14.67 -7.46 34.92
CA THR D 341 -15.95 -7.80 34.28
C THR D 341 -16.03 -7.31 32.83
N ASN D 342 -14.89 -7.31 32.13
CA ASN D 342 -14.87 -7.02 30.71
C ASN D 342 -14.89 -8.33 29.94
N VAL D 343 -15.72 -8.39 28.89
CA VAL D 343 -15.95 -9.61 28.14
C VAL D 343 -15.65 -9.35 26.67
N PHE D 344 -14.83 -10.23 26.07
CA PHE D 344 -14.53 -10.20 24.65
C PHE D 344 -14.93 -11.55 24.06
N ASN D 345 -15.84 -11.53 23.08
CA ASN D 345 -16.34 -12.75 22.45
C ASN D 345 -15.84 -12.84 21.01
N ILE D 346 -15.21 -13.95 20.67
CA ILE D 346 -14.82 -14.28 19.30
C ILE D 346 -15.62 -15.50 18.87
N ILE D 347 -16.59 -15.28 17.98
CA ILE D 347 -17.52 -16.31 17.54
C ILE D 347 -17.28 -16.59 16.06
N GLY D 348 -16.82 -17.81 15.75
CA GLY D 348 -16.56 -18.14 14.37
C GLY D 348 -15.44 -17.29 13.78
N GLY D 349 -15.48 -17.15 12.47
CA GLY D 349 -14.42 -16.39 11.82
C GLY D 349 -13.10 -17.14 11.88
N SER D 350 -12.00 -16.38 11.88
CA SER D 350 -10.68 -16.97 11.79
C SER D 350 -9.67 -16.14 12.55
N ILE D 351 -8.67 -16.82 13.10
CA ILE D 351 -7.49 -16.21 13.69
C ILE D 351 -6.29 -16.76 12.93
N VAL D 352 -5.61 -15.91 12.15
CA VAL D 352 -4.53 -16.33 11.26
C VAL D 352 -3.22 -15.70 11.74
N THR D 353 -2.16 -16.51 11.81
CA THR D 353 -0.83 -16.09 12.27
C THR D 353 0.22 -16.38 11.21
N ASN D 354 0.63 -15.37 10.46
CA ASN D 354 1.71 -15.54 9.49
C ASN D 354 3.07 -15.61 10.17
N SER D 355 3.97 -16.43 9.62
CA SER D 355 5.26 -16.70 10.23
C SER D 355 6.16 -15.47 10.28
N ASN D 356 6.88 -15.33 11.39
CA ASN D 356 7.87 -14.26 11.60
C ASN D 356 9.12 -14.84 12.28
N PRO D 357 10.14 -14.02 12.58
CA PRO D 357 11.28 -14.56 13.36
C PRO D 357 10.87 -15.31 14.61
N GLY D 358 10.01 -14.72 15.45
CA GLY D 358 9.46 -15.45 16.57
C GLY D 358 8.32 -14.74 17.27
N GLN D 359 7.21 -15.44 17.49
CA GLN D 359 6.08 -14.88 18.24
C GLN D 359 6.42 -14.99 19.72
N THR D 360 7.18 -14.01 20.20
CA THR D 360 7.71 -14.05 21.56
C THR D 360 6.70 -13.62 22.61
N GLN D 361 5.49 -13.25 22.20
CA GLN D 361 4.45 -12.86 23.14
C GLN D 361 3.11 -13.42 22.67
N ALA D 362 2.19 -13.56 23.61
CA ALA D 362 0.86 -14.05 23.29
C ALA D 362 0.08 -13.03 22.47
N LEU D 363 -0.57 -13.52 21.41
CA LEU D 363 -1.34 -12.64 20.55
C LEU D 363 -2.68 -12.25 21.16
N LEU D 364 -3.16 -13.01 22.14
CA LEU D 364 -4.37 -12.71 22.89
C LEU D 364 -4.01 -12.60 24.36
N TYR D 365 -4.50 -11.55 25.01
CA TYR D 365 -4.21 -11.31 26.42
C TYR D 365 -5.47 -10.87 27.13
N VAL D 366 -5.78 -11.52 28.26
CA VAL D 366 -6.93 -11.17 29.08
C VAL D 366 -6.47 -11.03 30.53
N SER D 367 -6.61 -9.83 31.08
CA SER D 367 -6.11 -9.52 32.42
C SER D 367 -7.06 -10.04 33.50
N THR D 368 -6.60 -9.93 34.75
CA THR D 368 -7.35 -10.43 35.90
C THR D 368 -8.77 -9.89 35.94
N ASP D 369 -9.71 -10.77 36.27
CA ASP D 369 -11.13 -10.49 36.45
C ASP D 369 -11.87 -10.21 35.14
N ASN D 370 -11.23 -10.44 34.00
CA ASN D 370 -11.85 -10.27 32.70
C ASN D 370 -11.95 -11.61 31.99
N LEU D 371 -12.72 -11.64 30.90
CA LEU D 371 -13.09 -12.90 30.27
C LEU D 371 -12.97 -12.81 28.75
N LEU D 372 -12.37 -13.83 28.16
CA LEU D 372 -12.30 -14.00 26.71
C LEU D 372 -12.98 -15.31 26.34
N ASN D 373 -14.10 -15.23 25.62
CA ASN D 373 -14.84 -16.41 25.19
C ASN D 373 -14.55 -16.70 23.72
N LEU D 374 -14.16 -17.94 23.44
CA LEU D 374 -13.88 -18.41 22.08
C LEU D 374 -14.92 -19.44 21.70
N VAL D 375 -15.62 -19.20 20.59
CA VAL D 375 -16.72 -20.05 20.16
C VAL D 375 -16.56 -20.40 18.69
N GLY D 376 -16.54 -21.69 18.38
CA GLY D 376 -16.57 -22.14 16.99
C GLY D 376 -15.49 -21.57 16.12
N VAL D 377 -14.29 -21.41 16.64
CA VAL D 377 -13.16 -20.87 15.89
C VAL D 377 -11.99 -21.82 16.05
N THR D 378 -11.10 -21.81 15.06
CA THR D 378 -9.93 -22.68 15.05
C THR D 378 -8.72 -21.92 15.57
N ALA D 379 -8.11 -22.45 16.62
CA ALA D 379 -6.88 -21.87 17.14
C ALA D 379 -5.72 -22.21 16.22
N PRO D 380 -4.98 -21.22 15.73
CA PRO D 380 -3.86 -21.51 14.81
C PRO D 380 -2.61 -21.93 15.56
N TYR D 381 -1.71 -22.57 14.81
CA TYR D 381 -0.38 -22.88 15.33
C TYR D 381 0.66 -22.68 14.25
N GLY D 382 1.82 -22.21 14.66
CA GLY D 382 2.96 -22.08 13.76
C GLY D 382 4.25 -22.41 14.49
N GLY D 383 5.24 -22.87 13.72
CA GLY D 383 6.52 -23.21 14.30
C GLY D 383 7.27 -22.04 14.89
N HIS D 384 6.92 -20.81 14.49
CA HIS D 384 7.53 -19.62 15.03
C HIS D 384 7.01 -19.23 16.41
N TYR D 385 6.06 -20.00 16.96
CA TYR D 385 5.48 -19.68 18.26
C TYR D 385 6.54 -19.80 19.34
N GLN D 386 6.81 -18.70 20.03
CA GLN D 386 7.79 -18.64 21.11
C GLN D 386 7.23 -17.89 22.31
N GLN D 387 5.97 -18.17 22.65
CA GLN D 387 5.29 -17.42 23.70
C GLN D 387 5.88 -17.67 25.08
N GLU D 388 6.69 -18.72 25.24
CA GLU D 388 7.30 -18.99 26.53
C GLU D 388 8.22 -17.87 26.97
N GLN D 389 8.72 -17.07 26.03
CA GLN D 389 9.53 -15.91 26.39
C GLN D 389 8.76 -14.94 27.26
N GLU D 390 7.48 -14.72 26.97
CA GLU D 390 6.68 -13.86 27.84
C GLU D 390 6.10 -14.64 29.04
N LEU D 391 5.39 -15.72 28.76
CA LEU D 391 4.64 -16.41 29.80
C LEU D 391 5.50 -17.32 30.67
N GLY D 392 6.63 -17.80 30.16
CA GLY D 392 7.39 -18.83 30.83
C GLY D 392 7.05 -20.24 30.39
N TYR D 393 5.95 -20.41 29.66
CA TYR D 393 5.52 -21.70 29.16
C TYR D 393 4.88 -21.50 27.79
N HIS D 394 4.68 -22.61 27.08
CA HIS D 394 4.22 -22.59 25.70
C HIS D 394 2.69 -22.63 25.68
N ALA D 395 2.07 -21.46 25.55
CA ALA D 395 0.62 -21.35 25.46
C ALA D 395 0.25 -20.17 24.58
N PHE D 396 -0.97 -20.21 24.04
CA PHE D 396 -1.39 -19.21 23.06
C PHE D 396 -1.84 -17.90 23.70
N ILE D 397 -2.50 -17.96 24.85
CA ILE D 397 -3.10 -16.78 25.48
C ILE D 397 -2.37 -16.48 26.78
N GLY D 398 -2.19 -15.18 27.06
CA GLY D 398 -1.59 -14.71 28.27
C GLY D 398 -2.58 -13.98 29.16
N GLY D 399 -2.11 -13.62 30.35
CA GLY D 399 -2.91 -12.88 31.30
C GLY D 399 -3.54 -13.76 32.36
N ALA D 400 -3.87 -13.16 33.49
CA ALA D 400 -4.44 -13.86 34.63
C ALA D 400 -5.96 -13.87 34.61
N GLY D 401 -6.59 -13.52 33.48
CA GLY D 401 -8.02 -13.59 33.35
C GLY D 401 -8.52 -15.00 33.10
N THR D 402 -9.74 -15.08 32.56
CA THR D 402 -10.38 -16.35 32.27
C THR D 402 -10.62 -16.48 30.77
N VAL D 403 -10.41 -17.69 30.25
CA VAL D 403 -10.74 -18.03 28.87
C VAL D 403 -11.71 -19.20 28.88
N THR D 404 -12.74 -19.12 28.04
CA THR D 404 -13.65 -20.23 27.82
C THR D 404 -13.66 -20.61 26.34
N THR D 405 -13.97 -21.88 26.08
CA THR D 405 -13.93 -22.44 24.72
C THR D 405 -15.17 -23.30 24.53
N SER D 406 -15.90 -23.04 23.45
CA SER D 406 -17.05 -23.85 23.07
C SER D 406 -16.98 -24.11 21.58
N GLY D 407 -16.81 -25.38 21.20
CA GLY D 407 -16.69 -25.71 19.80
C GLY D 407 -15.41 -25.22 19.15
N VAL D 408 -14.37 -24.98 19.94
CA VAL D 408 -13.08 -24.54 19.41
C VAL D 408 -12.36 -25.75 18.83
N MET D 409 -11.66 -25.53 17.71
CA MET D 409 -10.89 -26.56 17.05
C MET D 409 -9.41 -26.24 17.16
N LEU D 410 -8.59 -27.27 17.37
CA LEU D 410 -7.15 -27.15 17.37
C LEU D 410 -6.60 -27.79 16.10
N GLN D 411 -5.44 -27.30 15.66
CA GLN D 411 -4.80 -27.83 14.45
C GLN D 411 -3.97 -29.04 14.87
N LEU D 412 -4.67 -30.16 15.09
CA LEU D 412 -4.03 -31.38 15.57
C LEU D 412 -3.16 -32.03 14.51
N ARG D 413 -3.40 -31.73 13.23
CA ARG D 413 -2.64 -32.29 12.13
C ARG D 413 -1.57 -31.33 11.62
N ASN D 414 -1.37 -30.21 12.32
CA ASN D 414 -0.34 -29.25 11.95
C ASN D 414 1.02 -29.86 12.27
N GLY D 415 1.87 -29.98 11.24
CA GLY D 415 3.16 -30.62 11.41
C GLY D 415 4.05 -29.90 12.40
N ALA D 416 3.92 -28.58 12.50
CA ALA D 416 4.73 -27.84 13.46
C ALA D 416 4.33 -28.15 14.90
N GLY D 417 3.07 -28.53 15.12
CA GLY D 417 2.62 -28.93 16.44
C GLY D 417 1.33 -28.25 16.81
N THR D 418 1.03 -28.28 18.11
CA THR D 418 -0.16 -27.68 18.69
C THR D 418 0.20 -27.28 20.11
N CYS D 419 -0.45 -26.24 20.63
CA CYS D 419 -0.20 -25.79 21.99
C CYS D 419 -1.50 -25.54 22.74
N PRO D 420 -1.47 -25.63 24.07
CA PRO D 420 -2.63 -25.26 24.86
C PRO D 420 -2.92 -23.77 24.78
N LEU D 421 -4.18 -23.41 25.05
CA LEU D 421 -4.62 -22.03 24.88
C LEU D 421 -4.29 -21.17 26.10
N HIS D 422 -4.75 -21.56 27.29
CA HIS D 422 -4.64 -20.67 28.44
C HIS D 422 -4.50 -21.49 29.72
N SER D 423 -3.93 -20.82 30.74
CA SER D 423 -3.76 -21.45 32.05
C SER D 423 -5.11 -21.75 32.69
N SER D 424 -6.10 -20.88 32.47
CA SER D 424 -7.42 -21.06 33.08
C SER D 424 -8.15 -22.29 32.56
N LEU D 425 -7.64 -22.91 31.50
CA LEU D 425 -8.23 -24.13 30.94
C LEU D 425 -7.46 -25.38 31.36
N SER D 426 -6.59 -25.27 32.37
CA SER D 426 -5.75 -26.39 32.80
C SER D 426 -6.58 -27.61 33.14
N THR D 427 -6.22 -28.75 32.53
CA THR D 427 -6.90 -30.00 32.85
C THR D 427 -6.56 -30.50 34.25
N PHE D 428 -5.33 -30.25 34.71
CA PHE D 428 -4.82 -30.86 35.92
C PHE D 428 -4.58 -29.81 37.01
N SER D 429 -4.84 -30.19 38.25
CA SER D 429 -4.64 -29.31 39.39
C SER D 429 -3.16 -29.20 39.72
N ASN D 430 -2.78 -28.05 40.29
CA ASN D 430 -1.40 -27.77 40.66
C ASN D 430 -0.47 -27.93 39.45
N TRP D 431 -0.99 -27.58 38.27
CA TRP D 431 -0.25 -27.76 37.02
C TRP D 431 1.04 -26.95 37.00
N ASN D 432 1.06 -25.80 37.67
CA ASN D 432 2.23 -24.92 37.70
C ASN D 432 2.96 -25.00 39.03
N PHE D 433 2.55 -25.92 39.91
CA PHE D 433 3.14 -26.08 41.24
C PHE D 433 2.96 -24.82 42.08
N GLY D 434 1.90 -24.07 41.81
CA GLY D 434 1.58 -22.87 42.57
C GLY D 434 1.03 -23.15 43.95
N TYR D 435 0.72 -24.41 44.27
CA TYR D 435 0.32 -24.76 45.62
C TYR D 435 1.45 -24.56 46.62
N GLY D 436 2.69 -24.46 46.16
CA GLY D 436 3.84 -24.47 47.04
C GLY D 436 4.26 -25.85 47.49
N ASN D 437 3.73 -26.90 46.87
CA ASN D 437 4.02 -28.27 47.24
C ASN D 437 3.74 -29.15 46.03
N LEU D 438 3.74 -30.47 46.24
CA LEU D 438 3.49 -31.44 45.18
C LEU D 438 2.12 -32.10 45.31
N ASN D 439 1.19 -31.46 45.99
CA ASN D 439 -0.14 -32.03 46.17
C ASN D 439 -0.85 -32.16 44.82
N ALA D 440 -1.82 -33.08 44.78
CA ALA D 440 -2.62 -33.44 43.60
C ALA D 440 -1.82 -34.34 42.67
N TRP D 441 -0.51 -34.42 42.87
CA TRP D 441 0.36 -35.28 42.08
C TRP D 441 0.68 -36.55 42.86
N THR D 442 0.55 -37.69 42.21
CA THR D 442 0.83 -39.00 42.80
C THR D 442 2.26 -39.42 42.44
N VAL D 443 3.11 -39.60 43.44
CA VAL D 443 4.51 -39.96 43.24
C VAL D 443 4.66 -41.46 43.46
N ASP D 444 4.97 -42.19 42.39
CA ASP D 444 5.19 -43.63 42.43
C ASP D 444 6.65 -43.90 42.08
N LYS D 445 7.46 -44.16 43.10
CA LYS D 445 8.88 -44.45 42.91
C LYS D 445 9.16 -45.90 42.59
N GLY D 446 8.15 -46.77 42.59
CA GLY D 446 8.39 -48.19 42.36
C GLY D 446 9.32 -48.76 43.40
N THR D 447 10.26 -49.58 42.94
CA THR D 447 11.23 -50.21 43.84
C THR D 447 12.31 -49.24 44.30
N GLY D 448 12.44 -48.10 43.64
CA GLY D 448 13.47 -47.12 43.94
C GLY D 448 13.22 -46.33 45.21
N THR D 449 13.53 -46.91 46.36
CA THR D 449 13.16 -46.29 47.63
C THR D 449 13.96 -45.01 47.86
N SER D 450 15.18 -44.94 47.34
CA SER D 450 16.06 -43.79 47.49
C SER D 450 15.83 -42.69 46.47
N SER D 451 14.90 -42.87 45.53
CA SER D 451 14.64 -41.84 44.52
C SER D 451 14.19 -40.54 45.18
N VAL D 452 14.67 -39.42 44.65
CA VAL D 452 14.40 -38.10 45.19
C VAL D 452 13.34 -37.41 44.34
N VAL D 453 12.23 -37.03 44.96
CA VAL D 453 11.19 -36.23 44.34
C VAL D 453 10.84 -35.08 45.29
N GLU D 454 11.10 -33.85 44.85
CA GLU D 454 10.98 -32.70 45.74
C GLU D 454 10.41 -31.49 45.00
N TYR D 455 9.67 -30.67 45.75
CA TYR D 455 9.27 -29.35 45.26
C TYR D 455 10.39 -28.36 45.52
N LEU D 456 10.68 -27.52 44.52
CA LEU D 456 11.70 -26.50 44.64
C LEU D 456 11.09 -25.14 44.33
N ALA D 457 11.17 -24.22 45.28
CA ALA D 457 10.63 -22.89 45.10
C ALA D 457 11.56 -22.05 44.25
N ASN D 458 10.97 -21.21 43.38
CA ASN D 458 11.73 -20.28 42.54
C ASN D 458 12.73 -20.99 41.65
N ALA D 459 12.43 -22.24 41.29
CA ALA D 459 13.31 -23.06 40.46
C ALA D 459 12.78 -23.29 39.06
N GLY D 460 11.65 -22.69 38.70
CA GLY D 460 11.08 -22.85 37.39
C GLY D 460 11.84 -22.09 36.32
N PRO D 461 11.29 -22.06 35.10
CA PRO D 461 11.98 -21.36 34.00
C PRO D 461 12.31 -19.91 34.28
N LYS D 462 11.43 -19.19 34.98
CA LYS D 462 11.64 -17.78 35.24
C LYS D 462 12.37 -17.51 36.56
N GLY D 463 12.54 -18.52 37.41
CA GLY D 463 13.12 -18.29 38.72
C GLY D 463 12.17 -17.73 39.74
N THR D 464 10.89 -17.56 39.39
CA THR D 464 9.89 -17.00 40.28
C THR D 464 8.75 -17.96 40.54
N GLU D 465 8.80 -19.17 40.00
CA GLU D 465 7.73 -20.15 40.09
C GLU D 465 8.29 -21.46 40.63
N GLY D 466 7.38 -22.31 41.10
CA GLY D 466 7.78 -23.60 41.61
C GLY D 466 8.16 -24.58 40.52
N ALA D 467 8.90 -25.62 40.92
CA ALA D 467 9.28 -26.69 40.03
C ALA D 467 9.38 -27.98 40.82
N MET D 468 9.25 -29.10 40.12
CA MET D 468 9.38 -30.43 40.70
C MET D 468 10.65 -31.08 40.17
N ARG D 469 11.53 -31.48 41.08
CA ARG D 469 12.78 -32.15 40.72
C ARG D 469 12.65 -33.65 40.99
N VAL D 470 13.00 -34.45 39.99
CA VAL D 470 12.97 -35.91 40.09
C VAL D 470 14.36 -36.44 39.76
N ALA D 471 14.93 -37.21 40.70
CA ALA D 471 16.24 -37.85 40.52
C ALA D 471 16.11 -39.31 40.93
N PRO D 472 15.62 -40.17 40.04
CA PRO D 472 15.36 -41.57 40.41
C PRO D 472 16.63 -42.39 40.55
N VAL D 473 16.55 -43.41 41.41
CA VAL D 473 17.63 -44.36 41.65
C VAL D 473 17.09 -45.77 41.43
N SER D 474 17.89 -46.61 40.77
CA SER D 474 17.59 -48.02 40.51
C SER D 474 16.49 -48.19 39.47
N VAL D 475 15.31 -47.63 39.73
CA VAL D 475 14.22 -47.66 38.76
C VAL D 475 13.70 -46.25 38.59
N GLY D 476 13.00 -46.03 37.48
CA GLY D 476 12.49 -44.72 37.20
C GLY D 476 11.33 -44.36 38.12
N THR D 477 11.11 -43.05 38.27
CA THR D 477 10.01 -42.54 39.07
C THR D 477 8.93 -42.00 38.14
N ASN D 478 7.68 -42.30 38.45
CA ASN D 478 6.54 -41.85 37.68
C ASN D 478 5.61 -41.03 38.56
N VAL D 479 5.35 -39.79 38.14
CA VAL D 479 4.42 -38.89 38.80
C VAL D 479 3.20 -38.72 37.90
N SER D 480 2.01 -38.88 38.47
CA SER D 480 0.80 -38.95 37.68
C SER D 480 -0.33 -38.16 38.35
N GLN D 481 -1.34 -37.83 37.54
CA GLN D 481 -2.56 -37.20 38.01
C GLN D 481 -3.70 -37.64 37.10
N VAL D 482 -4.86 -37.90 37.69
CA VAL D 482 -6.04 -38.32 36.95
C VAL D 482 -7.16 -37.32 37.18
N GLN D 483 -7.87 -36.98 36.11
CA GLN D 483 -9.02 -36.09 36.18
C GLN D 483 -10.09 -36.62 35.23
N ALA D 484 -11.33 -36.21 35.48
CA ALA D 484 -12.44 -36.67 34.65
C ALA D 484 -12.48 -35.92 33.33
N VAL D 485 -12.83 -36.65 32.26
CA VAL D 485 -13.02 -36.06 30.95
C VAL D 485 -13.95 -36.99 30.18
N THR D 486 -14.66 -36.45 29.21
CA THR D 486 -15.54 -37.28 28.39
C THR D 486 -15.58 -36.72 26.98
N ASN D 487 -16.03 -37.55 26.04
CA ASN D 487 -16.24 -37.09 24.69
C ASN D 487 -17.49 -36.22 24.64
N PRO D 488 -17.55 -35.24 23.73
CA PRO D 488 -16.53 -34.90 22.72
C PRO D 488 -15.43 -33.97 23.24
N GLY D 489 -14.26 -33.99 22.61
CA GLY D 489 -13.19 -33.11 23.05
C GLY D 489 -11.95 -33.23 22.18
N MET D 490 -11.10 -32.22 22.32
CA MET D 490 -9.78 -32.14 21.69
C MET D 490 -8.81 -31.63 22.74
N PHE D 491 -7.55 -32.05 22.65
CA PHE D 491 -6.59 -31.68 23.68
C PHE D 491 -5.22 -31.40 23.10
N SER D 492 -4.47 -30.54 23.81
CA SER D 492 -3.07 -30.28 23.55
C SER D 492 -2.40 -29.94 24.88
N MET D 493 -1.17 -30.44 25.07
CA MET D 493 -0.43 -30.20 26.30
C MET D 493 0.99 -29.70 25.99
N SER D 494 1.47 -28.78 26.81
CA SER D 494 2.86 -28.33 26.77
C SER D 494 3.49 -28.48 28.15
N CYS D 495 4.81 -28.69 28.16
CA CYS D 495 5.57 -28.86 29.38
C CYS D 495 6.87 -28.06 29.29
N MET D 496 7.34 -27.58 30.44
CA MET D 496 8.67 -26.99 30.56
C MET D 496 9.54 -27.98 31.35
N VAL D 497 10.62 -28.44 30.71
CA VAL D 497 11.49 -29.48 31.28
C VAL D 497 12.93 -29.00 31.21
N ASN D 498 13.67 -29.19 32.31
CA ASN D 498 15.09 -28.87 32.38
C ASN D 498 15.85 -30.12 32.82
N ILE D 499 16.56 -30.74 31.88
CA ILE D 499 17.38 -31.92 32.17
C ILE D 499 18.73 -31.45 32.70
N ALA D 500 19.01 -31.70 33.98
CA ALA D 500 20.33 -31.40 34.52
C ALA D 500 21.35 -32.42 34.03
N THR D 501 21.11 -33.70 34.32
CA THR D 501 21.94 -34.80 33.84
C THR D 501 21.04 -35.98 33.51
N THR D 502 21.46 -36.77 32.52
CA THR D 502 20.74 -37.97 32.13
C THR D 502 21.74 -38.95 31.52
N PRO D 503 21.54 -40.26 31.71
CA PRO D 503 22.42 -41.24 31.08
C PRO D 503 22.06 -41.47 29.61
N GLY D 504 20.77 -41.37 29.33
CA GLY D 504 20.25 -41.58 27.99
C GLY D 504 19.05 -40.71 27.83
N ASN D 505 18.03 -41.19 27.12
CA ASN D 505 16.77 -40.48 27.10
C ASN D 505 16.28 -40.30 28.54
N ALA D 506 16.03 -39.04 28.92
CA ALA D 506 15.75 -38.74 30.32
C ALA D 506 14.40 -39.26 30.80
N GLY D 507 13.50 -39.62 29.90
CA GLY D 507 12.20 -40.09 30.30
C GLY D 507 11.15 -39.71 29.26
N GLN D 508 9.90 -39.71 29.70
CA GLN D 508 8.80 -39.36 28.83
C GLN D 508 7.64 -38.75 29.62
N VAL D 509 6.87 -37.91 28.94
CA VAL D 509 5.58 -37.42 29.42
C VAL D 509 4.50 -38.07 28.58
N SER D 510 3.48 -38.64 29.22
CA SER D 510 2.44 -39.36 28.51
C SER D 510 1.07 -38.93 28.98
N ILE D 511 0.10 -39.01 28.08
CA ILE D 511 -1.30 -38.79 28.39
C ILE D 511 -2.09 -40.01 27.95
N GLY D 512 -2.88 -40.57 28.87
CA GLY D 512 -3.70 -41.73 28.57
C GLY D 512 -5.14 -41.48 28.96
N PHE D 513 -6.03 -42.27 28.36
CA PHE D 513 -7.45 -42.18 28.63
C PHE D 513 -7.99 -43.51 29.13
N LEU D 514 -8.88 -43.44 30.11
CA LEU D 514 -9.50 -44.61 30.71
C LEU D 514 -11.01 -44.41 30.76
N ASP D 515 -11.76 -45.50 30.64
CA ASP D 515 -13.20 -45.41 30.86
C ASP D 515 -13.48 -45.46 32.36
N ALA D 516 -14.77 -45.48 32.71
CA ALA D 516 -15.15 -45.52 34.12
C ALA D 516 -14.75 -46.82 34.78
N ALA D 517 -14.68 -47.91 34.01
CA ALA D 517 -14.33 -49.22 34.54
C ALA D 517 -12.83 -49.44 34.66
N GLY D 518 -12.01 -48.47 34.25
CA GLY D 518 -10.58 -48.59 34.37
C GLY D 518 -9.85 -49.17 33.18
N ASN D 519 -10.54 -49.43 32.07
CA ASN D 519 -9.86 -49.97 30.91
C ASN D 519 -9.14 -48.87 30.15
N SER D 520 -7.89 -49.14 29.76
CA SER D 520 -7.16 -48.20 28.92
C SER D 520 -7.78 -48.18 27.53
N LEU D 521 -7.79 -47.02 26.90
CA LEU D 521 -8.40 -46.85 25.59
C LEU D 521 -7.36 -46.41 24.58
N PRO D 522 -7.64 -46.55 23.28
CA PRO D 522 -6.76 -45.98 22.27
C PRO D 522 -6.72 -44.46 22.36
N GLY D 523 -5.78 -43.87 21.64
CA GLY D 523 -5.61 -42.43 21.63
C GLY D 523 -4.55 -41.91 22.57
N GLY D 524 -3.80 -42.78 23.23
CA GLY D 524 -2.74 -42.32 24.10
C GLY D 524 -1.58 -41.72 23.33
N VAL D 525 -0.90 -40.77 23.96
CA VAL D 525 0.21 -40.05 23.36
C VAL D 525 1.34 -39.94 24.37
N SER D 526 2.57 -39.85 23.85
CA SER D 526 3.75 -39.77 24.70
C SER D 526 4.80 -38.91 24.02
N ALA D 527 5.62 -38.24 24.83
CA ALA D 527 6.71 -37.40 24.34
C ALA D 527 7.98 -37.72 25.13
N ASN D 528 9.03 -38.11 24.41
CA ASN D 528 10.31 -38.39 25.04
C ASN D 528 11.07 -37.12 25.36
N LEU D 529 11.75 -37.11 26.51
CA LEU D 529 12.47 -35.93 26.97
C LEU D 529 13.82 -35.73 26.29
N GLY D 530 14.44 -36.79 25.77
CA GLY D 530 15.72 -36.65 25.11
C GLY D 530 16.88 -36.46 26.08
N THR D 531 17.97 -35.89 25.54
CA THR D 531 19.21 -35.71 26.29
C THR D 531 19.68 -34.27 26.37
N THR D 532 19.03 -33.34 25.66
CA THR D 532 19.48 -31.95 25.66
C THR D 532 19.19 -31.28 26.99
N THR D 533 20.19 -30.60 27.54
CA THR D 533 20.07 -29.92 28.83
C THR D 533 19.51 -28.52 28.63
N GLY D 534 18.98 -27.96 29.73
CA GLY D 534 18.41 -26.63 29.71
C GLY D 534 16.89 -26.65 29.57
N TRP D 535 16.28 -25.53 29.97
CA TRP D 535 14.83 -25.40 29.88
C TRP D 535 14.36 -25.51 28.44
N GLN D 536 13.41 -26.40 28.20
CA GLN D 536 12.90 -26.64 26.86
C GLN D 536 11.42 -26.98 26.91
N VAL D 537 10.77 -26.85 25.76
CA VAL D 537 9.35 -27.10 25.61
C VAL D 537 9.15 -28.53 25.11
N ILE D 538 8.23 -29.27 25.74
CA ILE D 538 7.93 -30.63 25.36
C ILE D 538 6.44 -30.76 25.07
N GLY D 539 6.12 -31.48 23.99
CA GLY D 539 4.75 -31.83 23.67
C GLY D 539 4.15 -31.17 22.44
N LYS D 540 4.92 -30.38 21.69
CA LYS D 540 4.35 -29.59 20.59
C LYS D 540 3.58 -30.45 19.61
N ASN D 541 4.24 -31.43 18.99
CA ASN D 541 3.61 -32.29 17.99
C ASN D 541 3.36 -33.69 18.52
N THR D 542 3.42 -33.89 19.84
CA THR D 542 3.25 -35.21 20.44
C THR D 542 2.06 -35.28 21.38
N LEU D 543 1.98 -34.39 22.36
CA LEU D 543 0.92 -34.44 23.39
C LEU D 543 -0.33 -33.70 22.90
N ARG D 544 -0.96 -34.28 21.88
CA ARG D 544 -2.15 -33.71 21.29
C ARG D 544 -3.01 -34.82 20.69
N GLY D 545 -4.30 -34.54 20.53
CA GLY D 545 -5.17 -35.46 19.84
C GLY D 545 -6.63 -35.20 20.18
N LYS D 546 -7.47 -36.18 19.84
CA LYS D 546 -8.89 -36.14 20.13
C LYS D 546 -9.19 -37.04 21.32
N VAL D 547 -10.19 -36.64 22.11
CA VAL D 547 -10.63 -37.45 23.24
C VAL D 547 -11.38 -38.66 22.70
N PRO D 548 -10.95 -39.88 23.05
CA PRO D 548 -11.63 -41.06 22.50
C PRO D 548 -13.04 -41.20 23.05
N ILE D 549 -13.92 -41.74 22.22
CA ILE D 549 -15.29 -41.99 22.64
C ILE D 549 -15.31 -43.06 23.73
N GLY D 550 -16.09 -42.82 24.78
CA GLY D 550 -16.12 -43.69 25.93
C GLY D 550 -15.18 -43.30 27.05
N ALA D 551 -14.30 -42.33 26.82
CA ALA D 551 -13.34 -41.92 27.83
C ALA D 551 -14.05 -41.24 28.99
N LYS D 552 -13.73 -41.65 30.21
CA LYS D 552 -14.27 -41.00 31.40
C LYS D 552 -13.21 -40.34 32.26
N GLN D 553 -11.92 -40.62 32.02
CA GLN D 553 -10.85 -40.03 32.81
C GLN D 553 -9.61 -39.87 31.93
N VAL D 554 -8.81 -38.85 32.23
CA VAL D 554 -7.55 -38.59 31.55
C VAL D 554 -6.44 -38.60 32.57
N ARG D 555 -5.34 -39.27 32.24
CA ARG D 555 -4.23 -39.46 33.16
C ARG D 555 -2.95 -38.99 32.49
N VAL D 556 -2.25 -38.08 33.14
CA VAL D 556 -0.92 -37.63 32.72
C VAL D 556 0.11 -38.36 33.56
N ASN D 557 1.20 -38.77 32.94
CA ASN D 557 2.29 -39.41 33.67
C ASN D 557 3.61 -38.77 33.26
N ILE D 558 4.38 -38.35 34.25
CA ILE D 558 5.73 -37.81 34.03
C ILE D 558 6.73 -38.88 34.46
N GLN D 559 7.51 -39.37 33.52
CA GLN D 559 8.44 -40.47 33.74
C GLN D 559 9.88 -39.97 33.65
N THR D 560 10.65 -40.22 34.70
CA THR D 560 12.08 -39.91 34.74
C THR D 560 12.86 -41.20 34.93
N VAL D 561 13.81 -41.46 34.04
CA VAL D 561 14.56 -42.72 34.13
C VAL D 561 15.53 -42.68 35.30
N ALA D 562 15.96 -43.88 35.71
CA ALA D 562 16.94 -43.98 36.78
C ALA D 562 18.26 -43.34 36.35
N GLY D 563 18.85 -42.56 37.25
CA GLY D 563 20.10 -41.88 36.97
C GLY D 563 19.97 -40.51 36.35
N ALA D 564 18.75 -40.07 36.04
CA ALA D 564 18.52 -38.76 35.45
C ALA D 564 18.06 -37.78 36.52
N ASP D 565 18.49 -36.53 36.40
CA ASP D 565 18.08 -35.45 37.30
C ASP D 565 17.49 -34.34 36.46
N VAL D 566 16.16 -34.20 36.49
CA VAL D 566 15.46 -33.22 35.66
C VAL D 566 14.42 -32.48 36.49
N LYS D 567 14.23 -31.20 36.19
CA LYS D 567 13.20 -30.36 36.79
C LYS D 567 12.05 -30.15 35.83
N TYR D 568 10.83 -30.18 36.35
CA TYR D 568 9.62 -30.02 35.55
C TYR D 568 8.83 -28.81 36.04
N ALA D 569 8.18 -28.13 35.09
CA ALA D 569 7.35 -26.98 35.43
C ALA D 569 6.31 -26.77 34.35
N TYR D 570 5.25 -26.05 34.73
CA TYR D 570 4.19 -25.64 33.82
C TYR D 570 3.65 -26.81 32.99
N LEU D 571 3.08 -27.78 33.70
CA LEU D 571 2.48 -28.96 33.06
C LEU D 571 1.05 -28.60 32.67
N LEU D 572 0.93 -27.93 31.54
CA LEU D 572 -0.33 -27.32 31.11
C LEU D 572 -0.95 -28.16 30.01
N CYS D 573 -2.07 -28.81 30.34
CA CYS D 573 -2.88 -29.54 29.38
C CYS D 573 -4.22 -28.82 29.24
N ASN D 574 -4.70 -28.71 28.01
CA ASN D 574 -5.99 -28.10 27.74
C ASN D 574 -6.84 -29.09 26.95
N VAL D 575 -8.06 -29.28 27.41
CA VAL D 575 -9.10 -30.00 26.69
C VAL D 575 -10.13 -28.93 26.34
N VAL D 576 -10.26 -28.63 25.05
CA VAL D 576 -11.12 -27.52 24.66
C VAL D 576 -12.54 -28.06 24.53
N LYS D 577 -13.46 -27.42 25.27
CA LYS D 577 -14.85 -27.77 25.49
C LYS D 577 -15.27 -27.01 26.75
N PRO D 578 -16.58 -26.82 27.01
CA PRO D 578 -16.99 -26.08 28.21
C PRO D 578 -16.60 -26.73 29.54
C1 GOL E . 4.61 9.15 -8.26
C1 GOL E . 4.61 9.30 -8.32
O1 GOL E . 5.55 9.92 -8.94
O1 GOL E . 5.61 9.83 -9.14
C2 GOL E . 3.74 8.46 -9.33
C2 GOL E . 3.86 8.24 -9.16
O2 GOL E . 3.10 9.37 -10.16
O2 GOL E . 4.68 7.18 -9.51
C3 GOL E . 4.72 7.54 -10.10
C3 GOL E . 2.67 7.80 -8.27
O3 GOL E . 5.22 6.62 -9.18
O3 GOL E . 1.75 7.21 -9.12
C1 GOL F . 6.18 12.83 -3.89
O1 GOL F . 7.10 12.62 -4.91
C2 GOL F . 4.93 11.96 -4.21
O2 GOL F . 4.41 12.27 -5.46
C3 GOL F . 5.41 10.50 -4.11
O3 GOL F . 4.99 10.02 -2.88
C1 GOL G . 9.98 17.22 -45.48
O1 GOL G . 9.53 15.91 -45.57
C2 GOL G . 8.72 18.12 -45.39
O2 GOL G . 8.99 19.44 -45.72
C3 GOL G . 7.71 17.46 -46.34
O3 GOL G . 6.58 17.14 -45.59
C1 GOL H . 25.55 27.99 30.09
O1 GOL H . 25.91 29.25 30.58
C2 GOL H . 24.13 28.13 29.48
O2 GOL H . 23.45 29.22 29.99
C3 GOL H . 24.36 28.23 27.95
O3 GOL H . 23.10 28.28 27.37
C1 GOL I . 41.01 49.18 10.65
O1 GOL I . 40.86 50.41 11.28
C2 GOL I . 41.64 48.22 11.69
O2 GOL I . 41.63 46.90 11.25
C3 GOL I . 43.07 48.74 11.91
O3 GOL I . 43.70 47.85 12.77
C1 GOL J . 0.47 29.66 -42.27
O1 GOL J . 1.26 28.72 -41.60
C2 GOL J . -0.50 28.85 -43.17
O2 GOL J . -1.30 27.99 -42.43
C3 GOL J . -1.32 29.92 -43.93
O3 GOL J . -2.44 29.27 -44.44
C1 GOL K . 2.45 37.76 -12.70
O1 GOL K . 2.53 38.97 -13.40
C2 GOL K . 1.00 37.26 -12.85
O2 GOL K . 0.36 37.84 -13.93
C3 GOL K . 1.13 35.72 -13.01
O3 GOL K . -0.10 35.25 -13.46
C1 GOL L . -17.63 8.85 -63.76
O1 GOL L . -17.40 7.64 -64.41
C2 GOL L . -17.38 8.64 -62.25
O2 GOL L . -18.25 9.35 -61.45
C3 GOL L . -17.49 7.11 -62.02
O3 GOL L . -17.73 6.92 -60.65
C1 GOL M . 5.37 3.50 -11.47
O1 GOL M . 4.85 3.00 -12.66
C2 GOL M . 4.27 3.38 -10.38
O2 GOL M . 3.44 4.49 -10.35
C3 GOL M . 3.50 2.08 -10.73
O3 GOL M . 2.92 1.62 -9.55
C1 GOL N . 22.86 -16.87 -17.14
O1 GOL N . 22.59 -16.39 -15.85
C2 GOL N . 23.38 -15.68 -17.97
O2 GOL N . 24.58 -15.18 -17.47
C3 GOL N . 23.54 -16.23 -19.40
O3 GOL N . 22.37 -16.95 -19.70
C1 GOL O . 2.40 1.55 -32.77
O1 GOL O . 1.98 2.54 -31.89
C2 GOL O . 1.11 0.89 -33.34
O2 GOL O . 0.14 0.73 -32.36
C3 GOL O . 0.66 1.82 -34.48
O3 GOL O . -0.32 1.13 -35.19
C1 GOL P . -10.58 -50.44 24.74
O1 GOL P . -10.61 -50.17 23.38
C2 GOL P . -10.66 -51.98 24.89
O2 GOL P . -9.59 -52.63 24.31
C3 GOL P . -10.75 -52.23 26.41
O3 GOL P . -10.94 -53.60 26.58
C1 GOL Q . -5.44 -11.84 2.76
O1 GOL Q . -6.83 -11.83 2.58
C2 GOL Q . -4.94 -10.45 2.28
O2 GOL Q . -5.14 -10.26 0.93
C3 GOL Q . -5.74 -9.44 3.14
O3 GOL Q . -5.68 -9.89 4.46
C1 GOL R . -16.01 4.83 -23.09
O1 GOL R . -16.27 3.73 -23.89
C2 GOL R . -14.55 5.26 -23.31
O2 GOL R . -14.42 6.63 -23.38
C3 GOL R . -13.78 4.66 -22.10
O3 GOL R . -12.53 5.28 -22.08
C1 GOL S . -29.84 -0.99 -29.40
O1 GOL S . -29.34 0.03 -30.21
C2 GOL S . -29.41 -0.66 -27.96
O2 GOL S . -28.03 -0.58 -27.84
C3 GOL S . -30.00 -1.80 -27.10
O3 GOL S . -29.89 -1.41 -25.77
C1 GOL T . -6.38 -16.10 3.55
C1 GOL T . -5.27 -15.78 3.34
O1 GOL T . -5.40 -15.91 2.57
O1 GOL T . -5.41 -15.45 1.99
C2 GOL T . -5.98 -15.20 4.74
C2 GOL T . -6.69 -16.05 3.88
O2 GOL T . -7.01 -15.08 5.67
O2 GOL T . -6.81 -17.30 4.45
C3 GOL T . -4.73 -15.87 5.34
C3 GOL T . -6.94 -14.92 4.91
O3 GOL T . -3.65 -15.48 4.54
O3 GOL T . -6.58 -15.42 6.15
C1 GOL U . 1.43 -4.71 12.26
O1 GOL U . 2.07 -3.86 11.37
C2 GOL U . 0.82 -3.86 13.38
O2 GOL U . 1.75 -3.00 13.96
C3 GOL U . 0.23 -4.88 14.37
O3 GOL U . -0.24 -4.15 15.46
C1 GOL V . -11.07 13.57 22.94
O1 GOL V . -10.09 14.56 22.94
C2 GOL V . -10.99 12.84 24.30
O2 GOL V . -12.21 12.24 24.62
C3 GOL V . -9.86 11.80 24.14
O3 GOL V . -8.67 12.51 24.00
C1 GOL W . -4.65 -5.39 3.76
O1 GOL W . -4.72 -4.00 3.83
C2 GOL W . -3.17 -5.75 3.92
O2 GOL W . -2.78 -5.78 5.25
C3 GOL W . -3.04 -7.14 3.25
O3 GOL W . -1.80 -7.66 3.62
C1 GOL X . -40.14 20.65 13.22
O1 GOL X . -40.26 22.04 13.14
C2 GOL X . -40.30 20.12 11.79
O2 GOL X . -39.39 20.70 10.92
C3 GOL X . -40.08 18.59 11.93
O3 GOL X . -38.74 18.41 12.26
#